data_6VLD
#
_entry.id   6VLD
#
_cell.length_a   208.307
_cell.length_b   68.453
_cell.length_c   249.983
_cell.angle_alpha   90.000
_cell.angle_beta   111.210
_cell.angle_gamma   90.000
#
_symmetry.space_group_name_H-M   'C 1 2 1'
#
loop_
_entity.id
_entity.type
_entity.pdbx_description
1 polymer Alpha-(1,6)-fucosyltransferase
2 branched 2-acetamido-2-deoxy-beta-D-glucopyranose-(1-2)-alpha-D-mannopyranose-(1-3)-[2-acetamido-2-deoxy-beta-D-glucopyranose-(1-2)-alpha-D-mannopyranose-(1-6)]beta-D-mannopyranose-(1-4)-2-acetamido-2-deoxy-beta-D-glucopyranose-(1-4)-2-acetamido-2-deoxy-beta-D-glucopyranose
3 non-polymer ASPARAGINE
4 non-polymer "GUANOSINE-5'-DIPHOSPHATE"
5 non-polymer 'SULFATE ION'
6 water water
#
_entity_poly.entity_id   1
_entity_poly.type   'polypeptide(L)'
_entity_poly.pdbx_seq_one_letter_code
;RNGLGKDHEILRRRIENGAKELWFFLQSELKKLKNLEGNELQRHADEFLLDLGHHERSIMTDLYYLSQTDGAGDWREKEA
KDLTELVQRRITYLQNPKDCSKAKKLVCNINKGCGYGCQLHHVVYCFMIAYGTQRTLILESQNWRYATGGWETVFRPVSE
TCTDRSGISTGHWSGEVKDKNVQVVELPIVDSLHPRPPYLPLAVPEDLADRLVRVHGDPAVWWVSQFVKYLIRPQPWLEK
EIEEATKKLGFKHPVIGVHVRRTDKVGTEAAFHPIEEYMVHVEEHFQLLARRMQVDKKRVYLATDDPSLLKEAKTKYPNY
EFISDNSISWSAGLHNRYTENSLRGVILDIHFLSQADFLVCTFSSQVCRVAYEIMQTLHPDASANFHSLDDIYYFGGQNA
HNQIAIYAHQPRTADEIPMEPGDIIGVAGNHWDGYSKGVNRKLGRTGLYPSYKVREKIETVKYPTYPEAEKHHHHHHHHH
H
;
_entity_poly.pdbx_strand_id   A,B,G,H
#
loop_
_chem_comp.id
_chem_comp.type
_chem_comp.name
_chem_comp.formula
BMA D-saccharide, beta linking beta-D-mannopyranose 'C6 H12 O6'
GDP RNA linking GUANOSINE-5'-DIPHOSPHATE 'C10 H15 N5 O11 P2'
MAN D-saccharide, alpha linking alpha-D-mannopyranose 'C6 H12 O6'
NAG D-saccharide, beta linking 2-acetamido-2-deoxy-beta-D-glucopyranose 'C8 H15 N O6'
SO4 non-polymer 'SULFATE ION' 'O4 S -2'
#
# COMPACT_ATOMS: atom_id res chain seq x y z
N GLY A 3 -5.38 11.48 23.07
CA GLY A 3 -4.15 11.02 23.69
C GLY A 3 -2.90 11.61 23.07
N LEU A 4 -2.01 12.11 23.91
CA LEU A 4 -0.76 12.69 23.43
C LEU A 4 0.24 11.59 23.09
N GLY A 5 1.01 11.81 22.03
CA GLY A 5 2.03 10.86 21.64
C GLY A 5 3.32 11.04 22.42
N LYS A 6 4.00 9.91 22.66
CA LYS A 6 5.24 9.95 23.44
C LYS A 6 6.32 10.75 22.71
N ASP A 7 6.51 10.48 21.42
CA ASP A 7 7.51 11.21 20.65
C ASP A 7 7.18 12.69 20.56
N HIS A 8 5.88 13.01 20.45
CA HIS A 8 5.46 14.41 20.42
C HIS A 8 5.90 15.14 21.70
N GLU A 9 5.72 14.49 22.86
CA GLU A 9 6.06 15.14 24.12
C GLU A 9 7.57 15.22 24.31
N ILE A 10 8.29 14.17 23.93
CA ILE A 10 9.76 14.19 24.02
C ILE A 10 10.32 15.33 23.17
N LEU A 11 9.80 15.49 21.95
CA LEU A 11 10.32 16.51 21.06
C LEU A 11 9.94 17.91 21.52
N ARG A 12 8.72 18.09 22.02
CA ARG A 12 8.33 19.41 22.53
C ARG A 12 9.23 19.85 23.67
N ARG A 13 9.45 18.95 24.64
CA ARG A 13 10.29 19.30 25.77
C ARG A 13 11.75 19.51 25.35
N ARG A 14 12.21 18.76 24.35
CA ARG A 14 13.58 18.96 23.87
C ARG A 14 13.73 20.30 23.15
N ILE A 15 12.69 20.75 22.46
CA ILE A 15 12.72 22.08 21.84
C ILE A 15 12.75 23.15 22.91
N GLU A 16 11.96 22.98 23.98
CA GLU A 16 11.98 23.93 25.09
C GLU A 16 13.36 23.97 25.74
N ASN A 17 13.92 22.81 26.05
CA ASN A 17 15.23 22.77 26.69
C ASN A 17 16.33 23.26 25.75
N GLY A 18 16.20 23.01 24.45
CA GLY A 18 17.17 23.53 23.50
C GLY A 18 17.14 25.04 23.42
N ALA A 19 15.95 25.63 23.49
CA ALA A 19 15.85 27.08 23.50
C ALA A 19 16.37 27.66 24.81
N LYS A 20 16.05 27.01 25.93
CA LYS A 20 16.58 27.45 27.22
C LYS A 20 18.11 27.40 27.22
N GLU A 21 18.68 26.28 26.76
CA GLU A 21 20.14 26.16 26.72
C GLU A 21 20.75 27.18 25.77
N LEU A 22 20.12 27.41 24.62
CA LEU A 22 20.56 28.48 23.73
C LEU A 22 20.57 29.82 24.47
N TRP A 23 19.59 30.04 25.33
CA TRP A 23 19.52 31.31 26.07
C TRP A 23 20.59 31.38 27.15
N PHE A 24 20.84 30.27 27.85
CA PHE A 24 22.00 30.20 28.74
C PHE A 24 23.28 30.51 27.96
N PHE A 25 23.40 29.96 26.75
CA PHE A 25 24.59 30.14 25.93
C PHE A 25 24.75 31.59 25.48
N LEU A 26 23.64 32.24 25.10
CA LEU A 26 23.71 33.61 24.60
C LEU A 26 24.18 34.58 25.67
N GLN A 27 23.63 34.47 26.87
CA GLN A 27 23.99 35.40 27.95
C GLN A 27 25.45 35.23 28.35
N SER A 28 25.91 33.99 28.47
CA SER A 28 27.29 33.75 28.89
C SER A 28 28.30 34.27 27.87
N GLU A 29 28.06 33.98 26.59
CA GLU A 29 29.03 34.34 25.57
C GLU A 29 29.00 35.83 25.25
N LEU A 30 27.82 36.46 25.33
CA LEU A 30 27.76 37.89 25.06
C LEU A 30 28.44 38.70 26.15
N LYS A 31 28.37 38.24 27.40
CA LYS A 31 29.12 38.91 28.46
C LYS A 31 30.61 38.84 28.20
N LYS A 32 31.09 37.69 27.71
CA LYS A 32 32.51 37.56 27.38
C LYS A 32 32.89 38.45 26.21
N LEU A 33 32.01 38.59 25.23
CA LEU A 33 32.35 39.30 23.99
C LEU A 33 32.68 40.77 24.26
N LYS A 34 31.90 41.42 25.11
CA LYS A 34 32.14 42.84 25.39
C LYS A 34 33.35 43.09 26.28
N ASN A 35 34.11 42.05 26.62
CA ASN A 35 35.41 42.18 27.24
C ASN A 35 36.54 42.04 26.24
N LEU A 36 36.24 42.13 24.94
CA LEU A 36 37.21 41.92 23.88
C LEU A 36 37.21 43.10 22.92
N GLU A 37 38.24 43.15 22.08
CA GLU A 37 38.37 44.15 21.04
C GLU A 37 39.46 43.72 20.08
N GLY A 38 39.32 44.13 18.83
CA GLY A 38 40.36 43.86 17.84
C GLY A 38 40.25 42.45 17.29
N ASN A 39 41.39 41.76 17.21
CA ASN A 39 41.42 40.42 16.64
C ASN A 39 40.61 39.43 17.46
N GLU A 40 40.79 39.47 18.79
CA GLU A 40 40.10 38.52 19.66
C GLU A 40 38.59 38.67 19.57
N LEU A 41 38.10 39.91 19.50
CA LEU A 41 36.67 40.13 19.39
C LEU A 41 36.12 39.55 18.09
N GLN A 42 36.84 39.74 16.99
CA GLN A 42 36.42 39.17 15.72
C GLN A 42 36.55 37.66 15.72
N ARG A 43 37.61 37.14 16.33
CA ARG A 43 37.83 35.70 16.35
C ARG A 43 36.75 34.97 17.15
N HIS A 44 36.42 35.49 18.33
CA HIS A 44 35.46 34.79 19.19
C HIS A 44 34.03 34.94 18.67
N ALA A 45 33.69 36.13 18.15
CA ALA A 45 32.35 36.32 17.60
C ALA A 45 32.10 35.42 16.40
N ASP A 46 33.14 35.15 15.61
CA ASP A 46 32.99 34.22 14.49
C ASP A 46 32.76 32.79 14.98
N GLU A 47 33.50 32.36 15.99
CA GLU A 47 33.25 31.05 16.60
C GLU A 47 31.88 31.03 17.27
N PHE A 48 31.54 32.11 17.98
CA PHE A 48 30.22 32.25 18.58
C PHE A 48 29.12 32.03 17.53
N LEU A 49 29.26 32.69 16.37
CA LEU A 49 28.26 32.57 15.32
C LEU A 49 28.19 31.15 14.77
N LEU A 50 29.34 30.50 14.63
CA LEU A 50 29.36 29.13 14.11
C LEU A 50 28.65 28.18 15.08
N ASP A 51 28.96 28.29 16.37
CA ASP A 51 28.31 27.45 17.37
C ASP A 51 26.80 27.70 17.39
N LEU A 52 26.40 28.96 17.33
CA LEU A 52 24.96 29.28 17.34
C LEU A 52 24.25 28.66 16.15
N GLY A 53 24.91 28.60 15.00
CA GLY A 53 24.26 28.07 13.80
C GLY A 53 23.85 26.62 13.97
N HIS A 54 24.78 25.77 14.42
CA HIS A 54 24.46 24.37 14.65
C HIS A 54 23.40 24.20 15.73
N HIS A 55 23.52 24.96 16.82
CA HIS A 55 22.54 24.90 17.90
C HIS A 55 21.16 25.30 17.39
N GLU A 56 21.09 26.36 16.59
CA GLU A 56 19.80 26.80 16.05
C GLU A 56 19.21 25.77 15.10
N ARG A 57 20.06 25.09 14.33
CA ARG A 57 19.57 24.10 13.38
C ARG A 57 19.09 22.84 14.08
N SER A 58 19.70 22.47 15.21
CA SER A 58 19.19 21.35 15.98
C SER A 58 17.78 21.63 16.48
N ILE A 59 17.51 22.88 16.87
CA ILE A 59 16.17 23.26 17.29
C ILE A 59 15.21 23.19 16.11
N MET A 60 15.63 23.70 14.94
CA MET A 60 14.79 23.62 13.75
C MET A 60 14.56 22.17 13.33
N THR A 61 15.53 21.30 13.56
CA THR A 61 15.36 19.90 13.19
C THR A 61 14.33 19.21 14.08
N ASP A 62 14.37 19.50 15.39
CA ASP A 62 13.36 18.94 16.29
C ASP A 62 11.97 19.46 15.95
N LEU A 63 11.87 20.74 15.57
CA LEU A 63 10.58 21.28 15.15
C LEU A 63 10.07 20.59 13.90
N TYR A 64 10.98 20.24 12.98
CA TYR A 64 10.57 19.48 11.80
C TYR A 64 10.03 18.11 12.21
N TYR A 65 10.75 17.41 13.08
CA TYR A 65 10.29 16.11 13.56
C TYR A 65 8.96 16.25 14.29
N LEU A 66 8.77 17.35 15.01
CA LEU A 66 7.51 17.57 15.73
C LEU A 66 6.34 17.63 14.77
N SER A 67 6.52 18.26 13.60
CA SER A 67 5.43 18.40 12.64
C SER A 67 5.08 17.07 11.98
N GLN A 68 5.98 16.08 12.03
CA GLN A 68 5.73 14.80 11.39
C GLN A 68 5.26 13.72 12.36
N THR A 69 5.56 13.86 13.65
CA THR A 69 5.31 12.79 14.61
C THR A 69 3.81 12.59 14.81
N ASP A 70 3.48 11.45 15.44
CA ASP A 70 2.11 11.13 15.86
C ASP A 70 1.15 11.09 14.67
N GLY A 71 1.65 10.68 13.50
CA GLY A 71 0.83 10.61 12.31
C GLY A 71 0.43 11.94 11.73
N ALA A 72 1.05 13.03 12.17
CA ALA A 72 0.66 14.35 11.68
C ALA A 72 1.05 14.53 10.21
N GLY A 73 2.20 13.99 9.80
CA GLY A 73 2.62 14.13 8.42
C GLY A 73 1.64 13.49 7.45
N ASP A 74 1.18 12.28 7.77
CA ASP A 74 0.22 11.60 6.91
C ASP A 74 -1.12 12.32 6.88
N TRP A 75 -1.56 12.84 8.03
CA TRP A 75 -2.82 13.58 8.05
C TRP A 75 -2.73 14.86 7.21
N ARG A 76 -1.65 15.62 7.40
CA ARG A 76 -1.47 16.86 6.66
C ARG A 76 -1.40 16.59 5.16
N GLU A 77 -0.74 15.49 4.78
CA GLU A 77 -0.68 15.13 3.37
C GLU A 77 -2.06 14.76 2.83
N LYS A 78 -2.82 13.97 3.60
CA LYS A 78 -4.16 13.60 3.18
C LYS A 78 -5.07 14.83 3.08
N GLU A 79 -5.01 15.72 4.07
CA GLU A 79 -5.88 16.88 4.08
C GLU A 79 -5.54 17.84 2.95
N ALA A 80 -4.24 18.04 2.68
CA ALA A 80 -3.85 18.89 1.57
C ALA A 80 -4.28 18.31 0.24
N LYS A 81 -4.26 16.97 0.11
CA LYS A 81 -4.73 16.33 -1.11
C LYS A 81 -6.24 16.47 -1.26
N ASP A 82 -6.98 16.37 -0.15
CA ASP A 82 -8.44 16.52 -0.22
C ASP A 82 -8.83 17.95 -0.57
N LEU A 83 -8.13 18.94 -0.02
CA LEU A 83 -8.44 20.33 -0.33
C LEU A 83 -8.12 20.66 -1.79
N THR A 84 -6.99 20.16 -2.29
CA THR A 84 -6.62 20.44 -3.68
C THR A 84 -7.64 19.86 -4.65
N GLU A 85 -8.04 18.60 -4.42
CA GLU A 85 -9.04 17.98 -5.30
C GLU A 85 -10.39 18.66 -5.18
N LEU A 86 -10.72 19.20 -4.00
CA LEU A 86 -11.96 19.95 -3.84
C LEU A 86 -11.95 21.20 -4.71
N VAL A 87 -10.85 21.97 -4.67
CA VAL A 87 -10.77 23.20 -5.44
C VAL A 87 -10.69 22.91 -6.93
N GLN A 88 -9.89 21.91 -7.31
CA GLN A 88 -9.72 21.61 -8.73
C GLN A 88 -11.04 21.16 -9.36
N ARG A 89 -11.83 20.35 -8.64
CA ARG A 89 -13.12 19.93 -9.17
C ARG A 89 -14.06 21.13 -9.33
N ARG A 90 -14.00 22.09 -8.40
CA ARG A 90 -14.82 23.29 -8.53
C ARG A 90 -14.40 24.11 -9.74
N ILE A 91 -13.08 24.24 -9.97
CA ILE A 91 -12.59 25.00 -11.11
C ILE A 91 -12.97 24.30 -12.42
N THR A 92 -12.88 22.97 -12.44
CA THR A 92 -13.24 22.23 -13.66
C THR A 92 -14.73 22.34 -13.95
N TYR A 93 -15.57 22.22 -12.90
CA TYR A 93 -17.00 22.40 -13.08
C TYR A 93 -17.31 23.79 -13.62
N LEU A 94 -16.66 24.81 -13.07
CA LEU A 94 -16.87 26.18 -13.55
C LEU A 94 -16.48 26.31 -15.01
N GLN A 95 -15.38 25.67 -15.40
CA GLN A 95 -14.81 25.86 -16.73
C GLN A 95 -15.52 25.05 -17.82
N ASN A 96 -16.44 24.17 -17.46
CA ASN A 96 -17.10 23.30 -18.44
C ASN A 96 -18.61 23.27 -18.22
N PRO A 97 -19.30 24.38 -18.48
CA PRO A 97 -20.75 24.38 -18.39
C PRO A 97 -21.37 23.55 -19.50
N LYS A 98 -22.64 23.20 -19.29
CA LYS A 98 -23.33 22.33 -20.24
C LYS A 98 -23.66 23.06 -21.53
N ASP A 99 -24.08 24.32 -21.44
CA ASP A 99 -24.44 25.14 -22.60
C ASP A 99 -23.50 26.35 -22.62
N CYS A 100 -22.53 26.32 -23.53
CA CYS A 100 -21.56 27.42 -23.60
C CYS A 100 -22.21 28.70 -24.09
N SER A 101 -23.14 28.60 -25.04
CA SER A 101 -23.79 29.79 -25.59
C SER A 101 -24.64 30.53 -24.57
N LYS A 102 -24.96 29.92 -23.43
CA LYS A 102 -25.79 30.54 -22.41
C LYS A 102 -25.04 30.84 -21.12
N ALA A 103 -23.75 30.52 -21.05
CA ALA A 103 -23.00 30.62 -19.80
C ALA A 103 -22.43 32.02 -19.60
N LYS A 104 -22.48 32.48 -18.36
CA LYS A 104 -21.78 33.72 -17.99
C LYS A 104 -20.28 33.51 -18.14
N LYS A 105 -19.60 34.54 -18.63
CA LYS A 105 -18.20 34.39 -19.01
C LYS A 105 -17.41 35.62 -18.59
N LEU A 106 -16.09 35.42 -18.48
CA LEU A 106 -15.13 36.48 -18.23
C LEU A 106 -14.00 36.32 -19.23
N VAL A 107 -13.76 37.34 -20.03
CA VAL A 107 -12.75 37.29 -21.10
C VAL A 107 -11.47 37.94 -20.60
N CYS A 108 -10.36 37.24 -20.77
CA CYS A 108 -9.04 37.69 -20.33
C CYS A 108 -8.10 37.70 -21.51
N ASN A 109 -7.32 38.78 -21.64
CA ASN A 109 -6.37 38.94 -22.73
C ASN A 109 -4.96 38.75 -22.17
N ILE A 110 -4.24 37.76 -22.71
CA ILE A 110 -2.93 37.40 -22.17
C ILE A 110 -1.86 38.43 -22.52
N ASN A 111 -2.11 39.27 -23.52
CA ASN A 111 -1.07 40.15 -24.07
C ASN A 111 -0.88 41.40 -23.20
N LYS A 112 -0.57 41.17 -21.94
CA LYS A 112 -0.13 42.25 -21.07
C LYS A 112 1.31 42.61 -21.40
N GLY A 113 1.62 43.90 -21.34
CA GLY A 113 2.95 44.36 -21.71
C GLY A 113 4.01 44.05 -20.67
N CYS A 114 4.40 42.79 -20.56
CA CYS A 114 5.41 42.35 -19.60
C CYS A 114 5.83 40.93 -19.96
N GLY A 115 6.56 40.28 -19.05
CA GLY A 115 7.11 38.96 -19.28
C GLY A 115 6.15 37.84 -18.91
N TYR A 116 6.68 36.61 -19.01
CA TYR A 116 5.84 35.42 -18.87
C TYR A 116 5.22 35.33 -17.48
N GLY A 117 6.04 35.43 -16.43
CA GLY A 117 5.51 35.36 -15.08
C GLY A 117 4.48 36.44 -14.80
N CYS A 118 4.75 37.66 -15.26
CA CYS A 118 3.78 38.74 -15.10
C CYS A 118 2.51 38.45 -15.89
N GLN A 119 2.64 37.87 -17.09
CA GLN A 119 1.47 37.52 -17.87
C GLN A 119 0.71 36.36 -17.25
N LEU A 120 1.43 35.36 -16.73
CA LEU A 120 0.77 34.24 -16.07
C LEU A 120 -0.01 34.71 -14.84
N HIS A 121 0.55 35.65 -14.09
CA HIS A 121 -0.17 36.17 -12.92
C HIS A 121 -1.37 37.01 -13.33
N HIS A 122 -1.32 37.65 -14.50
CA HIS A 122 -2.50 38.33 -15.02
C HIS A 122 -3.63 37.35 -15.27
N VAL A 123 -3.31 36.21 -15.91
CA VAL A 123 -4.32 35.18 -16.15
C VAL A 123 -4.85 34.63 -14.82
N VAL A 124 -3.97 34.43 -13.85
CA VAL A 124 -4.39 33.96 -12.54
C VAL A 124 -5.39 34.93 -11.92
N TYR A 125 -5.07 36.23 -11.97
CA TYR A 125 -5.97 37.24 -11.43
C TYR A 125 -7.32 37.24 -12.16
N CYS A 126 -7.29 37.08 -13.48
CA CYS A 126 -8.52 36.87 -14.23
C CYS A 126 -9.27 35.65 -13.72
N PHE A 127 -8.55 34.54 -13.55
CA PHE A 127 -9.18 33.27 -13.18
C PHE A 127 -9.85 33.35 -11.81
N MET A 128 -9.18 33.98 -10.84
CA MET A 128 -9.72 34.07 -9.50
C MET A 128 -10.96 34.94 -9.45
N ILE A 129 -11.00 36.01 -10.24
CA ILE A 129 -12.20 36.84 -10.32
C ILE A 129 -13.31 36.09 -11.05
N ALA A 130 -12.95 35.32 -12.09
CA ALA A 130 -13.94 34.48 -12.75
C ALA A 130 -14.53 33.47 -11.78
N TYR A 131 -13.69 32.85 -10.96
CA TYR A 131 -14.17 31.95 -9.91
C TYR A 131 -15.04 32.68 -8.92
N GLY A 132 -14.64 33.88 -8.52
CA GLY A 132 -15.41 34.63 -7.53
C GLY A 132 -16.78 35.04 -8.02
N THR A 133 -16.95 35.21 -9.33
CA THR A 133 -18.20 35.69 -9.90
C THR A 133 -18.98 34.62 -10.65
N GLN A 134 -18.55 33.35 -10.57
CA GLN A 134 -19.21 32.25 -11.26
C GLN A 134 -19.30 32.49 -12.76
N ARG A 135 -18.22 33.01 -13.34
CA ARG A 135 -18.11 33.22 -14.78
C ARG A 135 -17.02 32.31 -15.33
N THR A 136 -17.32 31.68 -16.46
CA THR A 136 -16.33 30.81 -17.11
C THR A 136 -15.21 31.64 -17.70
N LEU A 137 -13.97 31.33 -17.32
CA LEU A 137 -12.82 32.06 -17.84
C LEU A 137 -12.62 31.73 -19.31
N ILE A 138 -12.68 32.75 -20.17
CA ILE A 138 -12.33 32.62 -21.58
C ILE A 138 -11.00 33.31 -21.77
N LEU A 139 -9.98 32.54 -22.17
CA LEU A 139 -8.63 33.05 -22.32
C LEU A 139 -8.37 33.32 -23.81
N GLU A 140 -8.12 34.59 -24.14
CA GLU A 140 -7.78 35.00 -25.50
C GLU A 140 -6.26 35.19 -25.58
N SER A 141 -5.60 34.30 -26.31
CA SER A 141 -4.14 34.25 -26.31
C SER A 141 -3.52 34.36 -27.69
N GLN A 142 -4.32 34.58 -28.75
CA GLN A 142 -3.75 34.77 -30.07
C GLN A 142 -2.90 36.04 -30.10
N ASN A 143 -1.82 35.98 -30.89
CA ASN A 143 -0.78 37.00 -30.95
C ASN A 143 0.01 37.12 -29.65
N TRP A 144 0.01 36.06 -28.84
CA TRP A 144 0.86 36.00 -27.65
C TRP A 144 2.31 36.20 -28.04
N ARG A 145 2.98 37.15 -27.37
CA ARG A 145 4.34 37.51 -27.77
C ARG A 145 5.31 36.35 -27.64
N TYR A 146 5.02 35.39 -26.75
CA TYR A 146 5.88 34.22 -26.61
C TYR A 146 5.56 33.15 -27.65
N ALA A 147 4.32 33.07 -28.12
CA ALA A 147 3.93 32.09 -29.13
C ALA A 147 2.71 32.62 -29.85
N THR A 148 2.87 32.96 -31.14
CA THR A 148 1.77 33.56 -31.88
C THR A 148 0.54 32.66 -31.93
N GLY A 149 0.74 31.35 -31.88
CA GLY A 149 -0.37 30.40 -31.87
C GLY A 149 -1.14 30.35 -30.58
N GLY A 150 -0.64 30.97 -29.52
CA GLY A 150 -1.41 31.16 -28.31
C GLY A 150 -1.14 30.14 -27.22
N TRP A 151 -2.12 30.05 -26.32
CA TRP A 151 -1.98 29.27 -25.08
C TRP A 151 -1.74 27.79 -25.37
N GLU A 152 -2.45 27.23 -26.35
CA GLU A 152 -2.34 25.80 -26.62
C GLU A 152 -1.01 25.39 -27.25
N THR A 153 -0.11 26.34 -27.49
CA THR A 153 1.24 25.98 -27.95
C THR A 153 1.97 25.15 -26.92
N VAL A 154 1.70 25.37 -25.63
CA VAL A 154 2.45 24.72 -24.56
C VAL A 154 1.52 24.10 -23.53
N PHE A 155 0.35 24.70 -23.32
CA PHE A 155 -0.54 24.30 -22.23
C PHE A 155 -1.88 23.85 -22.78
N ARG A 156 -2.56 23.01 -22.00
CA ARG A 156 -3.90 22.58 -22.35
C ARG A 156 -4.88 23.75 -22.27
N PRO A 157 -5.94 23.74 -23.06
CA PRO A 157 -6.92 24.83 -23.00
C PRO A 157 -7.61 24.88 -21.63
N VAL A 158 -7.91 26.09 -21.19
CA VAL A 158 -8.51 26.30 -19.87
C VAL A 158 -9.92 25.74 -19.77
N SER A 159 -10.49 25.28 -20.88
CA SER A 159 -11.79 24.63 -20.86
C SER A 159 -11.82 23.57 -21.95
N GLU A 160 -12.70 22.58 -21.76
CA GLU A 160 -12.93 21.56 -22.77
C GLU A 160 -14.21 21.77 -23.55
N THR A 161 -15.22 22.41 -22.96
CA THR A 161 -16.51 22.60 -23.60
C THR A 161 -16.83 24.03 -23.97
N CYS A 162 -16.14 25.02 -23.39
CA CYS A 162 -16.54 26.43 -23.53
C CYS A 162 -15.28 27.30 -23.65
N THR A 163 -14.80 27.47 -24.88
CA THR A 163 -13.74 28.42 -25.18
C THR A 163 -14.22 29.54 -26.09
N ASP A 164 -15.52 29.59 -26.38
CA ASP A 164 -16.10 30.57 -27.28
C ASP A 164 -16.70 31.72 -26.49
N ARG A 165 -16.63 32.92 -27.06
CA ARG A 165 -17.01 34.15 -26.38
C ARG A 165 -18.46 34.54 -26.58
N SER A 166 -19.28 33.68 -27.19
CA SER A 166 -20.63 34.08 -27.55
C SER A 166 -21.46 34.42 -26.33
N GLY A 167 -22.37 35.37 -26.50
CA GLY A 167 -23.23 35.80 -25.42
C GLY A 167 -24.25 36.80 -25.95
N ILE A 168 -25.36 36.90 -25.22
CA ILE A 168 -26.42 37.82 -25.62
C ILE A 168 -26.06 39.27 -25.31
N SER A 169 -25.16 39.50 -24.36
CA SER A 169 -24.75 40.86 -24.00
C SER A 169 -23.30 40.83 -23.57
N THR A 170 -22.57 41.89 -23.92
CA THR A 170 -21.15 42.00 -23.63
C THR A 170 -20.85 43.42 -23.15
N GLY A 171 -19.83 43.55 -22.30
CA GLY A 171 -19.41 44.85 -21.83
C GLY A 171 -18.15 44.74 -21.00
N HIS A 172 -17.50 45.89 -20.81
CA HIS A 172 -16.31 45.94 -19.97
C HIS A 172 -16.69 45.80 -18.50
N TRP A 173 -15.72 45.36 -17.71
CA TRP A 173 -15.93 45.23 -16.27
C TRP A 173 -16.31 46.56 -15.66
N SER A 174 -17.37 46.57 -14.85
CA SER A 174 -17.77 47.76 -14.13
C SER A 174 -18.39 47.43 -12.78
N GLY A 175 -18.05 46.27 -12.23
CA GLY A 175 -18.56 45.86 -10.94
C GLY A 175 -19.48 44.65 -11.06
N GLU A 176 -19.43 43.78 -10.05
CA GLU A 176 -20.23 42.56 -10.09
C GLU A 176 -21.71 42.85 -10.05
N VAL A 177 -22.14 43.88 -9.33
CA VAL A 177 -23.56 44.19 -9.25
C VAL A 177 -24.04 44.86 -10.53
N LYS A 178 -23.26 45.79 -11.08
CA LYS A 178 -23.68 46.47 -12.31
C LYS A 178 -23.63 45.51 -13.49
N ASP A 179 -22.64 44.62 -13.53
CA ASP A 179 -22.53 43.62 -14.59
C ASP A 179 -23.32 42.35 -14.28
N LYS A 180 -24.32 42.45 -13.39
CA LYS A 180 -25.07 41.26 -12.97
C LYS A 180 -25.76 40.59 -14.15
N ASN A 181 -26.22 41.38 -15.13
CA ASN A 181 -26.94 40.85 -16.27
C ASN A 181 -26.17 40.99 -17.58
N VAL A 182 -24.85 41.12 -17.51
CA VAL A 182 -24.00 41.11 -18.69
C VAL A 182 -23.39 39.71 -18.79
N GLN A 183 -23.74 38.99 -19.86
CA GLN A 183 -23.30 37.59 -19.97
C GLN A 183 -21.80 37.50 -20.15
N VAL A 184 -21.23 38.32 -21.03
CA VAL A 184 -19.81 38.26 -21.35
C VAL A 184 -19.18 39.56 -20.87
N VAL A 185 -18.38 39.49 -19.81
CA VAL A 185 -17.70 40.63 -19.23
C VAL A 185 -16.21 40.53 -19.56
N GLU A 186 -15.67 41.58 -20.16
CA GLU A 186 -14.25 41.65 -20.48
C GLU A 186 -13.51 42.30 -19.32
N LEU A 187 -12.48 41.61 -18.82
CA LEU A 187 -11.75 42.13 -17.67
C LEU A 187 -10.41 42.70 -18.10
N PRO A 188 -10.10 43.94 -17.74
CA PRO A 188 -8.78 44.50 -18.09
C PRO A 188 -7.72 44.05 -17.10
N ILE A 189 -6.52 44.62 -17.22
CA ILE A 189 -5.46 44.31 -16.26
C ILE A 189 -5.81 44.89 -14.89
N VAL A 190 -5.17 44.35 -13.85
CA VAL A 190 -5.46 44.76 -12.49
C VAL A 190 -4.93 46.15 -12.19
N ASP A 191 -3.95 46.64 -12.94
CA ASP A 191 -3.24 47.85 -12.58
C ASP A 191 -4.13 49.08 -12.52
N SER A 192 -5.25 49.08 -13.26
CA SER A 192 -6.18 50.21 -13.21
C SER A 192 -7.63 49.73 -13.14
N LEU A 193 -7.85 48.57 -12.53
CA LEU A 193 -9.20 48.02 -12.43
C LEU A 193 -10.05 48.85 -11.48
N HIS A 194 -11.24 49.22 -11.92
CA HIS A 194 -12.23 49.90 -11.09
C HIS A 194 -13.59 49.36 -11.51
N PRO A 195 -14.43 48.90 -10.57
CA PRO A 195 -14.09 48.75 -9.15
C PRO A 195 -13.43 47.41 -8.85
N ARG A 196 -12.54 47.39 -7.87
CA ARG A 196 -11.89 46.15 -7.49
C ARG A 196 -12.87 45.25 -6.75
N PRO A 197 -13.12 44.03 -7.22
CA PRO A 197 -13.94 43.09 -6.46
C PRO A 197 -13.16 42.52 -5.30
N PRO A 198 -13.81 41.81 -4.37
CA PRO A 198 -13.08 41.22 -3.24
C PRO A 198 -12.31 39.96 -3.57
N TYR A 199 -12.49 39.39 -4.76
CA TYR A 199 -11.88 38.10 -5.11
C TYR A 199 -10.44 38.31 -5.59
N LEU A 200 -9.62 38.83 -4.69
CA LEU A 200 -8.23 39.15 -4.96
C LEU A 200 -7.35 38.64 -3.82
N PRO A 201 -6.09 38.30 -4.10
CA PRO A 201 -5.13 38.04 -3.02
C PRO A 201 -5.00 39.28 -2.14
N LEU A 202 -4.58 39.07 -0.88
CA LEU A 202 -4.13 37.78 -0.37
C LEU A 202 -5.20 37.01 0.39
N ALA A 203 -6.46 37.36 0.15
CA ALA A 203 -7.55 36.71 0.84
C ALA A 203 -7.76 35.29 0.34
N VAL A 204 -8.41 34.47 1.16
CA VAL A 204 -8.74 33.10 0.82
C VAL A 204 -10.24 32.94 0.98
N PRO A 205 -10.84 31.90 0.40
CA PRO A 205 -12.27 31.67 0.62
C PRO A 205 -12.56 31.30 2.07
N GLU A 206 -13.61 31.92 2.62
CA GLU A 206 -13.92 31.71 4.03
C GLU A 206 -14.40 30.29 4.30
N ASP A 207 -15.00 29.63 3.31
CA ASP A 207 -15.44 28.26 3.49
C ASP A 207 -14.28 27.28 3.54
N LEU A 208 -13.09 27.69 3.10
CA LEU A 208 -11.90 26.86 3.17
C LEU A 208 -10.87 27.36 4.18
N ALA A 209 -11.12 28.50 4.82
CA ALA A 209 -10.08 29.16 5.61
C ALA A 209 -9.66 28.33 6.82
N ASP A 210 -10.63 27.79 7.55
CA ASP A 210 -10.29 27.03 8.76
C ASP A 210 -9.43 25.82 8.44
N ARG A 211 -9.76 25.12 7.34
CA ARG A 211 -8.95 23.96 6.96
C ARG A 211 -7.59 24.38 6.43
N LEU A 212 -7.49 25.56 5.81
CA LEU A 212 -6.23 25.99 5.21
C LEU A 212 -5.23 26.39 6.28
N VAL A 213 -5.62 27.26 7.21
CA VAL A 213 -4.69 27.69 8.26
C VAL A 213 -4.23 26.49 9.09
N ARG A 214 -5.07 25.47 9.22
CA ARG A 214 -4.67 24.28 9.96
C ARG A 214 -3.64 23.45 9.20
N VAL A 215 -3.67 23.49 7.87
CA VAL A 215 -2.84 22.60 7.06
C VAL A 215 -1.65 23.33 6.47
N HIS A 216 -1.78 24.64 6.25
CA HIS A 216 -0.81 25.38 5.44
C HIS A 216 -0.38 26.65 6.15
N GLY A 217 0.90 26.99 6.03
CA GLY A 217 1.48 28.13 6.73
C GLY A 217 1.28 29.47 6.08
N ASP A 218 0.80 29.51 4.85
CA ASP A 218 0.47 30.77 4.17
C ASP A 218 -0.67 30.50 3.20
N PRO A 219 -1.90 30.45 3.70
CA PRO A 219 -3.04 30.08 2.84
C PRO A 219 -3.20 30.97 1.62
N ALA A 220 -2.70 32.21 1.67
CA ALA A 220 -2.79 33.09 0.52
C ALA A 220 -2.12 32.47 -0.70
N VAL A 221 -0.87 32.02 -0.55
CA VAL A 221 -0.14 31.46 -1.68
C VAL A 221 -0.80 30.16 -2.13
N TRP A 222 -1.30 29.36 -1.19
CA TRP A 222 -1.96 28.12 -1.55
C TRP A 222 -3.17 28.37 -2.43
N TRP A 223 -3.96 29.40 -2.10
CA TRP A 223 -5.13 29.72 -2.91
C TRP A 223 -4.73 30.19 -4.30
N VAL A 224 -3.67 31.01 -4.40
CA VAL A 224 -3.18 31.43 -5.71
C VAL A 224 -2.68 30.24 -6.50
N SER A 225 -2.01 29.29 -5.84
CA SER A 225 -1.40 28.17 -6.53
C SER A 225 -2.43 27.25 -7.17
N GLN A 226 -3.65 27.21 -6.63
CA GLN A 226 -4.67 26.34 -7.19
C GLN A 226 -5.02 26.75 -8.62
N PHE A 227 -5.02 28.04 -8.91
CA PHE A 227 -5.30 28.50 -10.26
C PHE A 227 -4.07 28.35 -11.14
N VAL A 228 -2.87 28.57 -10.59
CA VAL A 228 -1.64 28.25 -11.32
C VAL A 228 -1.62 26.77 -11.68
N LYS A 229 -2.01 25.91 -10.74
CA LYS A 229 -2.00 24.47 -10.98
C LYS A 229 -2.92 24.10 -12.14
N TYR A 230 -4.14 24.64 -12.15
CA TYR A 230 -5.07 24.34 -13.24
C TYR A 230 -4.57 24.88 -14.57
N LEU A 231 -3.86 26.02 -14.56
CA LEU A 231 -3.51 26.68 -15.81
C LEU A 231 -2.42 25.92 -16.56
N ILE A 232 -1.40 25.44 -15.86
CA ILE A 232 -0.18 24.99 -16.52
C ILE A 232 -0.20 23.48 -16.75
N ARG A 233 -1.38 22.89 -16.88
CA ARG A 233 -1.50 21.50 -17.33
C ARG A 233 -0.86 21.40 -18.71
N PRO A 234 0.29 20.74 -18.84
CA PRO A 234 1.08 20.84 -20.08
C PRO A 234 0.52 19.97 -21.19
N GLN A 235 0.78 20.41 -22.41
CA GLN A 235 0.47 19.60 -23.58
C GLN A 235 1.37 18.37 -23.60
N PRO A 236 0.94 17.29 -24.28
CA PRO A 236 1.74 16.06 -24.27
C PRO A 236 3.18 16.25 -24.73
N TRP A 237 3.41 17.06 -25.77
CA TRP A 237 4.77 17.26 -26.23
C TRP A 237 5.63 17.93 -25.16
N LEU A 238 5.03 18.82 -24.36
CA LEU A 238 5.79 19.51 -23.32
C LEU A 238 6.09 18.61 -22.14
N GLU A 239 5.14 17.75 -21.77
CA GLU A 239 5.38 16.76 -20.72
C GLU A 239 6.61 15.92 -21.04
N LYS A 240 6.75 15.51 -22.30
CA LYS A 240 7.88 14.66 -22.69
C LYS A 240 9.19 15.44 -22.65
N GLU A 241 9.15 16.72 -23.02
CA GLU A 241 10.33 17.56 -22.89
C GLU A 241 10.77 17.68 -21.43
N ILE A 242 9.82 17.94 -20.54
CA ILE A 242 10.12 18.00 -19.11
C ILE A 242 10.67 16.67 -18.62
N GLU A 243 10.04 15.57 -19.03
CA GLU A 243 10.51 14.24 -18.67
C GLU A 243 11.93 14.02 -19.16
N GLU A 244 12.20 14.35 -20.43
CA GLU A 244 13.52 14.17 -21.00
C GLU A 244 14.55 15.06 -20.31
N ALA A 245 14.18 16.31 -20.04
CA ALA A 245 15.12 17.25 -19.41
C ALA A 245 15.50 16.78 -18.02
N THR A 246 14.53 16.24 -17.27
CA THR A 246 14.83 15.72 -15.93
C THR A 246 15.94 14.68 -15.97
N LYS A 247 15.93 13.82 -17.00
CA LYS A 247 16.97 12.80 -17.12
C LYS A 247 18.30 13.42 -17.52
N LYS A 248 18.32 14.21 -18.60
CA LYS A 248 19.57 14.74 -19.11
C LYS A 248 20.22 15.72 -18.14
N LEU A 249 19.42 16.37 -17.28
CA LEU A 249 19.96 17.29 -16.30
C LEU A 249 20.47 16.61 -15.04
N GLY A 250 20.16 15.34 -14.84
CA GLY A 250 20.51 14.68 -13.59
C GLY A 250 19.81 15.29 -12.40
N PHE A 251 18.54 15.68 -12.58
CA PHE A 251 17.77 16.37 -11.55
C PHE A 251 17.23 15.33 -10.57
N LYS A 252 17.87 15.22 -9.41
CA LYS A 252 17.41 14.34 -8.35
C LYS A 252 17.56 15.05 -7.01
N HIS A 253 16.86 14.53 -6.00
CA HIS A 253 16.79 15.15 -4.69
C HIS A 253 17.80 14.55 -3.73
N PRO A 254 18.28 15.31 -2.73
CA PRO A 254 17.92 16.70 -2.45
C PRO A 254 18.56 17.71 -3.40
N VAL A 255 17.81 18.76 -3.74
CA VAL A 255 18.29 19.80 -4.65
C VAL A 255 17.65 21.12 -4.27
N ILE A 256 18.46 22.18 -4.29
CA ILE A 256 18.02 23.53 -3.95
C ILE A 256 17.98 24.36 -5.21
N GLY A 257 16.89 25.10 -5.41
CA GLY A 257 16.71 25.93 -6.59
C GLY A 257 17.16 27.35 -6.32
N VAL A 258 17.92 27.89 -7.27
CA VAL A 258 18.46 29.25 -7.18
C VAL A 258 18.11 29.98 -8.48
N HIS A 259 17.42 31.10 -8.33
CA HIS A 259 17.04 31.96 -9.48
C HIS A 259 17.76 33.30 -9.34
N VAL A 260 18.64 33.60 -10.25
CA VAL A 260 19.41 34.85 -10.24
C VAL A 260 18.89 35.70 -11.37
N ARG A 261 18.03 36.66 -11.05
CA ARG A 261 17.41 37.54 -12.03
C ARG A 261 18.27 38.77 -12.23
N ARG A 262 18.66 39.05 -13.47
CA ARG A 262 19.49 40.22 -13.77
C ARG A 262 19.01 40.89 -15.06
N THR A 263 19.94 41.24 -15.94
CA THR A 263 19.66 41.97 -17.18
C THR A 263 18.78 43.19 -16.93
N ASP A 264 17.59 43.21 -17.52
CA ASP A 264 16.74 44.39 -17.49
C ASP A 264 16.03 44.60 -16.17
N LYS A 265 16.17 43.67 -15.21
CA LYS A 265 15.55 43.85 -13.91
C LYS A 265 16.39 44.75 -13.00
N VAL A 266 17.72 44.71 -13.16
CA VAL A 266 18.63 45.44 -12.28
C VAL A 266 18.37 46.94 -12.32
N GLY A 267 17.85 47.44 -13.43
CA GLY A 267 17.58 48.86 -13.58
C GLY A 267 16.74 49.47 -12.48
N THR A 268 15.44 49.13 -12.45
CA THR A 268 14.52 49.84 -11.57
C THR A 268 13.74 48.91 -10.65
N GLU A 269 13.44 47.70 -11.11
CA GLU A 269 12.56 46.80 -10.36
C GLU A 269 13.28 46.00 -9.29
N ALA A 270 14.60 45.87 -9.38
CA ALA A 270 15.36 45.13 -8.36
C ALA A 270 16.82 45.56 -8.46
N ALA A 271 17.67 44.95 -7.64
CA ALA A 271 19.08 45.26 -7.57
C ALA A 271 19.90 44.06 -8.04
N PHE A 272 21.19 44.32 -8.28
CA PHE A 272 22.14 43.27 -8.60
C PHE A 272 22.57 42.58 -7.31
N HIS A 273 22.59 41.26 -7.33
CA HIS A 273 23.00 40.49 -6.16
C HIS A 273 24.12 39.53 -6.56
N PRO A 274 25.26 39.55 -5.88
CA PRO A 274 26.33 38.61 -6.20
C PRO A 274 25.88 37.18 -5.90
N ILE A 275 26.55 36.23 -6.56
CA ILE A 275 26.22 34.82 -6.34
C ILE A 275 26.47 34.43 -4.90
N GLU A 276 27.38 35.12 -4.21
CA GLU A 276 27.67 34.81 -2.82
C GLU A 276 26.45 35.04 -1.93
N GLU A 277 25.67 36.08 -2.23
CA GLU A 277 24.48 36.36 -1.43
C GLU A 277 23.45 35.24 -1.53
N TYR A 278 23.35 34.60 -2.70
CA TYR A 278 22.45 33.45 -2.83
C TYR A 278 23.02 32.23 -2.12
N MET A 279 24.32 31.98 -2.29
CA MET A 279 24.90 30.70 -1.86
C MET A 279 25.04 30.58 -0.35
N VAL A 280 25.04 31.69 0.39
CA VAL A 280 25.11 31.59 1.84
C VAL A 280 23.87 30.90 2.38
N HIS A 281 22.70 31.21 1.81
CA HIS A 281 21.47 30.55 2.22
C HIS A 281 21.35 29.15 1.66
N VAL A 282 21.94 28.91 0.49
CA VAL A 282 21.99 27.54 -0.05
C VAL A 282 22.82 26.65 0.86
N GLU A 283 24.01 27.12 1.24
CA GLU A 283 24.87 26.36 2.14
C GLU A 283 24.20 26.13 3.49
N GLU A 284 23.55 27.17 4.03
CA GLU A 284 22.92 27.05 5.34
C GLU A 284 21.81 26.00 5.32
N HIS A 285 21.03 25.95 4.25
CA HIS A 285 19.92 24.99 4.21
C HIS A 285 20.40 23.56 4.00
N PHE A 286 21.51 23.38 3.27
CA PHE A 286 22.06 22.04 3.13
C PHE A 286 22.61 21.53 4.45
N GLN A 287 23.14 22.43 5.29
CA GLN A 287 23.54 22.03 6.63
C GLN A 287 22.33 21.56 7.44
N LEU A 288 21.19 22.24 7.28
CA LEU A 288 19.98 21.82 7.97
C LEU A 288 19.52 20.45 7.50
N LEU A 289 19.50 20.24 6.19
CA LEU A 289 19.06 18.95 5.65
C LEU A 289 19.98 17.82 6.08
N ALA A 290 21.29 18.09 6.18
CA ALA A 290 22.24 17.08 6.60
C ALA A 290 22.00 16.59 8.03
N ARG A 291 21.17 17.29 8.80
CA ARG A 291 20.82 16.84 10.15
C ARG A 291 19.71 15.79 10.14
N ARG A 292 18.92 15.72 9.08
CA ARG A 292 17.80 14.80 9.03
C ARG A 292 17.91 13.78 7.90
N MET A 293 18.93 13.88 7.05
CA MET A 293 19.05 12.97 5.91
C MET A 293 20.51 12.96 5.46
N GLN A 294 20.85 11.92 4.71
CA GLN A 294 22.17 11.82 4.10
C GLN A 294 22.23 12.69 2.85
N VAL A 295 23.24 13.56 2.79
CA VAL A 295 23.45 14.47 1.66
C VAL A 295 24.88 14.29 1.20
N ASP A 296 25.09 13.46 0.17
CA ASP A 296 26.43 13.23 -0.34
C ASP A 296 26.83 14.22 -1.43
N LYS A 297 25.88 14.65 -2.27
CA LYS A 297 26.14 15.65 -3.29
C LYS A 297 25.16 16.80 -3.11
N LYS A 298 25.69 18.01 -2.97
CA LYS A 298 24.88 19.21 -2.80
C LYS A 298 24.55 19.76 -4.18
N ARG A 299 23.34 19.49 -4.64
CA ARG A 299 22.90 19.87 -5.98
C ARG A 299 22.17 21.19 -5.95
N VAL A 300 22.45 22.03 -6.95
CA VAL A 300 21.83 23.35 -7.09
C VAL A 300 21.34 23.49 -8.51
N TYR A 301 20.04 23.65 -8.69
CA TYR A 301 19.50 24.00 -9.99
C TYR A 301 19.57 25.51 -10.14
N LEU A 302 20.39 25.99 -11.07
CA LEU A 302 20.60 27.41 -11.28
C LEU A 302 19.82 27.86 -12.51
N ALA A 303 18.80 28.68 -12.29
CA ALA A 303 18.07 29.35 -13.37
C ALA A 303 18.47 30.82 -13.35
N THR A 304 18.89 31.32 -14.52
CA THR A 304 19.38 32.70 -14.58
C THR A 304 19.30 33.20 -16.01
N ASP A 305 19.24 34.52 -16.15
CA ASP A 305 19.32 35.17 -17.45
C ASP A 305 20.69 35.77 -17.71
N ASP A 306 21.69 35.37 -16.92
CA ASP A 306 23.09 35.74 -17.14
C ASP A 306 23.85 34.49 -17.54
N PRO A 307 24.11 34.27 -18.83
CA PRO A 307 24.77 33.01 -19.25
C PRO A 307 26.20 32.87 -18.78
N SER A 308 26.80 33.92 -18.22
CA SER A 308 28.15 33.85 -17.70
C SER A 308 28.21 33.42 -16.23
N LEU A 309 27.05 33.24 -15.59
CA LEU A 309 27.04 32.94 -14.15
C LEU A 309 27.39 31.49 -13.86
N LEU A 310 27.06 30.57 -14.75
CA LEU A 310 27.28 29.16 -14.48
C LEU A 310 28.77 28.85 -14.31
N LYS A 311 29.60 29.32 -15.25
CA LYS A 311 31.04 29.12 -15.13
C LYS A 311 31.58 29.75 -13.86
N GLU A 312 31.03 30.90 -13.47
CA GLU A 312 31.50 31.58 -12.26
C GLU A 312 31.14 30.80 -11.01
N ALA A 313 29.93 30.24 -10.96
CA ALA A 313 29.49 29.53 -9.76
C ALA A 313 30.24 28.21 -9.58
N LYS A 314 30.44 27.46 -10.68
CA LYS A 314 31.18 26.21 -10.60
C LYS A 314 32.58 26.42 -10.04
N THR A 315 33.23 27.52 -10.43
CA THR A 315 34.60 27.77 -9.99
C THR A 315 34.65 28.16 -8.52
N LYS A 316 33.75 29.05 -8.09
CA LYS A 316 33.81 29.57 -6.73
C LYS A 316 33.21 28.63 -5.70
N TYR A 317 32.43 27.63 -6.13
CA TYR A 317 31.83 26.65 -5.23
C TYR A 317 32.06 25.25 -5.79
N PRO A 318 33.31 24.79 -5.76
CA PRO A 318 33.63 23.52 -6.46
C PRO A 318 33.02 22.28 -5.81
N ASN A 319 32.65 22.35 -4.54
CA ASN A 319 32.05 21.19 -3.87
C ASN A 319 30.57 21.07 -4.13
N TYR A 320 29.98 21.95 -4.93
CA TYR A 320 28.59 21.87 -5.32
C TYR A 320 28.47 21.35 -6.74
N GLU A 321 27.35 20.67 -7.01
CA GLU A 321 27.00 20.21 -8.35
C GLU A 321 25.91 21.12 -8.89
N PHE A 322 26.26 21.95 -9.86
CA PHE A 322 25.31 22.88 -10.45
C PHE A 322 24.63 22.24 -11.66
N ILE A 323 23.31 22.23 -11.63
CA ILE A 323 22.48 21.72 -12.72
C ILE A 323 21.85 22.92 -13.40
N SER A 324 22.16 23.11 -14.68
CA SER A 324 21.68 24.31 -15.37
C SER A 324 21.76 24.08 -16.88
N ASP A 325 20.87 24.77 -17.59
CA ASP A 325 20.86 24.77 -19.06
C ASP A 325 21.34 26.15 -19.50
N ASN A 326 22.62 26.23 -19.86
CA ASN A 326 23.21 27.52 -20.21
C ASN A 326 22.64 28.07 -21.51
N SER A 327 22.13 27.20 -22.39
CA SER A 327 21.48 27.69 -23.60
C SER A 327 20.16 28.39 -23.28
N ILE A 328 19.42 27.86 -22.31
CA ILE A 328 18.20 28.52 -21.86
C ILE A 328 18.53 29.88 -21.26
N SER A 329 19.58 29.94 -20.44
CA SER A 329 20.02 31.20 -19.85
C SER A 329 20.35 32.22 -20.93
N TRP A 330 21.03 31.79 -21.98
CA TRP A 330 21.41 32.70 -23.05
C TRP A 330 20.17 33.23 -23.78
N SER A 331 19.28 32.33 -24.18
CA SER A 331 18.06 32.72 -24.88
C SER A 331 17.12 33.54 -24.01
N ALA A 332 17.34 33.59 -22.69
CA ALA A 332 16.53 34.42 -21.81
C ALA A 332 16.88 35.89 -21.92
N GLY A 333 17.99 36.24 -22.57
CA GLY A 333 18.38 37.62 -22.78
C GLY A 333 17.30 38.40 -23.50
N LEU A 334 17.28 39.72 -23.32
CA LEU A 334 16.20 40.55 -23.85
C LEU A 334 16.09 40.46 -25.37
N HIS A 335 17.16 40.06 -26.06
CA HIS A 335 17.11 39.97 -27.52
C HIS A 335 16.26 38.79 -27.97
N ASN A 336 16.57 37.58 -27.48
CA ASN A 336 15.91 36.35 -27.91
C ASN A 336 14.88 35.87 -26.90
N ARG A 337 14.27 36.77 -26.13
CA ARG A 337 13.45 36.39 -25.00
C ARG A 337 12.05 35.93 -25.38
N TYR A 338 11.47 36.51 -26.43
CA TYR A 338 10.07 36.27 -26.77
C TYR A 338 9.98 35.39 -28.01
N THR A 339 10.40 34.14 -27.85
CA THR A 339 10.29 33.13 -28.88
C THR A 339 9.73 31.85 -28.26
N GLU A 340 9.19 30.97 -29.12
CA GLU A 340 8.64 29.72 -28.63
C GLU A 340 9.70 28.86 -27.95
N ASN A 341 10.94 28.91 -28.43
CA ASN A 341 12.01 28.18 -27.77
C ASN A 341 12.34 28.80 -26.41
N SER A 342 12.34 30.13 -26.34
CA SER A 342 12.54 30.78 -25.04
C SER A 342 11.35 30.55 -24.11
N LEU A 343 10.14 30.47 -24.66
CA LEU A 343 8.98 30.13 -23.85
C LEU A 343 9.13 28.76 -23.23
N ARG A 344 9.59 27.77 -24.01
CA ARG A 344 9.89 26.46 -23.45
C ARG A 344 10.96 26.56 -22.37
N GLY A 345 11.95 27.41 -22.58
CA GLY A 345 13.05 27.52 -21.62
C GLY A 345 12.59 28.04 -20.27
N VAL A 346 11.73 29.07 -20.26
CA VAL A 346 11.29 29.62 -18.98
C VAL A 346 10.31 28.68 -18.30
N ILE A 347 9.49 27.97 -19.07
CA ILE A 347 8.61 26.97 -18.49
C ILE A 347 9.43 25.87 -17.82
N LEU A 348 10.53 25.45 -18.47
CA LEU A 348 11.40 24.44 -17.90
C LEU A 348 12.11 24.95 -16.64
N ASP A 349 12.66 26.17 -16.72
CA ASP A 349 13.35 26.74 -15.56
C ASP A 349 12.42 26.85 -14.37
N ILE A 350 11.20 27.34 -14.59
CA ILE A 350 10.24 27.45 -13.49
C ILE A 350 9.86 26.08 -12.96
N HIS A 351 9.74 25.08 -13.85
CA HIS A 351 9.36 23.74 -13.42
C HIS A 351 10.38 23.18 -12.43
N PHE A 352 11.67 23.26 -12.77
CA PHE A 352 12.68 22.66 -11.91
C PHE A 352 12.90 23.48 -10.64
N LEU A 353 12.73 24.80 -10.72
CA LEU A 353 12.78 25.61 -9.50
C LEU A 353 11.66 25.21 -8.54
N SER A 354 10.45 25.02 -9.07
CA SER A 354 9.32 24.64 -8.24
C SER A 354 9.48 23.24 -7.67
N GLN A 355 10.21 22.36 -8.36
CA GLN A 355 10.39 20.98 -7.90
C GLN A 355 11.46 20.85 -6.83
N ALA A 356 12.24 21.91 -6.57
CA ALA A 356 13.32 21.81 -5.61
C ALA A 356 12.78 21.69 -4.19
N ASP A 357 13.66 21.26 -3.28
CA ASP A 357 13.33 21.15 -1.87
C ASP A 357 13.45 22.47 -1.13
N PHE A 358 14.02 23.49 -1.77
CA PHE A 358 14.23 24.80 -1.18
C PHE A 358 14.57 25.76 -2.31
N LEU A 359 14.09 27.00 -2.19
CA LEU A 359 14.16 27.97 -3.29
C LEU A 359 14.78 29.25 -2.79
N VAL A 360 15.94 29.61 -3.33
CA VAL A 360 16.65 30.84 -2.99
C VAL A 360 16.64 31.75 -4.21
N CYS A 361 16.16 32.98 -4.02
CA CYS A 361 15.97 33.91 -5.14
C CYS A 361 15.62 35.30 -4.66
N THR A 362 15.07 36.12 -5.56
CA THR A 362 14.51 37.42 -5.22
C THR A 362 13.03 37.40 -5.60
N PHE A 363 12.16 37.59 -4.61
CA PHE A 363 10.73 37.57 -4.87
C PHE A 363 10.24 38.78 -5.65
N SER A 364 11.11 39.75 -5.93
CA SER A 364 10.73 40.82 -6.83
C SER A 364 10.53 40.33 -8.26
N SER A 365 11.11 39.18 -8.60
CA SER A 365 10.96 38.58 -9.92
C SER A 365 9.70 37.74 -9.98
N GLN A 366 8.89 37.94 -11.02
CA GLN A 366 7.70 37.12 -11.19
C GLN A 366 8.06 35.67 -11.46
N VAL A 367 9.24 35.42 -12.03
CA VAL A 367 9.68 34.06 -12.31
C VAL A 367 9.73 33.24 -11.03
N CYS A 368 10.40 33.78 -10.00
CA CYS A 368 10.54 33.00 -8.77
C CYS A 368 9.21 32.85 -8.04
N ARG A 369 8.39 33.90 -8.06
CA ARG A 369 7.09 33.82 -7.39
C ARG A 369 6.24 32.71 -8.01
N VAL A 370 6.26 32.58 -9.34
CA VAL A 370 5.54 31.50 -9.99
C VAL A 370 6.06 30.15 -9.53
N ALA A 371 7.39 29.99 -9.52
CA ALA A 371 7.99 28.74 -9.06
C ALA A 371 7.65 28.45 -7.61
N TYR A 372 7.63 29.50 -6.77
CA TYR A 372 7.22 29.34 -5.38
C TYR A 372 5.76 28.97 -5.25
N GLU A 373 4.91 29.47 -6.15
CA GLU A 373 3.49 29.12 -6.10
C GLU A 373 3.28 27.68 -6.53
N ILE A 374 3.90 27.26 -7.63
CA ILE A 374 3.78 25.88 -8.09
C ILE A 374 4.28 24.92 -7.01
N MET A 375 5.36 25.28 -6.33
CA MET A 375 5.92 24.45 -5.26
C MET A 375 4.88 24.11 -4.22
N GLN A 376 3.94 25.03 -3.95
CA GLN A 376 2.90 24.78 -2.97
C GLN A 376 1.98 23.64 -3.37
N THR A 377 1.89 23.33 -4.66
CA THR A 377 1.05 22.23 -5.12
C THR A 377 1.76 20.89 -5.07
N LEU A 378 3.04 20.87 -4.68
CA LEU A 378 3.84 19.65 -4.68
C LEU A 378 4.06 19.08 -3.28
N HIS A 379 3.62 19.77 -2.24
CA HIS A 379 3.86 19.33 -0.87
C HIS A 379 2.64 19.72 -0.03
N PRO A 380 2.47 19.11 1.14
CA PRO A 380 1.40 19.57 2.04
C PRO A 380 1.55 21.01 2.48
N ASP A 381 2.74 21.41 2.92
CA ASP A 381 2.96 22.80 3.36
C ASP A 381 4.41 23.18 3.07
N ALA A 382 4.63 23.82 1.92
CA ALA A 382 5.94 24.34 1.53
C ALA A 382 5.99 25.86 1.66
N SER A 383 5.27 26.40 2.64
CA SER A 383 5.21 27.85 2.81
C SER A 383 6.60 28.44 3.04
N ALA A 384 7.40 27.79 3.88
CA ALA A 384 8.65 28.33 4.37
C ALA A 384 9.87 27.78 3.62
N ASN A 385 9.67 27.01 2.54
CA ASN A 385 10.78 26.43 1.81
C ASN A 385 11.38 27.43 0.84
N PHE A 386 11.63 28.66 1.29
CA PHE A 386 12.17 29.70 0.45
C PHE A 386 13.01 30.64 1.28
N HIS A 387 13.91 31.35 0.60
CA HIS A 387 14.49 32.57 1.13
C HIS A 387 14.59 33.57 -0.02
N SER A 388 13.97 34.73 0.15
CA SER A 388 14.04 35.80 -0.83
C SER A 388 15.06 36.83 -0.37
N LEU A 389 15.93 37.26 -1.29
CA LEU A 389 16.92 38.27 -0.94
C LEU A 389 16.31 39.65 -0.81
N ASP A 390 15.13 39.90 -1.37
CA ASP A 390 14.48 41.19 -1.18
C ASP A 390 13.06 41.05 -0.66
N ASP A 391 12.07 41.07 -1.56
CA ASP A 391 10.68 41.21 -1.14
C ASP A 391 10.15 39.96 -0.47
N ILE A 392 9.14 40.15 0.37
CA ILE A 392 8.33 39.05 0.89
C ILE A 392 7.42 38.60 -0.24
N TYR A 393 6.68 37.51 -0.04
CA TYR A 393 5.77 37.07 -1.09
C TYR A 393 4.68 38.10 -1.30
N TYR A 394 4.35 38.35 -2.57
CA TYR A 394 3.22 39.21 -2.91
C TYR A 394 2.66 38.77 -4.25
N PHE A 395 1.40 39.13 -4.48
CA PHE A 395 0.74 38.97 -5.78
C PHE A 395 0.41 40.38 -6.26
N GLY A 396 1.02 40.79 -7.37
CA GLY A 396 0.79 42.11 -7.91
C GLY A 396 -0.67 42.45 -8.08
N GLY A 397 -1.11 43.56 -7.51
CA GLY A 397 -2.50 43.93 -7.49
C GLY A 397 -3.26 43.45 -6.27
N GLN A 398 -2.59 42.81 -5.31
CA GLN A 398 -3.25 42.33 -4.10
C GLN A 398 -3.81 43.49 -3.30
N ASN A 399 -4.74 43.16 -2.40
CA ASN A 399 -5.17 44.12 -1.42
C ASN A 399 -4.09 44.32 -0.36
N ALA A 400 -4.34 45.25 0.55
CA ALA A 400 -3.37 45.59 1.58
C ALA A 400 -3.00 44.37 2.41
N HIS A 401 -1.69 44.08 2.46
CA HIS A 401 -1.17 42.97 3.26
C HIS A 401 -0.92 43.49 4.66
N ASN A 402 -1.75 43.07 5.61
CA ASN A 402 -1.72 43.58 6.98
C ASN A 402 -1.28 42.49 7.95
N GLN A 403 -0.48 42.90 8.93
CA GLN A 403 -0.14 42.09 10.08
C GLN A 403 -0.78 42.71 11.32
N ILE A 404 -0.80 41.94 12.41
CA ILE A 404 -1.34 42.41 13.68
C ILE A 404 -0.23 42.37 14.71
N ALA A 405 0.03 43.50 15.36
CA ALA A 405 0.99 43.52 16.44
C ALA A 405 0.49 42.70 17.62
N ILE A 406 1.31 41.74 18.04
CA ILE A 406 0.99 40.91 19.19
C ILE A 406 1.75 41.35 20.44
N TYR A 407 2.93 41.93 20.30
CA TYR A 407 3.72 42.40 21.43
C TYR A 407 4.02 43.88 21.25
N ALA A 408 4.05 44.61 22.36
CA ALA A 408 4.32 46.03 22.29
C ALA A 408 5.78 46.29 21.89
N HIS A 409 6.01 47.43 21.25
CA HIS A 409 7.37 47.84 20.88
C HIS A 409 7.54 49.32 21.14
N GLN A 410 8.57 49.67 21.91
CA GLN A 410 8.98 51.06 22.07
C GLN A 410 10.21 51.29 21.22
N PRO A 411 10.17 52.23 20.28
CA PRO A 411 11.30 52.40 19.37
C PRO A 411 12.55 52.86 20.09
N ARG A 412 13.69 52.25 19.74
CA ARG A 412 14.98 52.63 20.30
C ARG A 412 15.62 53.76 19.51
N THR A 413 15.56 53.69 18.18
CA THR A 413 16.01 54.76 17.31
C THR A 413 14.81 55.39 16.61
N ALA A 414 15.09 56.48 15.88
CA ALA A 414 14.02 57.17 15.17
C ALA A 414 13.48 56.38 13.99
N ASP A 415 14.25 55.43 13.46
CA ASP A 415 13.82 54.65 12.31
C ASP A 415 12.83 53.55 12.67
N GLU A 416 12.60 53.30 13.95
CA GLU A 416 11.64 52.30 14.40
C GLU A 416 10.31 52.96 14.74
N ILE A 417 9.23 52.20 14.59
CA ILE A 417 7.88 52.70 14.87
C ILE A 417 7.37 52.07 16.16
N PRO A 418 6.58 52.79 16.95
CA PRO A 418 5.97 52.17 18.13
C PRO A 418 4.82 51.27 17.72
N MET A 419 4.55 50.26 18.55
CA MET A 419 3.46 49.33 18.32
C MET A 419 2.80 48.98 19.64
N GLU A 420 1.48 48.88 19.62
CA GLU A 420 0.71 48.33 20.73
C GLU A 420 0.00 47.06 20.26
N PRO A 421 -0.20 46.09 21.15
CA PRO A 421 -0.92 44.86 20.76
C PRO A 421 -2.30 45.19 20.23
N GLY A 422 -2.61 44.64 19.06
CA GLY A 422 -3.84 44.92 18.36
C GLY A 422 -3.71 45.91 17.22
N ASP A 423 -2.60 46.63 17.14
CA ASP A 423 -2.38 47.57 16.05
C ASP A 423 -2.26 46.82 14.73
N ILE A 424 -3.02 47.26 13.73
CA ILE A 424 -2.90 46.72 12.38
C ILE A 424 -1.66 47.33 11.74
N ILE A 425 -0.79 46.47 11.22
CA ILE A 425 0.48 46.89 10.63
C ILE A 425 0.46 46.53 9.16
N GLY A 426 0.57 47.55 8.30
CA GLY A 426 0.71 47.32 6.87
C GLY A 426 2.15 47.07 6.50
N VAL A 427 2.49 45.83 6.19
CA VAL A 427 3.88 45.45 5.98
C VAL A 427 4.33 45.84 4.57
N ALA A 428 5.54 46.39 4.49
CA ALA A 428 6.18 46.68 3.22
C ALA A 428 7.26 45.67 2.86
N GLY A 429 7.92 45.08 3.83
CA GLY A 429 8.93 44.08 3.56
C GLY A 429 9.55 43.56 4.83
N ASN A 430 10.32 42.49 4.68
CA ASN A 430 11.11 41.90 5.75
C ASN A 430 12.57 42.05 5.38
N HIS A 431 13.35 42.70 6.24
CA HIS A 431 14.76 42.94 5.95
C HIS A 431 15.64 41.73 6.28
N TRP A 432 15.06 40.65 6.80
CA TRP A 432 15.77 39.40 7.06
C TRP A 432 16.91 39.59 8.05
N ASP A 433 16.80 40.61 8.91
CA ASP A 433 17.79 40.88 9.94
C ASP A 433 17.15 40.98 11.32
N GLY A 434 15.92 40.50 11.47
CA GLY A 434 15.16 40.65 12.68
C GLY A 434 14.13 41.76 12.65
N TYR A 435 14.22 42.65 11.68
CA TYR A 435 13.32 43.80 11.58
C TYR A 435 12.56 43.79 10.26
N SER A 436 11.33 44.27 10.32
CA SER A 436 10.50 44.48 9.14
C SER A 436 10.13 45.95 9.03
N LYS A 437 9.86 46.39 7.81
CA LYS A 437 9.47 47.77 7.54
C LYS A 437 7.98 47.80 7.19
N GLY A 438 7.27 48.77 7.76
CA GLY A 438 5.85 48.86 7.52
C GLY A 438 5.27 50.12 8.14
N VAL A 439 3.93 50.18 8.11
CA VAL A 439 3.18 51.34 8.59
C VAL A 439 2.21 50.89 9.66
N ASN A 440 2.05 51.71 10.69
CA ASN A 440 1.07 51.47 11.74
C ASN A 440 -0.21 52.22 11.38
N ARG A 441 -1.30 51.48 11.22
CA ARG A 441 -2.57 52.04 10.77
C ARG A 441 -3.38 52.64 11.90
N LYS A 442 -2.75 52.94 13.04
CA LYS A 442 -3.33 53.81 14.05
C LYS A 442 -2.58 55.14 14.12
N LEU A 443 -1.49 55.27 13.37
CA LEU A 443 -0.57 56.40 13.51
C LEU A 443 -0.11 57.00 12.19
N GLY A 444 -0.06 56.26 11.09
CA GLY A 444 0.48 56.75 9.84
C GLY A 444 1.99 56.71 9.76
N ARG A 445 2.69 56.38 10.84
CA ARG A 445 4.14 56.35 10.83
C ARG A 445 4.67 55.09 10.13
N THR A 446 5.72 55.26 9.35
CA THR A 446 6.39 54.17 8.66
C THR A 446 7.81 54.04 9.21
N GLY A 447 8.23 52.80 9.43
CA GLY A 447 9.56 52.56 9.95
C GLY A 447 9.78 51.08 10.23
N LEU A 448 10.79 50.80 11.05
CA LEU A 448 11.17 49.43 11.34
C LEU A 448 10.50 48.94 12.63
N TYR A 449 10.37 47.63 12.73
CA TYR A 449 9.81 47.00 13.92
C TYR A 449 10.28 45.55 13.95
N PRO A 450 10.44 44.95 15.14
CA PRO A 450 10.93 43.57 15.21
C PRO A 450 9.92 42.61 14.58
N SER A 451 10.42 41.80 13.64
CA SER A 451 9.54 40.92 12.87
C SER A 451 8.77 39.95 13.74
N TYR A 452 9.31 39.58 14.90
CA TYR A 452 8.66 38.59 15.74
C TYR A 452 7.49 39.15 16.53
N LYS A 453 7.28 40.47 16.54
CA LYS A 453 6.25 41.09 17.34
C LYS A 453 4.93 41.26 16.61
N VAL A 454 4.78 40.65 15.43
CA VAL A 454 3.53 40.70 14.69
C VAL A 454 3.16 39.29 14.23
N ARG A 455 1.87 39.12 13.95
CA ARG A 455 1.36 37.90 13.34
C ARG A 455 0.61 38.24 12.07
N GLU A 456 0.57 37.30 11.14
CA GLU A 456 -0.11 37.52 9.86
C GLU A 456 -1.62 37.55 10.06
N LYS A 457 -2.27 38.55 9.49
CA LYS A 457 -3.73 38.65 9.52
C LYS A 457 -4.29 37.95 8.29
N ILE A 458 -4.87 36.77 8.49
CA ILE A 458 -5.45 36.00 7.38
C ILE A 458 -6.79 36.63 7.01
N GLU A 459 -6.92 37.03 5.75
CA GLU A 459 -8.14 37.64 5.24
C GLU A 459 -8.99 36.59 4.53
N THR A 460 -10.31 36.69 4.70
CA THR A 460 -11.25 35.76 4.09
C THR A 460 -12.28 36.53 3.27
N VAL A 461 -12.84 35.85 2.29
CA VAL A 461 -13.81 36.43 1.37
C VAL A 461 -14.89 35.38 1.07
N LYS A 462 -16.15 35.80 1.09
CA LYS A 462 -17.24 34.90 0.77
C LYS A 462 -17.27 34.60 -0.73
N TYR A 463 -16.58 33.55 -1.15
CA TYR A 463 -16.64 33.03 -2.50
C TYR A 463 -17.85 32.13 -2.67
N PRO A 464 -18.29 31.91 -3.91
CA PRO A 464 -19.21 30.79 -4.16
C PRO A 464 -18.51 29.46 -3.92
N THR A 465 -19.27 28.50 -3.42
CA THR A 465 -18.72 27.20 -3.04
C THR A 465 -18.94 26.12 -4.10
N TYR A 466 -19.71 26.41 -5.13
CA TYR A 466 -19.97 25.47 -6.22
C TYR A 466 -20.43 24.10 -5.71
N PRO A 467 -21.56 24.04 -4.99
CA PRO A 467 -21.99 22.74 -4.43
C PRO A 467 -22.36 21.73 -5.50
N GLU A 468 -22.71 22.18 -6.71
CA GLU A 468 -23.07 21.26 -7.78
C GLU A 468 -21.90 20.37 -8.19
N ALA A 469 -20.68 20.78 -7.89
CA ALA A 469 -19.50 19.97 -8.18
C ALA A 469 -19.29 18.92 -7.09
N GLY B 3 5.57 -11.16 -21.61
CA GLY B 3 6.05 -12.09 -20.61
C GLY B 3 4.92 -12.79 -19.86
N LEU B 4 5.04 -14.11 -19.73
CA LEU B 4 4.03 -14.91 -19.05
C LEU B 4 4.33 -15.01 -17.57
N GLY B 5 3.26 -15.01 -16.76
CA GLY B 5 3.42 -15.15 -15.33
C GLY B 5 3.67 -16.59 -14.91
N LYS B 6 4.45 -16.74 -13.84
CA LYS B 6 4.78 -18.07 -13.34
C LYS B 6 3.53 -18.81 -12.87
N ASP B 7 2.71 -18.16 -12.04
CA ASP B 7 1.49 -18.80 -11.56
C ASP B 7 0.49 -19.02 -12.68
N HIS B 8 0.53 -18.20 -13.73
CA HIS B 8 -0.38 -18.40 -14.86
C HIS B 8 -0.09 -19.71 -15.58
N GLU B 9 1.19 -19.99 -15.84
CA GLU B 9 1.55 -21.21 -16.55
C GLU B 9 1.36 -22.44 -15.67
N ILE B 10 1.68 -22.33 -14.38
CA ILE B 10 1.45 -23.44 -13.45
C ILE B 10 -0.02 -23.81 -13.44
N LEU B 11 -0.90 -22.81 -13.32
CA LEU B 11 -2.33 -23.08 -13.26
C LEU B 11 -2.86 -23.63 -14.58
N ARG B 12 -2.38 -23.10 -15.71
CA ARG B 12 -2.81 -23.61 -17.00
C ARG B 12 -2.41 -25.06 -17.19
N ARG B 13 -1.21 -25.43 -16.72
CA ARG B 13 -0.77 -26.81 -16.86
C ARG B 13 -1.51 -27.74 -15.92
N ARG B 14 -1.88 -27.27 -14.72
CA ARG B 14 -2.65 -28.10 -13.81
C ARG B 14 -4.08 -28.28 -14.28
N ILE B 15 -4.64 -27.29 -14.97
CA ILE B 15 -5.96 -27.45 -15.58
C ILE B 15 -5.89 -28.48 -16.69
N GLU B 16 -4.88 -28.39 -17.56
CA GLU B 16 -4.70 -29.38 -18.61
C GLU B 16 -4.51 -30.77 -18.02
N ASN B 17 -3.62 -30.91 -17.04
CA ASN B 17 -3.36 -32.22 -16.45
C ASN B 17 -4.56 -32.71 -15.67
N GLY B 18 -5.26 -31.82 -14.97
CA GLY B 18 -6.48 -32.22 -14.27
C GLY B 18 -7.54 -32.73 -15.21
N ALA B 19 -7.62 -32.14 -16.41
CA ALA B 19 -8.59 -32.62 -17.40
C ALA B 19 -8.15 -33.95 -18.00
N LYS B 20 -6.86 -34.09 -18.30
CA LYS B 20 -6.36 -35.35 -18.83
C LYS B 20 -6.49 -36.46 -17.80
N GLU B 21 -6.24 -36.15 -16.52
CA GLU B 21 -6.41 -37.14 -15.47
C GLU B 21 -7.88 -37.49 -15.28
N LEU B 22 -8.76 -36.51 -15.43
CA LEU B 22 -10.20 -36.78 -15.38
C LEU B 22 -10.62 -37.72 -16.50
N TRP B 23 -9.99 -37.58 -17.68
CA TRP B 23 -10.33 -38.45 -18.81
C TRP B 23 -9.86 -39.87 -18.57
N PHE B 24 -8.68 -40.04 -17.96
CA PHE B 24 -8.25 -41.37 -17.54
C PHE B 24 -9.25 -41.99 -16.57
N PHE B 25 -9.77 -41.17 -15.64
CA PHE B 25 -10.69 -41.67 -14.63
C PHE B 25 -12.03 -42.05 -15.24
N LEU B 26 -12.53 -41.21 -16.16
CA LEU B 26 -13.82 -41.50 -16.81
C LEU B 26 -13.77 -42.80 -17.61
N GLN B 27 -12.73 -42.96 -18.43
CA GLN B 27 -12.61 -44.17 -19.24
C GLN B 27 -12.49 -45.41 -18.38
N SER B 28 -11.70 -45.33 -17.30
CA SER B 28 -11.45 -46.50 -16.46
C SER B 28 -12.72 -46.93 -15.72
N GLU B 29 -13.38 -46.00 -15.04
CA GLU B 29 -14.54 -46.38 -14.24
C GLU B 29 -15.74 -46.76 -15.09
N LEU B 30 -15.90 -46.15 -16.27
CA LEU B 30 -17.03 -46.49 -17.12
C LEU B 30 -16.91 -47.90 -17.67
N LYS B 31 -15.69 -48.42 -17.82
CA LYS B 31 -15.53 -49.81 -18.23
C LYS B 31 -16.02 -50.76 -17.15
N LYS B 32 -15.79 -50.42 -15.87
CA LYS B 32 -16.32 -51.23 -14.78
C LYS B 32 -17.84 -51.17 -14.75
N LEU B 33 -18.41 -49.98 -14.95
CA LEU B 33 -19.83 -49.78 -14.69
C LEU B 33 -20.70 -50.57 -15.66
N LYS B 34 -20.30 -50.65 -16.93
CA LYS B 34 -21.11 -51.39 -17.89
C LYS B 34 -21.03 -52.90 -17.71
N ASN B 35 -20.31 -53.37 -16.69
CA ASN B 35 -20.25 -54.78 -16.33
C ASN B 35 -20.94 -55.06 -15.00
N LEU B 36 -21.76 -54.12 -14.53
CA LEU B 36 -22.51 -54.27 -13.28
C LEU B 36 -24.00 -54.19 -13.56
N GLU B 37 -24.80 -54.45 -12.53
CA GLU B 37 -26.25 -54.41 -12.66
C GLU B 37 -26.86 -54.23 -11.28
N GLY B 38 -28.14 -53.85 -11.28
CA GLY B 38 -28.91 -53.79 -10.05
C GLY B 38 -28.35 -52.79 -9.06
N ASN B 39 -28.40 -53.14 -7.78
CA ASN B 39 -27.96 -52.24 -6.73
C ASN B 39 -26.45 -52.03 -6.76
N GLU B 40 -25.69 -53.03 -7.21
CA GLU B 40 -24.24 -52.85 -7.35
C GLU B 40 -23.94 -51.79 -8.40
N LEU B 41 -24.72 -51.75 -9.48
CA LEU B 41 -24.55 -50.71 -10.49
C LEU B 41 -24.85 -49.33 -9.91
N GLN B 42 -25.91 -49.21 -9.11
CA GLN B 42 -26.28 -47.91 -8.57
C GLN B 42 -25.35 -47.48 -7.45
N ARG B 43 -24.88 -48.42 -6.63
CA ARG B 43 -23.96 -48.06 -5.56
C ARG B 43 -22.63 -47.55 -6.11
N HIS B 44 -22.10 -48.22 -7.14
CA HIS B 44 -20.82 -47.79 -7.70
C HIS B 44 -20.98 -46.53 -8.55
N ALA B 45 -22.13 -46.36 -9.20
CA ALA B 45 -22.34 -45.16 -10.02
C ALA B 45 -22.49 -43.91 -9.16
N ASP B 46 -23.02 -44.07 -7.94
CA ASP B 46 -23.17 -42.91 -7.05
C ASP B 46 -21.83 -42.51 -6.44
N GLU B 47 -21.00 -43.50 -6.07
CA GLU B 47 -19.63 -43.18 -5.66
C GLU B 47 -18.85 -42.56 -6.82
N PHE B 48 -19.11 -43.03 -8.04
CA PHE B 48 -18.49 -42.46 -9.22
C PHE B 48 -18.86 -40.99 -9.38
N LEU B 49 -20.15 -40.68 -9.25
CA LEU B 49 -20.61 -39.30 -9.36
C LEU B 49 -20.01 -38.43 -8.25
N LEU B 50 -19.87 -38.98 -7.06
CA LEU B 50 -19.28 -38.22 -5.96
C LEU B 50 -17.82 -37.90 -6.24
N ASP B 51 -17.05 -38.90 -6.68
CA ASP B 51 -15.64 -38.67 -7.01
C ASP B 51 -15.49 -37.66 -8.14
N LEU B 52 -16.35 -37.75 -9.16
CA LEU B 52 -16.27 -36.83 -10.29
C LEU B 52 -16.50 -35.39 -9.85
N GLY B 53 -17.44 -35.18 -8.94
CA GLY B 53 -17.76 -33.85 -8.47
C GLY B 53 -16.56 -33.11 -7.89
N HIS B 54 -15.91 -33.71 -6.90
CA HIS B 54 -14.73 -33.10 -6.30
C HIS B 54 -13.63 -32.90 -7.35
N HIS B 55 -13.46 -33.88 -8.23
CA HIS B 55 -12.47 -33.76 -9.30
C HIS B 55 -12.83 -32.60 -10.23
N GLU B 56 -14.10 -32.51 -10.62
CA GLU B 56 -14.52 -31.46 -11.54
C GLU B 56 -14.38 -30.07 -10.91
N ARG B 57 -14.66 -29.96 -9.61
CA ARG B 57 -14.53 -28.67 -8.94
C ARG B 57 -13.10 -28.25 -8.74
N SER B 58 -12.16 -29.20 -8.67
CA SER B 58 -10.75 -28.84 -8.62
C SER B 58 -10.33 -28.16 -9.91
N ILE B 59 -10.80 -28.66 -11.05
CA ILE B 59 -10.53 -28.02 -12.33
C ILE B 59 -11.18 -26.64 -12.38
N MET B 60 -12.44 -26.56 -11.94
CA MET B 60 -13.13 -25.27 -11.92
C MET B 60 -12.45 -24.29 -10.95
N THR B 61 -11.89 -24.79 -9.85
CA THR B 61 -11.21 -23.91 -8.91
C THR B 61 -9.91 -23.38 -9.51
N ASP B 62 -9.13 -24.24 -10.17
CA ASP B 62 -7.93 -23.79 -10.84
C ASP B 62 -8.25 -22.80 -11.96
N LEU B 63 -9.42 -22.94 -12.60
CA LEU B 63 -9.82 -21.99 -13.62
C LEU B 63 -10.19 -20.64 -13.02
N TYR B 64 -10.71 -20.61 -11.79
CA TYR B 64 -10.95 -19.35 -11.11
C TYR B 64 -9.64 -18.64 -10.80
N TYR B 65 -8.68 -19.37 -10.22
CA TYR B 65 -7.37 -18.80 -9.92
C TYR B 65 -6.70 -18.28 -11.19
N LEU B 66 -6.88 -18.99 -12.31
CA LEU B 66 -6.28 -18.58 -13.57
C LEU B 66 -6.76 -17.19 -13.99
N SER B 67 -8.03 -16.89 -13.77
CA SER B 67 -8.58 -15.60 -14.15
C SER B 67 -8.12 -14.46 -13.26
N GLN B 68 -7.50 -14.76 -12.12
CA GLN B 68 -7.07 -13.73 -11.19
C GLN B 68 -5.57 -13.53 -11.13
N THR B 69 -4.79 -14.54 -11.51
CA THR B 69 -3.33 -14.45 -11.43
C THR B 69 -2.79 -13.46 -12.46
N ASP B 70 -1.53 -13.07 -12.26
CA ASP B 70 -0.82 -12.15 -13.16
C ASP B 70 -1.54 -10.81 -13.28
N GLY B 71 -2.18 -10.38 -12.19
CA GLY B 71 -2.88 -9.11 -12.19
C GLY B 71 -4.12 -9.06 -13.05
N ALA B 72 -4.60 -10.20 -13.56
CA ALA B 72 -5.77 -10.18 -14.43
C ALA B 72 -7.03 -9.75 -13.67
N GLY B 73 -7.13 -10.10 -12.39
CA GLY B 73 -8.27 -9.66 -11.60
C GLY B 73 -8.30 -8.16 -11.42
N ASP B 74 -7.13 -7.55 -11.18
CA ASP B 74 -7.08 -6.10 -10.99
C ASP B 74 -7.35 -5.36 -12.30
N TRP B 75 -6.88 -5.90 -13.42
CA TRP B 75 -7.12 -5.24 -14.69
C TRP B 75 -8.59 -5.34 -15.09
N ARG B 76 -9.18 -6.53 -14.96
CA ARG B 76 -10.58 -6.70 -15.32
C ARG B 76 -11.49 -5.85 -14.43
N GLU B 77 -11.08 -5.64 -13.16
CA GLU B 77 -11.86 -4.78 -12.27
C GLU B 77 -11.84 -3.34 -12.77
N LYS B 78 -10.65 -2.81 -13.05
CA LYS B 78 -10.55 -1.42 -13.50
C LYS B 78 -11.21 -1.22 -14.87
N GLU B 79 -11.03 -2.20 -15.77
CA GLU B 79 -11.64 -2.08 -17.09
C GLU B 79 -13.16 -2.10 -17.00
N ALA B 80 -13.71 -2.96 -16.14
CA ALA B 80 -15.15 -3.03 -15.99
C ALA B 80 -15.72 -1.76 -15.36
N LYS B 81 -14.98 -1.13 -14.46
CA LYS B 81 -15.46 0.11 -13.84
C LYS B 81 -15.35 1.30 -14.79
N ASP B 82 -14.33 1.31 -15.65
CA ASP B 82 -14.23 2.38 -16.64
C ASP B 82 -15.36 2.30 -17.65
N LEU B 83 -15.71 1.09 -18.09
CA LEU B 83 -16.83 0.92 -19.01
C LEU B 83 -18.15 1.33 -18.36
N THR B 84 -18.30 1.04 -17.07
CA THR B 84 -19.53 1.42 -16.37
C THR B 84 -19.63 2.93 -16.23
N GLU B 85 -18.57 3.58 -15.76
CA GLU B 85 -18.58 5.03 -15.63
C GLU B 85 -18.79 5.70 -16.99
N LEU B 86 -18.18 5.15 -18.04
CA LEU B 86 -18.37 5.70 -19.38
C LEU B 86 -19.83 5.69 -19.79
N VAL B 87 -20.51 4.55 -19.62
CA VAL B 87 -21.90 4.45 -20.02
C VAL B 87 -22.79 5.31 -19.11
N GLN B 88 -22.56 5.24 -17.80
CA GLN B 88 -23.36 6.02 -16.87
C GLN B 88 -23.22 7.53 -17.13
N ARG B 89 -22.02 7.96 -17.54
CA ARG B 89 -21.85 9.36 -17.90
C ARG B 89 -22.64 9.72 -19.15
N ARG B 90 -22.71 8.79 -20.12
CA ARG B 90 -23.50 9.03 -21.31
C ARG B 90 -24.99 9.07 -21.00
N ILE B 91 -25.45 8.17 -20.13
CA ILE B 91 -26.86 8.18 -19.73
C ILE B 91 -27.21 9.45 -18.98
N THR B 92 -26.34 9.86 -18.04
CA THR B 92 -26.62 11.04 -17.25
C THR B 92 -26.56 12.31 -18.11
N TYR B 93 -25.64 12.36 -19.07
CA TYR B 93 -25.59 13.49 -19.99
C TYR B 93 -26.86 13.57 -20.82
N LEU B 94 -27.31 12.42 -21.33
CA LEU B 94 -28.53 12.38 -22.13
C LEU B 94 -29.74 12.82 -21.31
N GLN B 95 -29.80 12.40 -20.05
CA GLN B 95 -30.98 12.64 -19.23
C GLN B 95 -31.05 14.05 -18.65
N ASN B 96 -29.97 14.83 -18.72
CA ASN B 96 -29.93 16.16 -18.13
C ASN B 96 -29.50 17.21 -19.15
N PRO B 97 -30.40 17.58 -20.07
CA PRO B 97 -30.16 18.76 -20.89
C PRO B 97 -30.53 20.03 -20.15
N LYS B 98 -29.86 21.13 -20.50
CA LYS B 98 -30.07 22.37 -19.76
C LYS B 98 -31.43 22.97 -20.06
N ASP B 99 -31.82 23.02 -21.33
CA ASP B 99 -33.13 23.54 -21.74
C ASP B 99 -34.05 22.34 -21.97
N CYS B 100 -34.92 22.07 -20.98
CA CYS B 100 -35.87 20.98 -21.10
C CYS B 100 -36.98 21.29 -22.10
N SER B 101 -37.24 22.57 -22.38
CA SER B 101 -38.30 22.92 -23.32
C SER B 101 -37.92 22.55 -24.75
N LYS B 102 -36.63 22.56 -25.09
CA LYS B 102 -36.17 22.30 -26.45
C LYS B 102 -35.69 20.87 -26.66
N ALA B 103 -35.46 20.11 -25.58
CA ALA B 103 -34.84 18.79 -25.71
C ALA B 103 -35.80 17.79 -26.35
N LYS B 104 -35.25 16.92 -27.19
CA LYS B 104 -36.02 15.80 -27.72
C LYS B 104 -36.33 14.82 -26.58
N LYS B 105 -37.55 14.32 -26.57
CA LYS B 105 -38.04 13.51 -25.45
C LYS B 105 -38.66 12.21 -25.95
N LEU B 106 -38.63 11.21 -25.07
CA LEU B 106 -39.34 9.95 -25.29
C LEU B 106 -40.08 9.63 -24.00
N VAL B 107 -41.41 9.49 -24.10
CA VAL B 107 -42.28 9.34 -22.94
C VAL B 107 -42.64 7.87 -22.75
N CYS B 108 -42.41 7.35 -21.55
CA CYS B 108 -42.68 5.97 -21.20
C CYS B 108 -43.69 5.92 -20.07
N ASN B 109 -44.66 5.00 -20.17
CA ASN B 109 -45.72 4.86 -19.17
C ASN B 109 -45.46 3.57 -18.39
N ILE B 110 -45.18 3.73 -17.09
CA ILE B 110 -44.73 2.60 -16.28
C ILE B 110 -45.84 1.58 -16.02
N ASN B 111 -47.11 1.99 -16.17
CA ASN B 111 -48.23 1.14 -15.76
C ASN B 111 -48.57 0.09 -16.82
N LYS B 112 -47.58 -0.75 -17.13
CA LYS B 112 -47.84 -1.93 -17.93
C LYS B 112 -48.60 -2.95 -17.08
N GLY B 113 -49.51 -3.68 -17.73
CA GLY B 113 -50.36 -4.61 -17.00
C GLY B 113 -49.64 -5.85 -16.52
N CYS B 114 -48.73 -5.71 -15.56
CA CYS B 114 -47.95 -6.83 -15.05
C CYS B 114 -47.30 -6.41 -13.73
N GLY B 115 -46.37 -7.23 -13.25
CA GLY B 115 -45.73 -7.01 -11.97
C GLY B 115 -44.50 -6.13 -12.06
N TYR B 116 -43.80 -6.01 -10.92
CA TYR B 116 -42.72 -5.05 -10.79
C TYR B 116 -41.59 -5.33 -11.78
N GLY B 117 -41.12 -6.57 -11.83
CA GLY B 117 -40.03 -6.91 -12.73
C GLY B 117 -40.38 -6.69 -14.19
N CYS B 118 -41.60 -7.06 -14.57
CA CYS B 118 -42.05 -6.83 -15.94
C CYS B 118 -42.27 -5.35 -16.20
N GLN B 119 -42.66 -4.58 -15.19
CA GLN B 119 -42.78 -3.14 -15.36
C GLN B 119 -41.41 -2.47 -15.42
N LEU B 120 -40.46 -2.95 -14.61
CA LEU B 120 -39.12 -2.38 -14.64
C LEU B 120 -38.45 -2.62 -15.99
N HIS B 121 -38.58 -3.84 -16.53
CA HIS B 121 -37.99 -4.13 -17.83
C HIS B 121 -38.64 -3.32 -18.94
N HIS B 122 -39.93 -2.98 -18.80
CA HIS B 122 -40.58 -2.11 -19.75
C HIS B 122 -39.93 -0.73 -19.75
N VAL B 123 -39.55 -0.24 -18.57
CA VAL B 123 -38.87 1.06 -18.50
C VAL B 123 -37.45 0.95 -19.04
N VAL B 124 -36.79 -0.19 -18.80
CA VAL B 124 -35.47 -0.41 -19.39
C VAL B 124 -35.57 -0.43 -20.91
N TYR B 125 -36.58 -1.10 -21.45
CA TYR B 125 -36.78 -1.15 -22.89
C TYR B 125 -37.06 0.25 -23.45
N CYS B 126 -37.80 1.06 -22.70
CA CYS B 126 -37.96 2.46 -23.06
C CYS B 126 -36.61 3.19 -23.03
N PHE B 127 -35.85 2.97 -21.96
CA PHE B 127 -34.60 3.70 -21.77
C PHE B 127 -33.59 3.37 -22.87
N MET B 128 -33.54 2.11 -23.30
CA MET B 128 -32.59 1.72 -24.33
C MET B 128 -32.95 2.34 -25.68
N ILE B 129 -34.24 2.53 -25.95
CA ILE B 129 -34.66 3.19 -27.18
C ILE B 129 -34.44 4.69 -27.08
N ALA B 130 -34.70 5.28 -25.91
CA ALA B 130 -34.42 6.69 -25.70
C ALA B 130 -32.92 6.97 -25.86
N TYR B 131 -32.08 6.08 -25.34
CA TYR B 131 -30.64 6.22 -25.51
C TYR B 131 -30.26 6.08 -26.98
N GLY B 132 -30.94 5.20 -27.71
CA GLY B 132 -30.61 5.00 -29.12
C GLY B 132 -31.04 6.16 -29.99
N THR B 133 -32.24 6.70 -29.76
CA THR B 133 -32.77 7.81 -30.54
C THR B 133 -32.31 9.17 -30.04
N GLN B 134 -31.42 9.21 -29.06
CA GLN B 134 -30.87 10.45 -28.51
C GLN B 134 -31.97 11.33 -27.93
N ARG B 135 -32.96 10.71 -27.31
CA ARG B 135 -34.06 11.39 -26.66
C ARG B 135 -33.96 11.23 -25.15
N THR B 136 -34.37 12.28 -24.43
CA THR B 136 -34.41 12.21 -22.97
C THR B 136 -35.65 11.44 -22.52
N LEU B 137 -35.43 10.41 -21.72
CA LEU B 137 -36.54 9.59 -21.24
C LEU B 137 -37.35 10.36 -20.20
N ILE B 138 -38.64 10.51 -20.46
CA ILE B 138 -39.58 11.10 -19.52
C ILE B 138 -40.47 9.97 -19.02
N LEU B 139 -40.32 9.61 -17.75
CA LEU B 139 -41.07 8.52 -17.15
C LEU B 139 -42.33 9.06 -16.49
N GLU B 140 -43.48 8.59 -16.93
CA GLU B 140 -44.77 8.95 -16.35
C GLU B 140 -45.19 7.82 -15.42
N SER B 141 -45.05 8.04 -14.11
CA SER B 141 -45.23 6.99 -13.13
C SER B 141 -46.40 7.23 -12.18
N GLN B 142 -47.19 8.28 -12.40
CA GLN B 142 -48.38 8.47 -11.58
C GLN B 142 -49.37 7.33 -11.81
N ASN B 143 -50.15 7.04 -10.77
CA ASN B 143 -51.10 5.93 -10.74
C ASN B 143 -50.41 4.58 -10.84
N TRP B 144 -49.12 4.52 -10.48
CA TRP B 144 -48.39 3.26 -10.41
C TRP B 144 -49.11 2.33 -9.44
N ARG B 145 -49.34 1.08 -9.87
CA ARG B 145 -50.12 0.15 -9.07
C ARG B 145 -49.43 -0.21 -7.76
N TYR B 146 -48.11 -0.06 -7.68
CA TYR B 146 -47.38 -0.34 -6.44
C TYR B 146 -47.31 0.87 -5.51
N ALA B 147 -47.30 2.08 -6.06
CA ALA B 147 -47.21 3.30 -5.25
C ALA B 147 -47.89 4.42 -6.02
N THR B 148 -48.98 4.94 -5.48
CA THR B 148 -49.71 6.01 -6.16
C THR B 148 -48.85 7.26 -6.32
N GLY B 149 -47.87 7.45 -5.44
CA GLY B 149 -46.97 8.59 -5.56
C GLY B 149 -46.03 8.53 -6.73
N GLY B 150 -45.87 7.36 -7.33
CA GLY B 150 -45.08 7.22 -8.53
C GLY B 150 -43.67 6.73 -8.28
N TRP B 151 -42.83 6.92 -9.31
CA TRP B 151 -41.47 6.39 -9.30
C TRP B 151 -40.67 6.91 -8.12
N GLU B 152 -40.76 8.21 -7.82
CA GLU B 152 -39.93 8.81 -6.79
C GLU B 152 -40.31 8.40 -5.39
N THR B 153 -41.32 7.53 -5.21
CA THR B 153 -41.60 6.98 -3.89
C THR B 153 -40.42 6.19 -3.35
N VAL B 154 -39.65 5.54 -4.24
CA VAL B 154 -38.57 4.66 -3.82
C VAL B 154 -37.25 5.05 -4.50
N PHE B 155 -37.32 5.52 -5.73
CA PHE B 155 -36.13 5.74 -6.55
C PHE B 155 -35.97 7.21 -6.89
N ARG B 156 -34.72 7.60 -7.16
CA ARG B 156 -34.45 8.96 -7.60
C ARG B 156 -35.04 9.18 -9.00
N PRO B 157 -35.44 10.41 -9.32
CA PRO B 157 -35.98 10.67 -10.65
C PRO B 157 -34.93 10.40 -11.73
N VAL B 158 -35.41 9.88 -12.87
CA VAL B 158 -34.53 9.54 -13.97
C VAL B 158 -33.83 10.75 -14.57
N SER B 159 -34.19 11.95 -14.14
CA SER B 159 -33.55 13.18 -14.61
C SER B 159 -33.63 14.23 -13.50
N GLU B 160 -32.56 14.99 -13.35
CA GLU B 160 -32.50 16.06 -12.37
C GLU B 160 -33.07 17.38 -12.90
N THR B 161 -33.14 17.56 -14.21
CA THR B 161 -33.52 18.83 -14.79
C THR B 161 -34.70 18.77 -15.75
N CYS B 162 -35.00 17.62 -16.34
CA CYS B 162 -36.02 17.52 -17.39
C CYS B 162 -36.96 16.35 -17.06
N THR B 163 -38.12 16.66 -16.50
CA THR B 163 -39.15 15.67 -16.23
C THR B 163 -40.50 16.05 -16.83
N ASP B 164 -40.54 17.06 -17.70
CA ASP B 164 -41.76 17.52 -18.33
C ASP B 164 -41.90 16.90 -19.71
N ARG B 165 -43.13 16.79 -20.19
CA ARG B 165 -43.43 16.25 -21.51
C ARG B 165 -43.64 17.36 -22.55
N SER B 166 -43.42 18.62 -22.18
CA SER B 166 -43.76 19.73 -23.08
C SER B 166 -42.89 19.71 -24.33
N GLY B 167 -43.47 20.21 -25.42
CA GLY B 167 -42.76 20.27 -26.69
C GLY B 167 -43.64 20.90 -27.75
N ILE B 168 -42.98 21.29 -28.84
CA ILE B 168 -43.70 21.92 -29.95
C ILE B 168 -44.65 20.93 -30.60
N SER B 169 -44.30 19.66 -30.65
CA SER B 169 -45.10 18.66 -31.34
C SER B 169 -44.92 17.32 -30.63
N THR B 170 -45.96 16.50 -30.65
CA THR B 170 -45.91 15.20 -30.01
C THR B 170 -46.78 14.22 -30.79
N GLY B 171 -46.35 12.96 -30.78
CA GLY B 171 -47.08 11.91 -31.45
C GLY B 171 -46.62 10.55 -30.96
N HIS B 172 -47.26 9.51 -31.50
CA HIS B 172 -46.91 8.15 -31.13
C HIS B 172 -45.70 7.67 -31.91
N TRP B 173 -45.08 6.62 -31.40
CA TRP B 173 -43.93 6.05 -32.09
C TRP B 173 -44.34 5.50 -33.44
N SER B 174 -43.58 5.86 -34.49
CA SER B 174 -43.81 5.29 -35.81
C SER B 174 -42.51 5.11 -36.59
N GLY B 175 -41.39 4.90 -35.91
CA GLY B 175 -40.09 4.81 -36.57
C GLY B 175 -39.23 6.01 -36.24
N GLU B 176 -37.91 5.77 -36.16
CA GLU B 176 -36.98 6.85 -35.83
C GLU B 176 -36.93 7.89 -36.93
N VAL B 177 -36.86 7.46 -38.19
CA VAL B 177 -36.75 8.43 -39.29
C VAL B 177 -38.09 9.09 -39.58
N LYS B 178 -39.20 8.36 -39.43
CA LYS B 178 -40.50 8.98 -39.67
C LYS B 178 -40.82 10.04 -38.63
N ASP B 179 -40.37 9.84 -37.39
CA ASP B 179 -40.45 10.86 -36.36
C ASP B 179 -39.18 11.69 -36.32
N LYS B 180 -38.76 12.16 -37.51
CA LYS B 180 -37.50 12.89 -37.66
C LYS B 180 -37.39 14.01 -36.64
N ASN B 181 -38.32 14.96 -36.69
CA ASN B 181 -38.33 16.09 -35.75
C ASN B 181 -39.69 16.21 -35.09
N VAL B 182 -40.20 15.10 -34.59
CA VAL B 182 -41.28 15.11 -33.61
C VAL B 182 -40.61 15.13 -32.24
N GLN B 183 -40.76 16.25 -31.52
CA GLN B 183 -39.96 16.48 -30.32
C GLN B 183 -40.26 15.44 -29.25
N VAL B 184 -41.54 15.20 -28.96
CA VAL B 184 -41.96 14.28 -27.91
C VAL B 184 -42.64 13.10 -28.58
N VAL B 185 -42.13 11.89 -28.33
CA VAL B 185 -42.65 10.66 -28.92
C VAL B 185 -43.11 9.76 -27.79
N GLU B 186 -44.30 9.17 -27.95
CA GLU B 186 -44.89 8.28 -26.95
C GLU B 186 -44.62 6.84 -27.35
N LEU B 187 -43.79 6.16 -26.56
CA LEU B 187 -43.40 4.79 -26.87
C LEU B 187 -44.35 3.82 -26.16
N PRO B 188 -45.03 2.92 -26.88
CA PRO B 188 -45.88 1.94 -26.22
C PRO B 188 -45.09 0.75 -25.69
N ILE B 189 -45.78 -0.27 -25.19
CA ILE B 189 -45.11 -1.48 -24.76
C ILE B 189 -44.50 -2.19 -25.97
N VAL B 190 -43.50 -3.04 -25.69
CA VAL B 190 -42.78 -3.72 -26.76
C VAL B 190 -43.63 -4.80 -27.42
N ASP B 191 -44.67 -5.29 -26.74
CA ASP B 191 -45.37 -6.49 -27.19
C ASP B 191 -46.06 -6.30 -28.55
N SER B 192 -46.29 -5.06 -28.98
CA SER B 192 -46.90 -4.82 -30.28
C SER B 192 -46.32 -3.59 -30.95
N LEU B 193 -45.04 -3.30 -30.69
CA LEU B 193 -44.40 -2.12 -31.25
C LEU B 193 -44.13 -2.31 -32.74
N HIS B 194 -44.49 -1.31 -33.54
CA HIS B 194 -44.23 -1.31 -34.97
C HIS B 194 -43.92 0.13 -35.40
N PRO B 195 -42.78 0.38 -36.05
CA PRO B 195 -41.74 -0.63 -36.31
C PRO B 195 -40.77 -0.76 -35.13
N ARG B 196 -40.07 -1.87 -35.08
CA ARG B 196 -39.11 -2.09 -34.00
C ARG B 196 -37.76 -1.49 -34.38
N PRO B 197 -37.17 -0.64 -33.53
CA PRO B 197 -35.85 -0.09 -33.82
C PRO B 197 -34.76 -1.09 -33.52
N PRO B 198 -33.51 -0.83 -33.94
CA PRO B 198 -32.42 -1.77 -33.64
C PRO B 198 -31.91 -1.69 -32.21
N TYR B 199 -32.32 -0.69 -31.43
CA TYR B 199 -31.80 -0.50 -30.07
C TYR B 199 -32.58 -1.39 -29.10
N LEU B 200 -32.30 -2.68 -29.17
CA LEU B 200 -32.98 -3.69 -28.36
C LEU B 200 -32.00 -4.78 -27.99
N PRO B 201 -32.23 -5.48 -26.88
CA PRO B 201 -31.48 -6.71 -26.60
C PRO B 201 -31.70 -7.73 -27.72
N LEU B 202 -30.74 -8.63 -27.89
CA LEU B 202 -29.58 -8.77 -27.01
C LEU B 202 -28.32 -8.13 -27.60
N ALA B 203 -28.50 -7.14 -28.47
CA ALA B 203 -27.37 -6.50 -29.11
C ALA B 203 -26.71 -5.50 -28.17
N VAL B 204 -25.42 -5.29 -28.37
CA VAL B 204 -24.63 -4.34 -27.58
C VAL B 204 -24.12 -3.27 -28.52
N PRO B 205 -23.76 -2.09 -28.01
CA PRO B 205 -23.24 -1.04 -28.89
C PRO B 205 -21.93 -1.46 -29.55
N GLU B 206 -21.80 -1.09 -30.82
CA GLU B 206 -20.61 -1.48 -31.59
C GLU B 206 -19.36 -0.85 -31.00
N ASP B 207 -19.46 0.40 -30.54
CA ASP B 207 -18.29 1.09 -29.98
C ASP B 207 -17.84 0.49 -28.65
N LEU B 208 -18.65 -0.37 -28.04
CA LEU B 208 -18.30 -1.01 -26.78
C LEU B 208 -18.06 -2.51 -26.91
N ALA B 209 -18.35 -3.10 -28.07
CA ALA B 209 -18.37 -4.55 -28.19
C ALA B 209 -17.02 -5.18 -27.87
N ASP B 210 -15.96 -4.71 -28.55
CA ASP B 210 -14.66 -5.34 -28.40
C ASP B 210 -14.12 -5.24 -26.98
N ARG B 211 -14.47 -4.16 -26.26
CA ARG B 211 -14.06 -4.06 -24.87
C ARG B 211 -14.93 -4.95 -23.97
N LEU B 212 -16.20 -5.13 -24.31
CA LEU B 212 -17.09 -5.93 -23.48
C LEU B 212 -16.78 -7.42 -23.61
N VAL B 213 -16.58 -7.91 -24.83
CA VAL B 213 -16.24 -9.32 -25.02
C VAL B 213 -14.97 -9.67 -24.27
N ARG B 214 -14.03 -8.73 -24.19
CA ARG B 214 -12.79 -8.97 -23.48
C ARG B 214 -13.01 -9.05 -21.96
N VAL B 215 -13.95 -8.27 -21.43
CA VAL B 215 -14.07 -8.11 -19.98
C VAL B 215 -15.19 -8.97 -19.42
N HIS B 216 -16.26 -9.18 -20.18
CA HIS B 216 -17.48 -9.78 -19.67
C HIS B 216 -17.85 -11.03 -20.47
N GLY B 217 -18.49 -11.97 -19.78
CA GLY B 217 -18.90 -13.23 -20.36
C GLY B 217 -20.23 -13.24 -21.06
N ASP B 218 -21.04 -12.20 -20.87
CA ASP B 218 -22.33 -12.07 -21.55
C ASP B 218 -22.60 -10.60 -21.74
N PRO B 219 -22.09 -10.00 -22.82
CA PRO B 219 -22.23 -8.54 -22.98
C PRO B 219 -23.66 -8.06 -23.07
N ALA B 220 -24.58 -8.90 -23.53
CA ALA B 220 -25.98 -8.50 -23.65
C ALA B 220 -26.56 -8.14 -22.28
N VAL B 221 -26.30 -8.98 -21.28
CA VAL B 221 -26.80 -8.70 -19.93
C VAL B 221 -26.14 -7.45 -19.36
N TRP B 222 -24.84 -7.30 -19.58
CA TRP B 222 -24.13 -6.12 -19.07
C TRP B 222 -24.74 -4.84 -19.63
N TRP B 223 -25.05 -4.82 -20.93
CA TRP B 223 -25.66 -3.64 -21.53
C TRP B 223 -27.05 -3.38 -20.94
N VAL B 224 -27.83 -4.44 -20.72
CA VAL B 224 -29.13 -4.29 -20.08
C VAL B 224 -28.97 -3.79 -18.66
N SER B 225 -27.95 -4.28 -17.96
CA SER B 225 -27.76 -3.93 -16.55
C SER B 225 -27.41 -2.46 -16.38
N GLN B 226 -26.80 -1.83 -17.40
CA GLN B 226 -26.42 -0.42 -17.27
C GLN B 226 -27.64 0.47 -17.12
N PHE B 227 -28.76 0.11 -17.75
CA PHE B 227 -29.98 0.90 -17.60
C PHE B 227 -30.71 0.54 -16.31
N VAL B 228 -30.65 -0.72 -15.88
CA VAL B 228 -31.20 -1.08 -14.57
C VAL B 228 -30.45 -0.36 -13.47
N LYS B 229 -29.14 -0.24 -13.60
CA LYS B 229 -28.32 0.41 -12.58
C LYS B 229 -28.71 1.87 -12.42
N TYR B 230 -28.88 2.59 -13.53
CA TYR B 230 -29.24 4.00 -13.46
C TYR B 230 -30.65 4.18 -12.92
N LEU B 231 -31.55 3.24 -13.23
CA LEU B 231 -32.95 3.43 -12.86
C LEU B 231 -33.16 3.23 -11.37
N ILE B 232 -32.42 2.32 -10.74
CA ILE B 232 -32.70 1.97 -9.35
C ILE B 232 -31.75 2.67 -8.38
N ARG B 233 -31.22 3.81 -8.78
CA ARG B 233 -30.54 4.67 -7.82
C ARG B 233 -31.54 5.05 -6.74
N PRO B 234 -31.34 4.62 -5.49
CA PRO B 234 -32.41 4.70 -4.49
C PRO B 234 -32.54 6.09 -3.88
N GLN B 235 -33.77 6.40 -3.47
CA GLN B 235 -33.99 7.56 -2.63
C GLN B 235 -33.21 7.39 -1.32
N PRO B 236 -32.83 8.49 -0.67
CA PRO B 236 -32.05 8.37 0.57
C PRO B 236 -32.69 7.48 1.62
N TRP B 237 -34.00 7.57 1.84
CA TRP B 237 -34.65 6.72 2.84
C TRP B 237 -34.52 5.26 2.47
N LEU B 238 -34.64 4.93 1.18
CA LEU B 238 -34.51 3.53 0.75
C LEU B 238 -33.07 3.04 0.89
N GLU B 239 -32.10 3.94 0.74
CA GLU B 239 -30.70 3.56 0.96
C GLU B 239 -30.46 3.18 2.41
N LYS B 240 -31.05 3.94 3.34
CA LYS B 240 -30.93 3.60 4.76
C LYS B 240 -31.63 2.30 5.07
N GLU B 241 -32.81 2.08 4.48
CA GLU B 241 -33.54 0.83 4.69
C GLU B 241 -32.72 -0.38 4.26
N ILE B 242 -32.05 -0.27 3.10
CA ILE B 242 -31.21 -1.36 2.61
C ILE B 242 -30.06 -1.63 3.58
N GLU B 243 -29.42 -0.56 4.06
CA GLU B 243 -28.31 -0.71 4.99
C GLU B 243 -28.75 -1.37 6.29
N GLU B 244 -29.88 -0.92 6.84
CA GLU B 244 -30.39 -1.49 8.09
C GLU B 244 -30.81 -2.95 7.89
N ALA B 245 -31.55 -3.22 6.81
CA ALA B 245 -31.96 -4.59 6.53
C ALA B 245 -30.76 -5.51 6.37
N THR B 246 -29.66 -5.00 5.82
CA THR B 246 -28.45 -5.81 5.67
C THR B 246 -27.90 -6.24 7.02
N LYS B 247 -27.95 -5.35 8.01
CA LYS B 247 -27.42 -5.69 9.34
C LYS B 247 -28.38 -6.58 10.11
N LYS B 248 -29.67 -6.25 10.09
CA LYS B 248 -30.64 -7.02 10.86
C LYS B 248 -30.78 -8.44 10.33
N LEU B 249 -30.70 -8.61 9.01
CA LEU B 249 -30.82 -9.95 8.43
C LEU B 249 -29.56 -10.79 8.63
N GLY B 250 -28.44 -10.16 8.98
CA GLY B 250 -27.19 -10.89 9.05
C GLY B 250 -26.64 -11.27 7.69
N PHE B 251 -26.84 -10.43 6.69
CA PHE B 251 -26.41 -10.70 5.32
C PHE B 251 -24.89 -10.59 5.26
N LYS B 252 -24.21 -11.73 5.27
CA LYS B 252 -22.75 -11.78 5.22
C LYS B 252 -22.31 -12.70 4.10
N HIS B 253 -21.07 -12.47 3.60
CA HIS B 253 -20.55 -13.32 2.56
C HIS B 253 -19.66 -14.41 3.14
N PRO B 254 -19.62 -15.60 2.53
CA PRO B 254 -20.39 -15.98 1.33
C PRO B 254 -21.85 -16.28 1.60
N VAL B 255 -22.70 -16.02 0.62
CA VAL B 255 -24.14 -16.25 0.73
C VAL B 255 -24.68 -16.51 -0.68
N ILE B 256 -25.63 -17.45 -0.77
CA ILE B 256 -26.25 -17.82 -2.03
C ILE B 256 -27.71 -17.36 -2.00
N GLY B 257 -28.15 -16.74 -3.09
CA GLY B 257 -29.53 -16.29 -3.20
C GLY B 257 -30.39 -17.32 -3.90
N VAL B 258 -31.57 -17.56 -3.35
CA VAL B 258 -32.53 -18.51 -3.92
C VAL B 258 -33.87 -17.79 -4.03
N HIS B 259 -34.39 -17.75 -5.25
CA HIS B 259 -35.72 -17.15 -5.50
C HIS B 259 -36.66 -18.25 -5.92
N VAL B 260 -37.63 -18.57 -5.07
CA VAL B 260 -38.63 -19.59 -5.33
C VAL B 260 -39.93 -18.87 -5.66
N ARG B 261 -40.27 -18.83 -6.95
CA ARG B 261 -41.44 -18.13 -7.44
C ARG B 261 -42.59 -19.11 -7.58
N ARG B 262 -43.72 -18.81 -6.93
CA ARG B 262 -44.90 -19.67 -7.01
C ARG B 262 -46.17 -18.84 -7.17
N THR B 263 -47.16 -19.08 -6.31
CA THR B 263 -48.49 -18.47 -6.41
C THR B 263 -49.02 -18.51 -7.85
N ASP B 264 -49.27 -17.32 -8.41
CA ASP B 264 -49.92 -17.22 -9.71
C ASP B 264 -48.99 -17.51 -10.88
N LYS B 265 -47.70 -17.72 -10.62
CA LYS B 265 -46.75 -17.95 -11.72
C LYS B 265 -46.89 -19.37 -12.29
N VAL B 266 -47.27 -20.34 -11.45
CA VAL B 266 -47.25 -21.74 -11.85
C VAL B 266 -48.35 -22.11 -12.83
N GLY B 267 -49.27 -21.18 -13.14
CA GLY B 267 -50.33 -21.45 -14.09
C GLY B 267 -49.83 -21.91 -15.44
N THR B 268 -49.33 -20.96 -16.24
CA THR B 268 -48.78 -21.29 -17.55
C THR B 268 -47.45 -20.62 -17.85
N GLU B 269 -47.02 -19.65 -17.04
CA GLU B 269 -45.74 -19.00 -17.29
C GLU B 269 -44.56 -19.86 -16.81
N ALA B 270 -44.77 -20.69 -15.80
CA ALA B 270 -43.71 -21.52 -15.25
C ALA B 270 -44.33 -22.73 -14.56
N ALA B 271 -43.50 -23.52 -13.89
CA ALA B 271 -43.95 -24.73 -13.22
C ALA B 271 -43.56 -24.69 -11.75
N PHE B 272 -44.24 -25.51 -10.96
CA PHE B 272 -43.91 -25.64 -9.54
C PHE B 272 -42.62 -26.42 -9.38
N HIS B 273 -41.67 -25.86 -8.62
CA HIS B 273 -40.40 -26.50 -8.36
C HIS B 273 -40.26 -26.76 -6.87
N PRO B 274 -40.03 -28.00 -6.44
CA PRO B 274 -39.81 -28.25 -5.01
C PRO B 274 -38.54 -27.59 -4.53
N ILE B 275 -38.47 -27.39 -3.21
CA ILE B 275 -37.30 -26.74 -2.62
C ILE B 275 -36.03 -27.55 -2.88
N GLU B 276 -36.17 -28.86 -3.03
CA GLU B 276 -35.00 -29.71 -3.25
C GLU B 276 -34.34 -29.42 -4.59
N GLU B 277 -35.12 -29.03 -5.61
CA GLU B 277 -34.53 -28.74 -6.91
C GLU B 277 -33.63 -27.52 -6.85
N TYR B 278 -33.93 -26.56 -5.98
CA TYR B 278 -33.06 -25.39 -5.83
C TYR B 278 -31.82 -25.75 -5.03
N MET B 279 -31.99 -26.50 -3.93
CA MET B 279 -30.92 -26.68 -2.96
C MET B 279 -29.79 -27.58 -3.48
N VAL B 280 -30.07 -28.45 -4.45
CA VAL B 280 -29.00 -29.28 -4.99
C VAL B 280 -27.93 -28.43 -5.65
N HIS B 281 -28.34 -27.33 -6.30
CA HIS B 281 -27.37 -26.43 -6.91
C HIS B 281 -26.78 -25.47 -5.88
N VAL B 282 -27.53 -25.15 -4.82
CA VAL B 282 -26.97 -24.39 -3.71
C VAL B 282 -25.86 -25.19 -3.04
N GLU B 283 -26.11 -26.48 -2.80
CA GLU B 283 -25.11 -27.32 -2.14
C GLU B 283 -23.87 -27.50 -3.01
N GLU B 284 -24.07 -27.68 -4.32
CA GLU B 284 -22.92 -27.89 -5.20
C GLU B 284 -22.02 -26.67 -5.23
N HIS B 285 -22.60 -25.47 -5.27
CA HIS B 285 -21.79 -24.27 -5.36
C HIS B 285 -21.07 -23.96 -4.05
N PHE B 286 -21.68 -24.32 -2.91
CA PHE B 286 -20.99 -24.12 -1.65
C PHE B 286 -19.77 -25.03 -1.53
N GLN B 287 -19.87 -26.25 -2.08
CA GLN B 287 -18.70 -27.12 -2.15
C GLN B 287 -17.62 -26.48 -3.02
N LEU B 288 -18.01 -25.85 -4.13
CA LEU B 288 -17.05 -25.16 -4.99
C LEU B 288 -16.39 -24.01 -4.25
N LEU B 289 -17.20 -23.17 -3.58
CA LEU B 289 -16.64 -22.05 -2.83
C LEU B 289 -15.75 -22.52 -1.69
N ALA B 290 -16.06 -23.68 -1.10
CA ALA B 290 -15.26 -24.19 0.00
C ALA B 290 -13.83 -24.53 -0.42
N ARG B 291 -13.58 -24.66 -1.73
CA ARG B 291 -12.23 -24.95 -2.20
C ARG B 291 -11.33 -23.71 -2.25
N ARG B 292 -11.92 -22.52 -2.27
CA ARG B 292 -11.16 -21.29 -2.39
C ARG B 292 -11.26 -20.37 -1.18
N MET B 293 -12.18 -20.62 -0.26
CA MET B 293 -12.39 -19.75 0.89
C MET B 293 -12.90 -20.57 2.06
N GLN B 294 -12.85 -19.97 3.24
CA GLN B 294 -13.39 -20.59 4.45
C GLN B 294 -14.89 -20.35 4.51
N VAL B 295 -15.66 -21.43 4.60
CA VAL B 295 -17.12 -21.36 4.67
C VAL B 295 -17.51 -21.99 6.00
N ASP B 296 -17.62 -21.16 7.04
CA ASP B 296 -18.01 -21.68 8.35
C ASP B 296 -19.53 -21.91 8.42
N LYS B 297 -20.32 -21.01 7.85
CA LYS B 297 -21.76 -21.15 7.81
C LYS B 297 -22.23 -20.98 6.37
N LYS B 298 -23.11 -21.87 5.92
CA LYS B 298 -23.69 -21.80 4.59
C LYS B 298 -24.96 -20.98 4.66
N ARG B 299 -24.88 -19.71 4.25
CA ARG B 299 -26.00 -18.80 4.31
C ARG B 299 -26.76 -18.80 2.99
N VAL B 300 -28.09 -18.87 3.07
CA VAL B 300 -28.96 -18.86 1.91
C VAL B 300 -29.97 -17.75 2.11
N TYR B 301 -29.99 -16.79 1.19
CA TYR B 301 -31.03 -15.77 1.19
C TYR B 301 -32.21 -16.28 0.38
N LEU B 302 -33.33 -16.53 1.05
CA LEU B 302 -34.51 -17.09 0.43
C LEU B 302 -35.53 -15.98 0.20
N ALA B 303 -35.75 -15.63 -1.06
CA ALA B 303 -36.83 -14.73 -1.46
C ALA B 303 -37.92 -15.57 -2.12
N THR B 304 -39.14 -15.45 -1.62
CA THR B 304 -40.25 -16.24 -2.14
C THR B 304 -41.55 -15.52 -1.85
N ASP B 305 -42.56 -15.86 -2.65
CA ASP B 305 -43.93 -15.40 -2.43
C ASP B 305 -44.78 -16.47 -1.76
N ASP B 306 -44.16 -17.57 -1.32
CA ASP B 306 -44.82 -18.60 -0.52
C ASP B 306 -44.34 -18.47 0.92
N PRO B 307 -45.12 -17.86 1.82
CA PRO B 307 -44.64 -17.64 3.20
C PRO B 307 -44.49 -18.91 4.01
N SER B 308 -45.04 -20.04 3.58
CA SER B 308 -44.88 -21.29 4.30
C SER B 308 -43.59 -22.02 3.94
N LEU B 309 -42.85 -21.53 2.95
CA LEU B 309 -41.67 -22.24 2.48
C LEU B 309 -40.51 -22.14 3.47
N LEU B 310 -40.39 -21.01 4.17
CA LEU B 310 -39.23 -20.78 5.04
C LEU B 310 -39.13 -21.85 6.13
N LYS B 311 -40.23 -22.08 6.86
CA LYS B 311 -40.22 -23.11 7.89
C LYS B 311 -39.93 -24.49 7.31
N GLU B 312 -40.40 -24.76 6.09
CA GLU B 312 -40.11 -26.03 5.45
C GLU B 312 -38.63 -26.15 5.10
N ALA B 313 -38.03 -25.07 4.59
CA ALA B 313 -36.63 -25.13 4.18
C ALA B 313 -35.70 -25.28 5.38
N LYS B 314 -36.00 -24.58 6.47
CA LYS B 314 -35.17 -24.68 7.67
C LYS B 314 -35.23 -26.07 8.29
N THR B 315 -36.38 -26.75 8.16
CA THR B 315 -36.50 -28.10 8.70
C THR B 315 -35.71 -29.10 7.85
N LYS B 316 -35.87 -29.04 6.54
CA LYS B 316 -35.25 -30.02 5.66
C LYS B 316 -33.76 -29.79 5.45
N TYR B 317 -33.26 -28.60 5.79
CA TYR B 317 -31.85 -28.26 5.61
C TYR B 317 -31.33 -27.60 6.88
N PRO B 318 -31.14 -28.39 7.94
CA PRO B 318 -30.74 -27.80 9.23
C PRO B 318 -29.31 -27.27 9.26
N ASN B 319 -28.44 -27.77 8.39
CA ASN B 319 -27.06 -27.27 8.35
C ASN B 319 -26.95 -25.91 7.67
N TYR B 320 -28.04 -25.39 7.12
CA TYR B 320 -28.03 -24.11 6.42
C TYR B 320 -28.62 -23.02 7.30
N GLU B 321 -28.10 -21.81 7.14
CA GLU B 321 -28.63 -20.62 7.81
C GLU B 321 -29.44 -19.84 6.78
N PHE B 322 -30.76 -19.95 6.88
CA PHE B 322 -31.64 -19.28 5.93
C PHE B 322 -31.88 -17.84 6.36
N ILE B 323 -31.61 -16.91 5.45
CA ILE B 323 -31.84 -15.49 5.66
C ILE B 323 -33.05 -15.10 4.82
N SER B 324 -34.11 -14.64 5.49
CA SER B 324 -35.36 -14.42 4.80
C SER B 324 -36.25 -13.53 5.66
N ASP B 325 -37.15 -12.81 5.00
CA ASP B 325 -38.16 -11.97 5.66
C ASP B 325 -39.53 -12.54 5.32
N ASN B 326 -40.13 -13.25 6.29
CA ASN B 326 -41.39 -13.91 6.02
C ASN B 326 -42.55 -12.92 5.93
N SER B 327 -42.44 -11.77 6.60
CA SER B 327 -43.44 -10.73 6.43
C SER B 327 -43.48 -10.26 4.98
N ILE B 328 -42.32 -10.05 4.38
CA ILE B 328 -42.25 -9.69 2.97
C ILE B 328 -42.84 -10.80 2.10
N SER B 329 -42.52 -12.05 2.42
CA SER B 329 -43.05 -13.18 1.66
C SER B 329 -44.57 -13.22 1.71
N TRP B 330 -45.14 -13.00 2.90
CA TRP B 330 -46.60 -13.02 3.04
C TRP B 330 -47.24 -11.88 2.27
N SER B 331 -46.59 -10.71 2.26
CA SER B 331 -47.13 -9.56 1.53
C SER B 331 -46.95 -9.68 0.03
N ALA B 332 -46.18 -10.65 -0.45
CA ALA B 332 -46.06 -10.88 -1.88
C ALA B 332 -47.23 -11.65 -2.46
N GLY B 333 -48.18 -12.08 -1.62
CA GLY B 333 -49.37 -12.74 -2.12
C GLY B 333 -50.21 -11.83 -2.98
N LEU B 334 -51.11 -12.46 -3.75
CA LEU B 334 -51.88 -11.73 -4.76
C LEU B 334 -52.77 -10.64 -4.15
N HIS B 335 -53.15 -10.76 -2.88
CA HIS B 335 -54.09 -9.82 -2.28
C HIS B 335 -53.42 -8.66 -1.57
N ASN B 336 -52.09 -8.69 -1.40
CA ASN B 336 -51.36 -7.58 -0.78
C ASN B 336 -50.13 -7.21 -1.59
N ARG B 337 -50.08 -7.59 -2.86
CA ARG B 337 -48.87 -7.43 -3.67
C ARG B 337 -48.65 -5.99 -4.10
N TYR B 338 -49.72 -5.27 -4.42
CA TYR B 338 -49.58 -3.92 -4.99
C TYR B 338 -49.89 -2.87 -3.92
N THR B 339 -48.97 -2.76 -2.98
CA THR B 339 -49.00 -1.72 -1.97
C THR B 339 -47.59 -1.14 -1.82
N GLU B 340 -47.51 0.04 -1.20
CA GLU B 340 -46.21 0.67 -1.00
C GLU B 340 -45.32 -0.17 -0.09
N ASN B 341 -45.89 -0.85 0.89
CA ASN B 341 -45.08 -1.71 1.75
C ASN B 341 -44.58 -2.94 0.99
N SER B 342 -45.43 -3.52 0.14
CA SER B 342 -45.00 -4.66 -0.66
C SER B 342 -43.99 -4.25 -1.71
N LEU B 343 -44.09 -3.02 -2.24
CA LEU B 343 -43.10 -2.53 -3.18
C LEU B 343 -41.72 -2.47 -2.53
N ARG B 344 -41.64 -1.92 -1.32
CA ARG B 344 -40.40 -1.97 -0.56
C ARG B 344 -39.92 -3.40 -0.36
N GLY B 345 -40.85 -4.35 -0.23
CA GLY B 345 -40.44 -5.73 0.01
C GLY B 345 -39.76 -6.35 -1.19
N VAL B 346 -40.33 -6.18 -2.38
CA VAL B 346 -39.74 -6.80 -3.56
C VAL B 346 -38.43 -6.13 -3.94
N ILE B 347 -38.28 -4.83 -3.62
CA ILE B 347 -37.03 -4.15 -3.90
C ILE B 347 -35.92 -4.67 -2.99
N LEU B 348 -36.26 -4.92 -1.72
CA LEU B 348 -35.28 -5.48 -0.79
C LEU B 348 -34.89 -6.90 -1.21
N ASP B 349 -35.89 -7.74 -1.52
CA ASP B 349 -35.62 -9.10 -1.95
C ASP B 349 -34.71 -9.13 -3.18
N ILE B 350 -35.05 -8.32 -4.19
CA ILE B 350 -34.24 -8.28 -5.41
C ILE B 350 -32.82 -7.81 -5.09
N HIS B 351 -32.69 -6.83 -4.21
CA HIS B 351 -31.37 -6.31 -3.85
C HIS B 351 -30.49 -7.41 -3.25
N PHE B 352 -31.01 -8.13 -2.26
CA PHE B 352 -30.20 -9.14 -1.60
C PHE B 352 -29.97 -10.36 -2.49
N LEU B 353 -30.92 -10.66 -3.39
CA LEU B 353 -30.68 -11.70 -4.39
C LEU B 353 -29.50 -11.32 -5.29
N SER B 354 -29.43 -10.06 -5.71
CA SER B 354 -28.38 -9.60 -6.60
C SER B 354 -27.03 -9.48 -5.93
N GLN B 355 -26.98 -9.31 -4.62
CA GLN B 355 -25.72 -9.17 -3.91
C GLN B 355 -25.08 -10.51 -3.55
N ALA B 356 -25.79 -11.62 -3.73
CA ALA B 356 -25.27 -12.92 -3.34
C ALA B 356 -24.10 -13.33 -4.24
N ASP B 357 -23.32 -14.30 -3.75
CA ASP B 357 -22.23 -14.85 -4.55
C ASP B 357 -22.75 -15.69 -5.70
N PHE B 358 -23.95 -16.25 -5.56
CA PHE B 358 -24.52 -17.16 -6.54
C PHE B 358 -26.03 -17.05 -6.47
N LEU B 359 -26.71 -17.30 -7.58
CA LEU B 359 -28.14 -17.07 -7.70
C LEU B 359 -28.80 -18.30 -8.32
N VAL B 360 -29.65 -18.96 -7.55
CA VAL B 360 -30.41 -20.13 -8.01
C VAL B 360 -31.88 -19.75 -8.06
N CYS B 361 -32.51 -19.98 -9.21
CA CYS B 361 -33.89 -19.55 -9.43
C CYS B 361 -34.46 -20.09 -10.73
N THR B 362 -35.54 -19.47 -11.20
CA THR B 362 -36.11 -19.73 -12.52
C THR B 362 -36.11 -18.42 -13.29
N PHE B 363 -35.34 -18.38 -14.39
CA PHE B 363 -35.28 -17.17 -15.20
C PHE B 363 -36.60 -16.84 -15.89
N SER B 364 -37.58 -17.74 -15.83
CA SER B 364 -38.92 -17.40 -16.31
C SER B 364 -39.55 -16.29 -15.49
N SER B 365 -39.10 -16.09 -14.26
CA SER B 365 -39.60 -15.01 -13.40
C SER B 365 -38.81 -13.74 -13.67
N GLN B 366 -39.53 -12.65 -13.92
CA GLN B 366 -38.88 -11.36 -14.12
C GLN B 366 -38.15 -10.89 -12.85
N VAL B 367 -38.57 -11.37 -11.68
CA VAL B 367 -37.90 -10.96 -10.44
C VAL B 367 -36.46 -11.42 -10.43
N CYS B 368 -36.22 -12.69 -10.77
CA CYS B 368 -34.85 -13.20 -10.72
C CYS B 368 -34.00 -12.59 -11.83
N ARG B 369 -34.59 -12.32 -12.99
CA ARG B 369 -33.84 -11.72 -14.08
C ARG B 369 -33.31 -10.34 -13.70
N VAL B 370 -34.15 -9.54 -13.03
CA VAL B 370 -33.69 -8.23 -12.56
C VAL B 370 -32.51 -8.38 -11.61
N ALA B 371 -32.62 -9.34 -10.68
CA ALA B 371 -31.52 -9.57 -9.73
C ALA B 371 -30.25 -10.00 -10.45
N TYR B 372 -30.38 -10.87 -11.45
CA TYR B 372 -29.21 -11.29 -12.22
C TYR B 372 -28.60 -10.12 -12.98
N GLU B 373 -29.45 -9.21 -13.47
CA GLU B 373 -28.96 -8.04 -14.18
C GLU B 373 -28.22 -7.09 -13.24
N ILE B 374 -28.83 -6.81 -12.08
CA ILE B 374 -28.16 -5.97 -11.08
C ILE B 374 -26.83 -6.58 -10.66
N MET B 375 -26.79 -7.92 -10.55
CA MET B 375 -25.57 -8.60 -10.15
C MET B 375 -24.42 -8.29 -11.09
N GLN B 376 -24.70 -8.04 -12.37
CA GLN B 376 -23.64 -7.75 -13.32
C GLN B 376 -22.95 -6.42 -13.02
N THR B 377 -23.66 -5.49 -12.39
CA THR B 377 -23.06 -4.20 -12.04
C THR B 377 -22.23 -4.27 -10.77
N LEU B 378 -22.23 -5.40 -10.05
CA LEU B 378 -21.56 -5.52 -8.77
C LEU B 378 -20.22 -6.24 -8.85
N HIS B 379 -19.87 -6.81 -10.00
CA HIS B 379 -18.63 -7.55 -10.17
C HIS B 379 -18.13 -7.33 -11.59
N PRO B 380 -16.83 -7.48 -11.83
CA PRO B 380 -16.33 -7.33 -13.21
C PRO B 380 -16.97 -8.30 -14.19
N ASP B 381 -17.16 -9.56 -13.81
CA ASP B 381 -17.80 -10.53 -14.70
C ASP B 381 -18.51 -11.57 -13.83
N ALA B 382 -19.80 -11.31 -13.58
CA ALA B 382 -20.65 -12.25 -12.85
C ALA B 382 -21.63 -12.97 -13.77
N SER B 383 -21.31 -13.07 -15.06
CA SER B 383 -22.26 -13.63 -16.02
C SER B 383 -22.57 -15.09 -15.73
N ALA B 384 -21.63 -15.83 -15.16
CA ALA B 384 -21.80 -17.26 -14.92
C ALA B 384 -22.13 -17.58 -13.46
N ASN B 385 -22.53 -16.57 -12.68
CA ASN B 385 -22.83 -16.76 -11.26
C ASN B 385 -24.29 -17.09 -11.01
N PHE B 386 -24.89 -17.93 -11.84
CA PHE B 386 -26.30 -18.27 -11.71
C PHE B 386 -26.52 -19.73 -12.06
N HIS B 387 -27.69 -20.24 -11.66
CA HIS B 387 -28.24 -21.47 -12.23
C HIS B 387 -29.75 -21.33 -12.29
N SER B 388 -30.31 -21.44 -13.48
CA SER B 388 -31.75 -21.35 -13.68
C SER B 388 -32.34 -22.75 -13.80
N LEU B 389 -33.52 -22.94 -13.20
CA LEU B 389 -34.19 -24.23 -13.30
C LEU B 389 -34.97 -24.40 -14.59
N ASP B 390 -35.24 -23.31 -15.31
CA ASP B 390 -35.92 -23.45 -16.59
C ASP B 390 -35.20 -22.68 -17.71
N ASP B 391 -35.64 -21.46 -18.00
CA ASP B 391 -35.16 -20.75 -19.18
C ASP B 391 -33.72 -20.27 -18.99
N ILE B 392 -33.08 -20.00 -20.13
CA ILE B 392 -31.81 -19.29 -20.15
C ILE B 392 -32.11 -17.81 -19.96
N TYR B 393 -31.07 -16.97 -19.91
CA TYR B 393 -31.32 -15.54 -19.80
C TYR B 393 -31.96 -15.02 -21.09
N TYR B 394 -32.98 -14.18 -20.91
CA TYR B 394 -33.59 -13.47 -22.02
C TYR B 394 -34.11 -12.13 -21.51
N PHE B 395 -34.32 -11.22 -22.45
CA PHE B 395 -35.03 -9.97 -22.18
C PHE B 395 -36.30 -9.98 -23.01
N GLY B 396 -37.45 -9.93 -22.34
CA GLY B 396 -38.72 -9.95 -23.03
C GLY B 396 -38.83 -8.90 -24.12
N GLY B 397 -39.12 -9.34 -25.35
CA GLY B 397 -39.16 -8.45 -26.49
C GLY B 397 -37.89 -8.39 -27.29
N GLN B 398 -36.87 -9.15 -26.91
CA GLN B 398 -35.59 -9.12 -27.59
C GLN B 398 -35.72 -9.63 -29.03
N ASN B 399 -34.69 -9.36 -29.82
CA ASN B 399 -34.57 -9.97 -31.14
C ASN B 399 -34.10 -11.42 -31.01
N ALA B 400 -34.05 -12.11 -32.14
CA ALA B 400 -33.74 -13.54 -32.16
C ALA B 400 -32.38 -13.81 -31.50
N HIS B 401 -32.39 -14.69 -30.49
CA HIS B 401 -31.16 -15.11 -29.84
C HIS B 401 -30.56 -16.26 -30.66
N ASN B 402 -29.47 -15.96 -31.36
CA ASN B 402 -28.86 -16.92 -32.27
C ASN B 402 -27.50 -17.37 -31.75
N GLN B 403 -27.16 -18.62 -32.07
CA GLN B 403 -25.85 -19.20 -31.81
C GLN B 403 -25.25 -19.67 -33.13
N ILE B 404 -23.95 -19.91 -33.11
CA ILE B 404 -23.21 -20.41 -34.27
C ILE B 404 -22.57 -21.74 -33.89
N ALA B 405 -22.78 -22.76 -34.71
CA ALA B 405 -22.17 -24.06 -34.46
C ALA B 405 -20.69 -24.00 -34.78
N ILE B 406 -19.87 -24.49 -33.84
CA ILE B 406 -18.42 -24.49 -34.02
C ILE B 406 -17.96 -25.89 -34.37
N TYR B 407 -18.71 -26.90 -33.93
CA TYR B 407 -18.39 -28.30 -34.20
C TYR B 407 -19.61 -28.97 -34.80
N ALA B 408 -19.37 -29.89 -35.74
CA ALA B 408 -20.47 -30.61 -36.38
C ALA B 408 -21.11 -31.58 -35.39
N HIS B 409 -22.33 -32.00 -35.73
CA HIS B 409 -23.05 -32.97 -34.91
C HIS B 409 -23.97 -33.80 -35.78
N GLN B 410 -23.84 -35.12 -35.68
CA GLN B 410 -24.79 -36.03 -36.31
C GLN B 410 -25.81 -36.48 -35.28
N PRO B 411 -27.11 -36.37 -35.56
CA PRO B 411 -28.12 -36.75 -34.58
C PRO B 411 -28.10 -38.25 -34.30
N ARG B 412 -27.98 -38.60 -33.01
CA ARG B 412 -28.00 -39.99 -32.61
C ARG B 412 -29.42 -40.52 -32.48
N THR B 413 -30.34 -39.69 -32.02
CA THR B 413 -31.75 -40.02 -31.93
C THR B 413 -32.55 -39.12 -32.88
N ALA B 414 -33.83 -39.45 -33.03
CA ALA B 414 -34.70 -38.63 -33.88
C ALA B 414 -34.98 -37.27 -33.25
N ASP B 415 -34.80 -37.13 -31.94
CA ASP B 415 -35.06 -35.86 -31.26
C ASP B 415 -33.94 -34.85 -31.46
N GLU B 416 -32.80 -35.25 -32.00
CA GLU B 416 -31.67 -34.36 -32.21
C GLU B 416 -31.66 -33.84 -33.64
N ILE B 417 -30.98 -32.72 -33.83
CA ILE B 417 -30.87 -32.10 -35.15
C ILE B 417 -29.42 -32.09 -35.60
N PRO B 418 -29.14 -32.22 -36.89
CA PRO B 418 -27.76 -32.14 -37.37
C PRO B 418 -27.26 -30.71 -37.38
N MET B 419 -25.95 -30.57 -37.26
CA MET B 419 -25.29 -29.27 -37.30
C MET B 419 -24.00 -29.37 -38.08
N GLU B 420 -23.70 -28.31 -38.83
CA GLU B 420 -22.42 -28.13 -39.48
C GLU B 420 -21.79 -26.83 -38.99
N PRO B 421 -20.46 -26.75 -38.96
CA PRO B 421 -19.81 -25.52 -38.47
C PRO B 421 -20.27 -24.29 -39.26
N GLY B 422 -20.68 -23.26 -38.53
CA GLY B 422 -21.17 -22.04 -39.14
C GLY B 422 -22.68 -21.96 -39.28
N ASP B 423 -23.41 -23.01 -38.89
CA ASP B 423 -24.86 -22.97 -38.97
C ASP B 423 -25.43 -22.06 -37.90
N ILE B 424 -26.35 -21.19 -38.29
CA ILE B 424 -27.04 -20.31 -37.35
C ILE B 424 -28.11 -21.12 -36.63
N ILE B 425 -28.09 -21.07 -35.30
CA ILE B 425 -29.01 -21.83 -34.46
C ILE B 425 -29.76 -20.85 -33.56
N GLY B 426 -31.07 -20.75 -33.77
CA GLY B 426 -31.91 -19.98 -32.87
C GLY B 426 -32.26 -20.77 -31.63
N VAL B 427 -31.57 -20.47 -30.52
CA VAL B 427 -31.73 -21.27 -29.32
C VAL B 427 -33.07 -20.95 -28.66
N ALA B 428 -33.75 -21.99 -28.20
CA ALA B 428 -34.97 -21.85 -27.41
C ALA B 428 -34.73 -22.05 -25.92
N GLY B 429 -33.69 -22.80 -25.56
CA GLY B 429 -33.38 -23.02 -24.16
C GLY B 429 -32.27 -24.04 -23.95
N ASN B 430 -31.70 -24.04 -22.76
CA ASN B 430 -30.69 -25.01 -22.35
C ASN B 430 -31.32 -25.93 -21.31
N HIS B 431 -31.24 -27.25 -21.56
CA HIS B 431 -31.84 -28.22 -20.66
C HIS B 431 -30.92 -28.60 -19.50
N TRP B 432 -29.74 -27.99 -19.41
CA TRP B 432 -28.82 -28.17 -18.28
C TRP B 432 -28.42 -29.64 -18.10
N ASP B 433 -28.48 -30.41 -19.18
CA ASP B 433 -28.06 -31.80 -19.16
C ASP B 433 -27.04 -32.10 -20.26
N GLY B 434 -26.38 -31.07 -20.78
CA GLY B 434 -25.49 -31.21 -21.91
C GLY B 434 -26.12 -30.90 -23.25
N TYR B 435 -27.45 -30.89 -23.32
CA TYR B 435 -28.16 -30.65 -24.57
C TYR B 435 -28.98 -29.37 -24.48
N SER B 436 -29.12 -28.71 -25.63
CA SER B 436 -29.95 -27.52 -25.76
C SER B 436 -30.99 -27.75 -26.86
N LYS B 437 -32.07 -27.00 -26.79
CA LYS B 437 -33.14 -27.07 -27.78
C LYS B 437 -33.09 -25.81 -28.65
N GLY B 438 -33.15 -26.01 -29.97
CA GLY B 438 -33.11 -24.87 -30.88
C GLY B 438 -33.47 -25.31 -32.29
N VAL B 439 -33.42 -24.35 -33.20
CA VAL B 439 -33.73 -24.57 -34.60
C VAL B 439 -32.50 -24.25 -35.43
N ASN B 440 -32.21 -25.10 -36.41
CA ASN B 440 -31.15 -24.84 -37.38
C ASN B 440 -31.77 -24.01 -38.49
N ARG B 441 -31.48 -22.71 -38.51
CA ARG B 441 -32.07 -21.81 -39.49
C ARG B 441 -31.64 -22.13 -40.92
N LYS B 442 -30.58 -22.93 -41.10
CA LYS B 442 -30.21 -23.39 -42.43
C LYS B 442 -31.12 -24.51 -42.92
N LEU B 443 -31.66 -25.32 -42.00
CA LEU B 443 -32.47 -26.48 -42.37
C LEU B 443 -33.92 -26.40 -41.94
N GLY B 444 -34.30 -25.41 -41.11
CA GLY B 444 -35.67 -25.31 -40.67
C GLY B 444 -36.14 -26.47 -39.82
N ARG B 445 -35.22 -27.18 -39.15
CA ARG B 445 -35.56 -28.30 -38.30
C ARG B 445 -35.21 -27.97 -36.85
N THR B 446 -36.11 -28.33 -35.94
CA THR B 446 -35.97 -28.03 -34.52
C THR B 446 -35.72 -29.31 -33.74
N GLY B 447 -34.79 -29.24 -32.81
CA GLY B 447 -34.49 -30.40 -31.99
C GLY B 447 -33.38 -30.11 -31.01
N LEU B 448 -32.76 -31.18 -30.51
CA LEU B 448 -31.71 -31.10 -29.51
C LEU B 448 -30.34 -31.13 -30.16
N TYR B 449 -29.37 -30.53 -29.49
CA TYR B 449 -27.98 -30.52 -29.94
C TYR B 449 -27.09 -30.39 -28.72
N PRO B 450 -25.88 -30.95 -28.76
CA PRO B 450 -24.95 -30.78 -27.64
C PRO B 450 -24.62 -29.31 -27.43
N SER B 451 -24.71 -28.87 -26.18
CA SER B 451 -24.57 -27.45 -25.87
C SER B 451 -23.16 -26.95 -26.12
N TYR B 452 -22.15 -27.82 -26.02
CA TYR B 452 -20.77 -27.38 -26.17
C TYR B 452 -20.37 -27.17 -27.62
N LYS B 453 -21.19 -27.60 -28.58
CA LYS B 453 -20.85 -27.52 -29.99
C LYS B 453 -21.27 -26.21 -30.64
N VAL B 454 -21.69 -25.23 -29.85
CA VAL B 454 -22.09 -23.93 -30.37
C VAL B 454 -21.44 -22.84 -29.53
N ARG B 455 -21.39 -21.64 -30.10
CA ARG B 455 -20.95 -20.45 -29.39
C ARG B 455 -21.99 -19.34 -29.59
N GLU B 456 -21.99 -18.39 -28.68
CA GLU B 456 -22.93 -17.28 -28.77
C GLU B 456 -22.53 -16.32 -29.87
N LYS B 457 -23.52 -15.83 -30.61
CA LYS B 457 -23.31 -14.85 -31.67
C LYS B 457 -23.55 -13.46 -31.08
N ILE B 458 -22.47 -12.72 -30.85
CA ILE B 458 -22.56 -11.38 -30.26
C ILE B 458 -23.06 -10.42 -31.33
N GLU B 459 -24.27 -9.91 -31.15
CA GLU B 459 -24.85 -8.95 -32.07
C GLU B 459 -24.52 -7.53 -31.64
N THR B 460 -24.33 -6.66 -32.63
CA THR B 460 -23.97 -5.27 -32.39
C THR B 460 -24.93 -4.34 -33.13
N VAL B 461 -25.07 -3.13 -32.60
CA VAL B 461 -25.91 -2.08 -33.20
C VAL B 461 -25.16 -0.76 -33.07
N LYS B 462 -25.25 0.07 -34.12
CA LYS B 462 -24.60 1.38 -34.12
C LYS B 462 -25.40 2.34 -33.25
N TYR B 463 -24.94 2.52 -31.99
CA TYR B 463 -25.47 3.47 -31.02
C TYR B 463 -24.71 4.79 -31.10
N PRO B 464 -25.36 5.91 -30.78
CA PRO B 464 -24.63 7.16 -30.59
C PRO B 464 -23.69 7.04 -29.40
N THR B 465 -22.53 7.71 -29.50
CA THR B 465 -21.50 7.58 -28.48
C THR B 465 -21.47 8.75 -27.51
N TYR B 466 -22.18 9.84 -27.80
CA TYR B 466 -22.26 11.03 -26.94
C TYR B 466 -20.86 11.50 -26.55
N PRO B 467 -20.08 12.00 -27.51
CA PRO B 467 -18.68 12.34 -27.20
C PRO B 467 -18.53 13.44 -26.16
N GLU B 468 -19.55 14.30 -26.00
CA GLU B 468 -19.46 15.43 -25.09
C GLU B 468 -19.47 15.00 -23.63
N ALA B 469 -19.98 13.80 -23.32
CA ALA B 469 -20.09 13.36 -21.94
C ALA B 469 -18.74 13.22 -21.25
N GLU B 470 -17.66 13.00 -22.01
CA GLU B 470 -16.35 12.93 -21.40
C GLU B 470 -15.93 14.28 -20.83
N LYS B 471 -16.23 15.36 -21.56
CA LYS B 471 -16.01 16.75 -21.14
C LYS B 471 -14.72 16.97 -20.36
N GLY C 3 -2.15 -5.11 -19.92
CA GLY C 3 -3.56 -5.34 -20.16
C GLY C 3 -3.94 -6.81 -20.25
N LEU C 4 -5.03 -7.09 -20.96
CA LEU C 4 -5.51 -8.45 -21.15
C LEU C 4 -5.86 -8.66 -22.62
N GLY C 5 -5.69 -9.89 -23.09
CA GLY C 5 -5.95 -10.22 -24.48
C GLY C 5 -7.37 -10.70 -24.69
N LYS C 6 -7.94 -10.31 -25.84
CA LYS C 6 -9.33 -10.66 -26.14
C LYS C 6 -9.47 -12.17 -26.37
N ASP C 7 -8.61 -12.75 -27.20
CA ASP C 7 -8.70 -14.18 -27.48
C ASP C 7 -8.43 -15.01 -26.24
N HIS C 8 -7.50 -14.55 -25.39
CA HIS C 8 -7.21 -15.26 -24.15
C HIS C 8 -8.46 -15.38 -23.29
N GLU C 9 -9.21 -14.29 -23.15
CA GLU C 9 -10.39 -14.29 -22.28
C GLU C 9 -11.52 -15.10 -22.88
N ILE C 10 -11.71 -15.00 -24.20
CA ILE C 10 -12.73 -15.81 -24.87
C ILE C 10 -12.41 -17.30 -24.70
N LEU C 11 -11.14 -17.67 -24.87
CA LEU C 11 -10.75 -19.07 -24.72
C LEU C 11 -10.95 -19.55 -23.28
N ARG C 12 -10.54 -18.75 -22.30
CA ARG C 12 -10.67 -19.17 -20.91
C ARG C 12 -12.12 -19.40 -20.52
N ARG C 13 -13.02 -18.53 -21.00
CA ARG C 13 -14.44 -18.71 -20.70
C ARG C 13 -15.02 -19.91 -21.43
N ARG C 14 -14.57 -20.18 -22.66
CA ARG C 14 -15.02 -21.37 -23.36
C ARG C 14 -14.51 -22.64 -22.70
N ILE C 15 -13.31 -22.57 -22.09
CA ILE C 15 -12.76 -23.75 -21.40
C ILE C 15 -13.60 -24.08 -20.18
N GLU C 16 -13.94 -23.07 -19.37
CA GLU C 16 -14.69 -23.33 -18.15
C GLU C 16 -16.16 -23.59 -18.42
N ASN C 17 -16.71 -23.03 -19.49
CA ASN C 17 -18.09 -23.39 -19.86
C ASN C 17 -18.13 -24.77 -20.52
N GLY C 18 -17.10 -25.11 -21.30
CA GLY C 18 -17.02 -26.46 -21.83
C GLY C 18 -16.89 -27.51 -20.72
N ALA C 19 -16.14 -27.18 -19.67
CA ALA C 19 -16.05 -28.08 -18.52
C ALA C 19 -17.37 -28.15 -17.77
N LYS C 20 -18.07 -27.02 -17.65
CA LYS C 20 -19.36 -27.02 -16.97
C LYS C 20 -20.37 -27.88 -17.73
N GLU C 21 -20.44 -27.72 -19.06
CA GLU C 21 -21.35 -28.54 -19.85
C GLU C 21 -20.97 -30.00 -19.80
N LEU C 22 -19.68 -30.31 -19.72
CA LEU C 22 -19.25 -31.69 -19.53
C LEU C 22 -19.78 -32.24 -18.20
N TRP C 23 -19.84 -31.38 -17.18
CA TRP C 23 -20.37 -31.81 -15.89
C TRP C 23 -21.88 -31.99 -15.94
N PHE C 24 -22.58 -31.07 -16.60
CA PHE C 24 -24.01 -31.27 -16.86
C PHE C 24 -24.25 -32.57 -17.62
N PHE C 25 -23.40 -32.85 -18.62
CA PHE C 25 -23.54 -34.06 -19.42
C PHE C 25 -23.26 -35.32 -18.59
N LEU C 26 -22.21 -35.28 -17.77
CA LEU C 26 -21.83 -36.45 -16.98
C LEU C 26 -22.92 -36.81 -15.97
N GLN C 27 -23.48 -35.81 -15.29
CA GLN C 27 -24.51 -36.07 -14.30
C GLN C 27 -25.75 -36.67 -14.94
N SER C 28 -26.20 -36.08 -16.06
CA SER C 28 -27.44 -36.53 -16.69
C SER C 28 -27.32 -37.95 -17.23
N GLU C 29 -26.25 -38.22 -17.98
CA GLU C 29 -26.12 -39.53 -18.62
C GLU C 29 -25.88 -40.63 -17.59
N LEU C 30 -25.16 -40.33 -16.51
CA LEU C 30 -24.92 -41.35 -15.49
C LEU C 30 -26.20 -41.71 -14.76
N LYS C 31 -27.07 -40.73 -14.53
CA LYS C 31 -28.38 -41.01 -13.94
C LYS C 31 -29.20 -41.92 -14.85
N LYS C 32 -29.05 -41.77 -16.17
CA LYS C 32 -29.73 -42.66 -17.10
C LYS C 32 -29.14 -44.06 -17.06
N LEU C 33 -27.81 -44.16 -16.98
CA LEU C 33 -27.15 -45.46 -17.05
C LEU C 33 -27.50 -46.37 -15.87
N LYS C 34 -27.85 -45.78 -14.73
CA LYS C 34 -28.13 -46.58 -13.54
C LYS C 34 -29.35 -47.47 -13.71
N ASN C 35 -30.26 -47.12 -14.63
CA ASN C 35 -31.49 -47.88 -14.84
C ASN C 35 -31.44 -48.71 -16.12
N LEU C 36 -30.26 -49.23 -16.47
CA LEU C 36 -30.10 -50.05 -17.66
C LEU C 36 -29.38 -51.35 -17.29
N GLU C 37 -29.67 -52.40 -18.06
CA GLU C 37 -29.11 -53.71 -17.82
C GLU C 37 -28.69 -54.35 -19.14
N GLY C 38 -27.66 -55.17 -19.08
CA GLY C 38 -27.32 -56.04 -20.20
C GLY C 38 -26.83 -55.26 -21.41
N ASN C 39 -27.37 -55.62 -22.58
CA ASN C 39 -26.86 -55.08 -23.83
C ASN C 39 -27.27 -53.63 -24.04
N GLU C 40 -28.47 -53.25 -23.57
CA GLU C 40 -28.88 -51.85 -23.69
C GLU C 40 -27.99 -50.95 -22.84
N LEU C 41 -27.54 -51.44 -21.68
CA LEU C 41 -26.62 -50.67 -20.86
C LEU C 41 -25.28 -50.48 -21.57
N GLN C 42 -24.74 -51.56 -22.15
CA GLN C 42 -23.43 -51.47 -22.77
C GLN C 42 -23.45 -50.66 -24.06
N ARG C 43 -24.58 -50.63 -24.76
CA ARG C 43 -24.68 -49.78 -25.94
C ARG C 43 -24.58 -48.31 -25.57
N HIS C 44 -25.41 -47.86 -24.63
CA HIS C 44 -25.37 -46.46 -24.22
C HIS C 44 -24.06 -46.11 -23.55
N ALA C 45 -23.47 -47.05 -22.81
CA ALA C 45 -22.19 -46.78 -22.14
C ALA C 45 -21.08 -46.56 -23.15
N ASP C 46 -21.06 -47.34 -24.23
CA ASP C 46 -20.05 -47.14 -25.26
C ASP C 46 -20.28 -45.84 -26.02
N GLU C 47 -21.54 -45.54 -26.35
CA GLU C 47 -21.86 -44.26 -26.98
C GLU C 47 -21.54 -43.10 -26.04
N PHE C 48 -21.74 -43.30 -24.74
CA PHE C 48 -21.37 -42.29 -23.75
C PHE C 48 -19.89 -41.96 -23.84
N LEU C 49 -19.03 -42.99 -23.88
CA LEU C 49 -17.59 -42.77 -23.96
C LEU C 49 -17.20 -42.06 -25.25
N LEU C 50 -17.86 -42.40 -26.36
CA LEU C 50 -17.54 -41.75 -27.63
C LEU C 50 -17.88 -40.26 -27.57
N ASP C 51 -19.02 -39.91 -26.99
CA ASP C 51 -19.38 -38.50 -26.85
C ASP C 51 -18.41 -37.79 -25.90
N LEU C 52 -18.09 -38.42 -24.77
CA LEU C 52 -17.14 -37.82 -23.84
C LEU C 52 -15.79 -37.60 -24.49
N GLY C 53 -15.38 -38.50 -25.37
CA GLY C 53 -14.09 -38.36 -26.02
C GLY C 53 -13.98 -37.10 -26.85
N HIS C 54 -15.01 -36.83 -27.67
CA HIS C 54 -14.98 -35.63 -28.50
C HIS C 54 -15.18 -34.38 -27.66
N HIS C 55 -16.04 -34.46 -26.64
CA HIS C 55 -16.23 -33.31 -25.75
C HIS C 55 -14.95 -32.97 -25.00
N GLU C 56 -14.24 -34.00 -24.51
CA GLU C 56 -13.01 -33.77 -23.76
C GLU C 56 -11.91 -33.19 -24.65
N ARG C 57 -11.85 -33.63 -25.91
CA ARG C 57 -10.80 -33.15 -26.80
C ARG C 57 -11.01 -31.70 -27.20
N SER C 58 -12.26 -31.24 -27.28
CA SER C 58 -12.50 -29.83 -27.54
C SER C 58 -11.99 -28.96 -26.40
N ILE C 59 -12.10 -29.45 -25.16
CA ILE C 59 -11.55 -28.74 -24.01
C ILE C 59 -10.03 -28.70 -24.12
N MET C 60 -9.41 -29.83 -24.44
CA MET C 60 -7.96 -29.86 -24.58
C MET C 60 -7.49 -28.99 -25.74
N THR C 61 -8.27 -28.91 -26.81
CA THR C 61 -7.89 -28.08 -27.95
C THR C 61 -7.94 -26.61 -27.60
N ASP C 62 -9.00 -26.19 -26.88
CA ASP C 62 -9.06 -24.80 -26.42
C ASP C 62 -7.91 -24.50 -25.45
N LEU C 63 -7.55 -25.47 -24.61
CA LEU C 63 -6.41 -25.29 -23.73
C LEU C 63 -5.12 -25.12 -24.50
N TYR C 64 -4.99 -25.82 -25.63
CA TYR C 64 -3.81 -25.62 -26.48
C TYR C 64 -3.78 -24.21 -27.04
N TYR C 65 -4.92 -23.76 -27.59
CA TYR C 65 -4.98 -22.40 -28.13
C TYR C 65 -4.68 -21.36 -27.06
N LEU C 66 -5.14 -21.60 -25.83
CA LEU C 66 -4.85 -20.68 -24.73
C LEU C 66 -3.35 -20.58 -24.48
N SER C 67 -2.61 -21.66 -24.68
CA SER C 67 -1.16 -21.65 -24.49
C SER C 67 -0.43 -20.83 -25.54
N GLN C 68 -1.10 -20.43 -26.62
CA GLN C 68 -0.43 -19.77 -27.73
C GLN C 68 -0.88 -18.33 -27.97
N THR C 69 -2.03 -17.92 -27.44
CA THR C 69 -2.53 -16.58 -27.72
C THR C 69 -1.71 -15.52 -27.00
N ASP C 70 -1.92 -14.27 -27.42
CA ASP C 70 -1.26 -13.10 -26.83
C ASP C 70 0.26 -13.21 -26.92
N GLY C 71 0.76 -13.87 -27.95
CA GLY C 71 2.20 -14.06 -28.07
C GLY C 71 2.80 -14.93 -26.99
N ALA C 72 1.99 -15.77 -26.33
CA ALA C 72 2.52 -16.68 -25.34
C ALA C 72 3.42 -17.73 -25.99
N GLY C 73 3.03 -18.22 -27.17
CA GLY C 73 3.88 -19.17 -27.88
C GLY C 73 5.19 -18.55 -28.31
N ASP C 74 5.17 -17.30 -28.78
CA ASP C 74 6.40 -16.64 -29.19
C ASP C 74 7.30 -16.35 -27.99
N TRP C 75 6.71 -15.97 -26.86
CA TRP C 75 7.52 -15.70 -25.67
C TRP C 75 8.17 -16.96 -25.15
N ARG C 76 7.39 -18.03 -24.97
CA ARG C 76 7.94 -19.28 -24.46
C ARG C 76 9.00 -19.85 -25.37
N GLU C 77 8.87 -19.63 -26.68
CA GLU C 77 9.87 -20.10 -27.63
C GLU C 77 11.18 -19.37 -27.45
N LYS C 78 11.14 -18.04 -27.28
CA LYS C 78 12.37 -17.28 -27.10
C LYS C 78 13.03 -17.58 -25.75
N GLU C 79 12.23 -17.63 -24.68
CA GLU C 79 12.80 -17.93 -23.37
C GLU C 79 13.38 -19.34 -23.32
N ALA C 80 12.78 -20.28 -24.06
CA ALA C 80 13.35 -21.61 -24.14
C ALA C 80 14.70 -21.60 -24.83
N LYS C 81 14.85 -20.77 -25.87
CA LYS C 81 16.12 -20.71 -26.59
C LYS C 81 17.19 -20.01 -25.77
N ASP C 82 16.82 -18.97 -25.02
CA ASP C 82 17.80 -18.30 -24.18
C ASP C 82 18.29 -19.23 -23.05
N LEU C 83 17.37 -19.95 -22.42
CA LEU C 83 17.76 -20.89 -21.38
C LEU C 83 18.64 -22.00 -21.95
N THR C 84 18.32 -22.47 -23.16
CA THR C 84 19.13 -23.50 -23.79
C THR C 84 20.50 -22.96 -24.18
N GLU C 85 20.54 -21.77 -24.80
CA GLU C 85 21.82 -21.17 -25.17
C GLU C 85 22.68 -20.91 -23.94
N LEU C 86 22.05 -20.50 -22.83
CA LEU C 86 22.80 -20.21 -21.62
C LEU C 86 23.47 -21.47 -21.07
N VAL C 87 22.71 -22.55 -20.95
CA VAL C 87 23.26 -23.79 -20.40
C VAL C 87 24.33 -24.36 -21.32
N GLN C 88 24.09 -24.34 -22.63
CA GLN C 88 25.04 -24.90 -23.58
C GLN C 88 26.37 -24.14 -23.55
N ARG C 89 26.30 -22.82 -23.39
CA ARG C 89 27.53 -22.04 -23.26
C ARG C 89 28.32 -22.45 -22.02
N ARG C 90 27.62 -22.69 -20.91
CA ARG C 90 28.30 -23.13 -19.69
C ARG C 90 28.92 -24.51 -19.88
N ILE C 91 28.19 -25.42 -20.53
CA ILE C 91 28.73 -26.75 -20.79
C ILE C 91 29.93 -26.66 -21.73
N THR C 92 29.80 -25.86 -22.79
CA THR C 92 30.90 -25.70 -23.74
C THR C 92 32.11 -25.06 -23.06
N TYR C 93 31.88 -24.10 -22.18
CA TYR C 93 32.98 -23.46 -21.46
C TYR C 93 33.69 -24.45 -20.55
N LEU C 94 32.92 -25.29 -19.84
CA LEU C 94 33.53 -26.25 -18.94
C LEU C 94 34.34 -27.30 -19.69
N GLN C 95 33.84 -27.75 -20.83
CA GLN C 95 34.49 -28.82 -21.57
C GLN C 95 35.70 -28.35 -22.36
N ASN C 96 35.97 -27.05 -22.42
CA ASN C 96 37.09 -26.52 -23.20
C ASN C 96 37.92 -25.57 -22.34
N PRO C 97 38.70 -26.12 -21.40
CA PRO C 97 39.69 -25.28 -20.71
C PRO C 97 40.88 -25.02 -21.62
N LYS C 98 41.49 -23.85 -21.45
CA LYS C 98 42.59 -23.46 -22.32
C LYS C 98 43.88 -24.19 -22.02
N ASP C 99 44.04 -24.71 -20.81
CA ASP C 99 45.20 -25.51 -20.43
C ASP C 99 44.68 -26.87 -19.95
N CYS C 100 44.69 -27.85 -20.85
CA CYS C 100 44.26 -29.20 -20.51
C CYS C 100 45.21 -29.91 -19.56
N SER C 101 46.42 -29.39 -19.38
CA SER C 101 47.39 -30.06 -18.51
C SER C 101 47.04 -29.88 -17.04
N LYS C 102 46.67 -28.66 -16.64
CA LYS C 102 46.39 -28.34 -15.25
C LYS C 102 44.89 -28.24 -14.95
N ALA C 103 44.05 -28.76 -15.84
CA ALA C 103 42.61 -28.71 -15.64
C ALA C 103 42.12 -29.93 -14.87
N LYS C 104 41.25 -29.69 -13.89
CA LYS C 104 40.66 -30.78 -13.13
C LYS C 104 39.67 -31.54 -14.01
N LYS C 105 39.78 -32.86 -14.01
CA LYS C 105 39.05 -33.70 -14.94
C LYS C 105 38.17 -34.72 -14.21
N LEU C 106 37.19 -35.24 -14.94
CA LEU C 106 36.35 -36.34 -14.47
C LEU C 106 36.31 -37.40 -15.56
N VAL C 107 36.76 -38.61 -15.23
CA VAL C 107 36.90 -39.69 -16.20
C VAL C 107 35.65 -40.56 -16.13
N CYS C 108 35.08 -40.85 -17.30
CA CYS C 108 33.87 -41.66 -17.41
C CYS C 108 34.12 -42.80 -18.39
N ASN C 109 33.90 -44.04 -17.93
CA ASN C 109 34.03 -45.21 -18.79
C ASN C 109 32.67 -45.51 -19.41
N ILE C 110 32.60 -45.43 -20.75
CA ILE C 110 31.33 -45.63 -21.44
C ILE C 110 30.88 -47.08 -21.38
N ASN C 111 31.79 -48.01 -21.11
CA ASN C 111 31.51 -49.45 -21.25
C ASN C 111 30.76 -50.00 -20.03
N LYS C 112 29.58 -49.43 -19.79
CA LYS C 112 28.69 -49.97 -18.78
C LYS C 112 27.98 -51.20 -19.33
N GLY C 113 27.79 -52.19 -18.48
CA GLY C 113 27.21 -53.45 -18.92
C GLY C 113 25.70 -53.39 -19.16
N CYS C 114 25.29 -52.73 -20.23
CA CYS C 114 23.88 -52.58 -20.58
C CYS C 114 23.80 -52.09 -22.02
N GLY C 115 22.58 -51.81 -22.48
CA GLY C 115 22.36 -51.39 -23.84
C GLY C 115 22.81 -49.96 -24.10
N TYR C 116 22.64 -49.55 -25.37
CA TYR C 116 23.10 -48.22 -25.78
C TYR C 116 22.42 -47.12 -24.98
N GLY C 117 21.09 -47.17 -24.88
CA GLY C 117 20.38 -46.13 -24.15
C GLY C 117 20.81 -46.03 -22.70
N CYS C 118 21.12 -47.17 -22.08
CA CYS C 118 21.61 -47.17 -20.70
C CYS C 118 23.06 -46.70 -20.61
N GLN C 119 23.89 -47.01 -21.61
CA GLN C 119 25.24 -46.48 -21.64
C GLN C 119 25.24 -44.97 -21.84
N LEU C 120 24.35 -44.47 -22.72
CA LEU C 120 24.26 -43.03 -22.92
C LEU C 120 23.81 -42.31 -21.66
N HIS C 121 22.84 -42.89 -20.94
CA HIS C 121 22.41 -42.31 -19.68
C HIS C 121 23.51 -42.35 -18.62
N HIS C 122 24.42 -43.33 -18.72
CA HIS C 122 25.56 -43.36 -17.82
C HIS C 122 26.49 -42.18 -18.08
N VAL C 123 26.72 -41.85 -19.36
CA VAL C 123 27.55 -40.69 -19.69
C VAL C 123 26.88 -39.40 -19.27
N VAL C 124 25.55 -39.32 -19.42
CA VAL C 124 24.82 -38.15 -18.94
C VAL C 124 24.98 -38.00 -17.43
N TYR C 125 24.91 -39.11 -16.70
CA TYR C 125 25.11 -39.06 -15.26
C TYR C 125 26.53 -38.63 -14.90
N CYS C 126 27.50 -39.07 -15.70
CA CYS C 126 28.86 -38.56 -15.55
C CYS C 126 28.92 -37.06 -15.81
N PHE C 127 28.29 -36.62 -16.90
CA PHE C 127 28.37 -35.22 -17.31
C PHE C 127 27.78 -34.30 -16.25
N MET C 128 26.66 -34.71 -15.63
CA MET C 128 25.99 -33.86 -14.66
C MET C 128 26.83 -33.67 -13.40
N ILE C 129 27.56 -34.70 -12.98
CA ILE C 129 28.45 -34.55 -11.84
C ILE C 129 29.71 -33.77 -12.23
N ALA C 130 30.17 -33.94 -13.46
CA ALA C 130 31.26 -33.11 -13.98
C ALA C 130 30.87 -31.65 -13.96
N TYR C 131 29.68 -31.33 -14.45
CA TYR C 131 29.18 -29.96 -14.43
C TYR C 131 29.00 -29.45 -13.00
N GLY C 132 28.63 -30.33 -12.07
CA GLY C 132 28.42 -29.89 -10.70
C GLY C 132 29.71 -29.65 -9.95
N THR C 133 30.74 -30.45 -10.22
CA THR C 133 32.02 -30.34 -9.54
C THR C 133 33.04 -29.51 -10.33
N GLN C 134 32.61 -28.89 -11.43
CA GLN C 134 33.48 -28.07 -12.28
C GLN C 134 34.68 -28.85 -12.80
N ARG C 135 34.48 -30.13 -13.11
CA ARG C 135 35.50 -30.98 -13.69
C ARG C 135 35.17 -31.22 -15.15
N THR C 136 36.16 -31.09 -16.02
CA THR C 136 35.95 -31.33 -17.45
C THR C 136 35.75 -32.82 -17.70
N LEU C 137 34.65 -33.16 -18.36
CA LEU C 137 34.34 -34.56 -18.63
C LEU C 137 35.33 -35.15 -19.64
N ILE C 138 35.88 -36.30 -19.31
CA ILE C 138 36.79 -37.03 -20.18
C ILE C 138 36.13 -38.38 -20.47
N LEU C 139 35.57 -38.53 -21.67
CA LEU C 139 34.87 -39.75 -22.04
C LEU C 139 35.84 -40.73 -22.68
N GLU C 140 35.96 -41.90 -22.08
CA GLU C 140 36.85 -42.95 -22.58
C GLU C 140 35.98 -44.01 -23.25
N SER C 141 35.96 -43.98 -24.58
CA SER C 141 35.14 -44.90 -25.37
C SER C 141 35.97 -45.98 -26.05
N GLN C 142 37.19 -46.21 -25.58
CA GLN C 142 37.98 -47.31 -26.12
C GLN C 142 37.32 -48.64 -25.78
N ASN C 143 37.44 -49.58 -26.71
CA ASN C 143 36.82 -50.90 -26.58
C ASN C 143 35.31 -50.78 -26.39
N TRP C 144 34.69 -49.84 -27.09
CA TRP C 144 33.25 -49.67 -27.02
C TRP C 144 32.55 -50.86 -27.68
N ARG C 145 31.49 -51.34 -27.04
CA ARG C 145 30.76 -52.50 -27.55
C ARG C 145 30.17 -52.24 -28.93
N TYR C 146 29.83 -50.98 -29.21
CA TYR C 146 29.08 -50.65 -30.43
C TYR C 146 29.94 -50.17 -31.58
N ALA C 147 31.18 -49.75 -31.33
CA ALA C 147 32.01 -49.21 -32.40
C ALA C 147 33.48 -49.33 -31.99
N THR C 148 34.29 -49.90 -32.88
CA THR C 148 35.73 -49.92 -32.65
C THR C 148 36.32 -48.53 -32.64
N GLY C 149 35.74 -47.61 -33.42
CA GLY C 149 36.19 -46.22 -33.43
C GLY C 149 35.83 -45.43 -32.20
N GLY C 150 34.96 -45.96 -31.34
CA GLY C 150 34.59 -45.28 -30.12
C GLY C 150 33.49 -44.28 -30.28
N TRP C 151 33.47 -43.30 -29.37
CA TRP C 151 32.42 -42.30 -29.32
C TRP C 151 32.36 -41.49 -30.61
N GLU C 152 33.51 -41.16 -31.18
CA GLU C 152 33.56 -40.31 -32.37
C GLU C 152 33.13 -41.03 -33.64
N THR C 153 32.71 -42.29 -33.54
CA THR C 153 32.12 -42.95 -34.71
C THR C 153 30.82 -42.26 -35.13
N VAL C 154 30.07 -41.74 -34.17
CA VAL C 154 28.76 -41.14 -34.43
C VAL C 154 28.69 -39.69 -33.96
N PHE C 155 29.24 -39.39 -32.79
CA PHE C 155 29.10 -38.08 -32.17
C PHE C 155 30.44 -37.37 -32.11
N ARG C 156 30.39 -36.04 -32.11
CA ARG C 156 31.60 -35.25 -31.96
C ARG C 156 32.22 -35.51 -30.58
N PRO C 157 33.54 -35.37 -30.46
CA PRO C 157 34.17 -35.54 -29.15
C PRO C 157 33.63 -34.51 -28.16
N VAL C 158 33.51 -34.94 -26.90
CA VAL C 158 32.91 -34.10 -25.87
C VAL C 158 33.71 -32.84 -25.57
N SER C 159 34.88 -32.70 -26.16
CA SER C 159 35.74 -31.54 -25.92
C SER C 159 36.61 -31.30 -27.13
N GLU C 160 36.82 -30.03 -27.47
CA GLU C 160 37.71 -29.66 -28.57
C GLU C 160 39.14 -29.40 -28.11
N THR C 161 39.37 -29.23 -26.81
CA THR C 161 40.69 -28.87 -26.31
C THR C 161 41.23 -29.80 -25.23
N CYS C 162 40.46 -30.77 -24.74
CA CYS C 162 40.88 -31.56 -23.59
C CYS C 162 40.20 -32.92 -23.66
N THR C 163 40.91 -33.92 -24.19
CA THR C 163 40.36 -35.26 -24.35
C THR C 163 41.23 -36.35 -23.73
N ASP C 164 42.24 -35.99 -22.95
CA ASP C 164 43.16 -36.96 -22.37
C ASP C 164 43.09 -36.93 -20.85
N ARG C 165 43.52 -38.03 -20.24
CA ARG C 165 43.49 -38.23 -18.79
C ARG C 165 44.70 -37.62 -18.07
N SER C 166 45.35 -36.61 -18.64
CA SER C 166 46.54 -36.05 -18.03
C SER C 166 46.23 -35.52 -16.63
N GLY C 167 47.27 -35.46 -15.79
CA GLY C 167 47.08 -34.98 -14.44
C GLY C 167 48.17 -35.36 -13.47
N ILE C 168 48.43 -34.49 -12.50
CA ILE C 168 49.45 -34.77 -11.49
C ILE C 168 48.93 -35.80 -10.48
N SER C 169 47.69 -35.66 -10.05
CA SER C 169 47.08 -36.57 -9.09
C SER C 169 45.91 -37.30 -9.75
N THR C 170 45.69 -38.54 -9.29
CA THR C 170 44.63 -39.38 -9.83
C THR C 170 44.11 -40.29 -8.73
N GLY C 171 42.83 -40.63 -8.83
CA GLY C 171 42.21 -41.50 -7.83
C GLY C 171 40.76 -41.74 -8.18
N HIS C 172 40.11 -42.54 -7.36
CA HIS C 172 38.71 -42.88 -7.53
C HIS C 172 37.83 -41.92 -6.75
N TRP C 173 36.55 -41.88 -7.14
CA TRP C 173 35.60 -40.98 -6.51
C TRP C 173 35.45 -41.29 -5.03
N SER C 174 35.72 -40.30 -4.18
CA SER C 174 35.57 -40.42 -2.74
C SER C 174 34.69 -39.31 -2.15
N GLY C 175 34.10 -38.47 -2.99
CA GLY C 175 33.35 -37.32 -2.52
C GLY C 175 33.92 -36.03 -3.07
N GLU C 176 33.07 -35.03 -3.27
CA GLU C 176 33.53 -33.77 -3.86
C GLU C 176 34.53 -33.07 -2.95
N VAL C 177 34.18 -32.93 -1.67
CA VAL C 177 35.07 -32.21 -0.75
C VAL C 177 36.33 -33.01 -0.46
N LYS C 178 36.23 -34.34 -0.46
CA LYS C 178 37.43 -35.16 -0.26
C LYS C 178 38.37 -35.06 -1.45
N ASP C 179 37.82 -35.05 -2.66
CA ASP C 179 38.61 -34.89 -3.89
C ASP C 179 38.79 -33.43 -4.27
N LYS C 180 38.99 -32.56 -3.27
CA LYS C 180 39.08 -31.13 -3.55
C LYS C 180 40.32 -30.81 -4.40
N ASN C 181 41.42 -31.50 -4.15
CA ASN C 181 42.67 -31.25 -4.86
C ASN C 181 43.22 -32.51 -5.52
N VAL C 182 42.33 -33.45 -5.85
CA VAL C 182 42.67 -34.57 -6.72
C VAL C 182 42.30 -34.14 -8.13
N GLN C 183 43.31 -33.93 -8.98
CA GLN C 183 43.06 -33.33 -10.29
C GLN C 183 42.14 -34.19 -11.14
N VAL C 184 42.43 -35.49 -11.22
CA VAL C 184 41.66 -36.42 -12.04
C VAL C 184 40.91 -37.37 -11.12
N VAL C 185 39.60 -37.44 -11.28
CA VAL C 185 38.73 -38.30 -10.49
C VAL C 185 38.01 -39.25 -11.43
N GLU C 186 38.03 -40.54 -11.10
CA GLU C 186 37.38 -41.57 -11.89
C GLU C 186 36.02 -41.89 -11.26
N LEU C 187 34.95 -41.63 -12.00
CA LEU C 187 33.60 -41.80 -11.49
C LEU C 187 33.03 -43.13 -11.97
N PRO C 188 32.66 -44.05 -11.06
CA PRO C 188 32.05 -45.31 -11.51
C PRO C 188 30.57 -45.14 -11.85
N ILE C 189 29.89 -46.25 -12.13
CA ILE C 189 28.46 -46.18 -12.43
C ILE C 189 27.69 -45.76 -11.19
N VAL C 190 26.49 -45.22 -11.41
CA VAL C 190 25.65 -44.72 -10.32
C VAL C 190 25.05 -45.83 -9.49
N ASP C 191 25.07 -47.08 -9.99
CA ASP C 191 24.34 -48.16 -9.33
C ASP C 191 24.89 -48.48 -7.95
N SER C 192 26.17 -48.21 -7.69
CA SER C 192 26.77 -48.46 -6.39
C SER C 192 27.75 -47.35 -6.04
N LEU C 193 27.35 -46.10 -6.28
CA LEU C 193 28.20 -44.95 -6.01
C LEU C 193 28.08 -44.53 -4.55
N HIS C 194 29.22 -44.34 -3.89
CA HIS C 194 29.26 -43.86 -2.52
C HIS C 194 30.51 -43.00 -2.36
N PRO C 195 30.38 -41.75 -1.90
CA PRO C 195 29.11 -41.12 -1.54
C PRO C 195 28.40 -40.51 -2.75
N ARG C 196 27.12 -40.17 -2.60
CA ARG C 196 26.34 -39.62 -3.70
C ARG C 196 26.37 -38.10 -3.63
N PRO C 197 26.85 -37.41 -4.67
CA PRO C 197 26.82 -35.94 -4.68
C PRO C 197 25.41 -35.44 -4.95
N PRO C 198 25.14 -34.15 -4.69
CA PRO C 198 23.78 -33.64 -4.93
C PRO C 198 23.43 -33.42 -6.39
N TYR C 199 24.40 -33.51 -7.31
CA TYR C 199 24.16 -33.19 -8.71
C TYR C 199 23.60 -34.40 -9.44
N LEU C 200 22.34 -34.69 -9.16
CA LEU C 200 21.63 -35.82 -9.74
C LEU C 200 20.17 -35.44 -9.98
N PRO C 201 19.52 -36.07 -10.96
CA PRO C 201 18.08 -35.90 -11.11
C PRO C 201 17.34 -36.33 -9.85
N LEU C 202 16.13 -35.80 -9.66
CA LEU C 202 15.44 -34.95 -10.62
C LEU C 202 15.58 -33.46 -10.30
N ALA C 203 16.54 -33.13 -9.45
CA ALA C 203 16.74 -31.73 -9.07
C ALA C 203 17.29 -30.92 -10.23
N VAL C 204 16.85 -29.67 -10.33
CA VAL C 204 17.32 -28.75 -11.37
C VAL C 204 18.20 -27.70 -10.71
N PRO C 205 19.03 -26.98 -11.47
CA PRO C 205 19.87 -25.94 -10.85
C PRO C 205 19.04 -24.90 -10.13
N GLU C 206 19.53 -24.47 -8.97
CA GLU C 206 18.81 -23.50 -8.15
C GLU C 206 18.67 -22.17 -8.87
N ASP C 207 19.69 -21.77 -9.64
CA ASP C 207 19.68 -20.49 -10.32
C ASP C 207 18.78 -20.47 -11.55
N LEU C 208 18.34 -21.63 -12.03
CA LEU C 208 17.46 -21.72 -13.19
C LEU C 208 16.06 -22.17 -12.84
N ALA C 209 15.78 -22.44 -11.56
CA ALA C 209 14.51 -23.06 -11.18
C ALA C 209 13.33 -22.17 -11.53
N ASP C 210 13.38 -20.89 -11.13
CA ASP C 210 12.24 -20.01 -11.35
C ASP C 210 11.94 -19.82 -12.83
N ARG C 211 12.98 -19.74 -13.66
CA ARG C 211 12.76 -19.57 -15.09
C ARG C 211 12.29 -20.85 -15.75
N LEU C 212 12.72 -22.01 -15.24
CA LEU C 212 12.33 -23.28 -15.85
C LEU C 212 10.88 -23.64 -15.53
N VAL C 213 10.45 -23.37 -14.29
CA VAL C 213 9.06 -23.65 -13.92
C VAL C 213 8.11 -22.80 -14.76
N ARG C 214 8.54 -21.61 -15.16
CA ARG C 214 7.69 -20.74 -15.97
C ARG C 214 7.49 -21.29 -17.37
N VAL C 215 8.48 -22.01 -17.90
CA VAL C 215 8.48 -22.42 -19.30
C VAL C 215 8.08 -23.88 -19.46
N HIS C 216 8.65 -24.76 -18.65
CA HIS C 216 8.57 -26.20 -18.87
C HIS C 216 7.71 -26.86 -17.80
N GLY C 217 6.92 -27.86 -18.22
CA GLY C 217 6.05 -28.56 -17.29
C GLY C 217 6.74 -29.60 -16.45
N ASP C 218 7.94 -30.01 -16.84
CA ASP C 218 8.75 -30.98 -16.08
C ASP C 218 10.20 -30.56 -16.19
N PRO C 219 10.63 -29.59 -15.38
CA PRO C 219 12.01 -29.08 -15.51
C PRO C 219 13.07 -30.13 -15.29
N ALA C 220 12.75 -31.24 -14.59
CA ALA C 220 13.74 -32.28 -14.35
C ALA C 220 14.28 -32.85 -15.66
N VAL C 221 13.38 -33.20 -16.59
CA VAL C 221 13.83 -33.80 -17.84
C VAL C 221 14.45 -32.76 -18.75
N TRP C 222 14.04 -31.48 -18.65
CA TRP C 222 14.68 -30.44 -19.43
C TRP C 222 16.15 -30.31 -19.04
N TRP C 223 16.46 -30.40 -17.74
CA TRP C 223 17.84 -30.31 -17.29
C TRP C 223 18.66 -31.47 -17.81
N VAL C 224 18.11 -32.69 -17.76
CA VAL C 224 18.81 -33.85 -18.30
C VAL C 224 19.02 -33.69 -19.80
N SER C 225 18.01 -33.14 -20.50
CA SER C 225 18.07 -33.05 -21.95
C SER C 225 19.19 -32.13 -22.42
N GLN C 226 19.59 -31.17 -21.60
CA GLN C 226 20.66 -30.26 -21.99
C GLN C 226 21.99 -31.01 -22.09
N PHE C 227 22.20 -32.02 -21.27
CA PHE C 227 23.43 -32.82 -21.36
C PHE C 227 23.34 -33.85 -22.48
N VAL C 228 22.14 -34.38 -22.75
CA VAL C 228 21.97 -35.25 -23.91
C VAL C 228 22.19 -34.46 -25.19
N LYS C 229 21.70 -33.21 -25.23
CA LYS C 229 21.82 -32.37 -26.42
C LYS C 229 23.29 -32.14 -26.77
N TYR C 230 24.13 -31.84 -25.79
CA TYR C 230 25.54 -31.61 -26.06
C TYR C 230 26.24 -32.90 -26.48
N LEU C 231 25.85 -34.03 -25.88
CA LEU C 231 26.54 -35.29 -26.16
C LEU C 231 26.27 -35.76 -27.58
N ILE C 232 25.06 -35.56 -28.08
CA ILE C 232 24.64 -36.12 -29.36
C ILE C 232 24.90 -35.15 -30.51
N ARG C 233 25.73 -34.12 -30.30
CA ARG C 233 26.17 -33.31 -31.42
C ARG C 233 26.81 -34.21 -32.46
N PRO C 234 26.19 -34.40 -33.62
CA PRO C 234 26.59 -35.49 -34.51
C PRO C 234 27.82 -35.16 -35.35
N GLN C 235 28.54 -36.23 -35.71
CA GLN C 235 29.61 -36.10 -36.68
C GLN C 235 29.03 -35.71 -38.04
N PRO C 236 29.85 -35.12 -38.92
CA PRO C 236 29.32 -34.70 -40.22
C PRO C 236 28.69 -35.84 -41.01
N TRP C 237 29.22 -37.06 -40.90
CA TRP C 237 28.67 -38.18 -41.65
C TRP C 237 27.38 -38.70 -41.03
N LEU C 238 27.24 -38.63 -39.71
CA LEU C 238 25.98 -39.02 -39.08
C LEU C 238 24.86 -38.05 -39.46
N GLU C 239 25.17 -36.76 -39.51
CA GLU C 239 24.18 -35.79 -39.97
C GLU C 239 23.79 -36.04 -41.42
N LYS C 240 24.77 -36.40 -42.26
CA LYS C 240 24.48 -36.71 -43.66
C LYS C 240 23.62 -37.96 -43.78
N GLU C 241 23.92 -38.98 -42.96
CA GLU C 241 23.15 -40.21 -43.02
C GLU C 241 21.74 -40.03 -42.46
N ILE C 242 21.57 -39.13 -41.50
CA ILE C 242 20.24 -38.83 -40.98
C ILE C 242 19.38 -38.18 -42.05
N GLU C 243 19.95 -37.22 -42.79
CA GLU C 243 19.21 -36.58 -43.86
C GLU C 243 18.80 -37.58 -44.94
N GLU C 244 19.72 -38.44 -45.34
CA GLU C 244 19.42 -39.42 -46.40
C GLU C 244 18.38 -40.42 -45.94
N ALA C 245 18.46 -40.87 -44.69
CA ALA C 245 17.44 -41.76 -44.16
C ALA C 245 16.09 -41.07 -44.06
N THR C 246 16.09 -39.78 -43.73
CA THR C 246 14.84 -39.02 -43.69
C THR C 246 14.19 -38.95 -45.06
N LYS C 247 14.99 -38.75 -46.12
CA LYS C 247 14.42 -38.63 -47.45
C LYS C 247 13.93 -39.98 -47.96
N LYS C 248 14.68 -41.05 -47.71
CA LYS C 248 14.28 -42.35 -48.21
C LYS C 248 13.04 -42.88 -47.49
N LEU C 249 12.91 -42.58 -46.20
CA LEU C 249 11.75 -43.04 -45.43
C LEU C 249 10.50 -42.22 -45.71
N GLY C 250 10.65 -40.99 -46.19
CA GLY C 250 9.50 -40.11 -46.30
C GLY C 250 9.02 -39.57 -44.98
N PHE C 251 9.94 -39.34 -44.04
CA PHE C 251 9.58 -38.84 -42.73
C PHE C 251 9.13 -37.39 -42.83
N LYS C 252 7.88 -37.11 -42.46
CA LYS C 252 7.36 -35.76 -42.44
C LYS C 252 6.19 -35.70 -41.47
N HIS C 253 5.85 -34.46 -41.04
CA HIS C 253 4.86 -34.20 -40.01
C HIS C 253 3.48 -33.96 -40.61
N PRO C 254 2.39 -34.27 -39.88
CA PRO C 254 2.39 -34.82 -38.52
C PRO C 254 2.71 -36.31 -38.47
N VAL C 255 3.47 -36.71 -37.46
CA VAL C 255 3.89 -38.10 -37.28
C VAL C 255 3.97 -38.40 -35.79
N ILE C 256 3.52 -39.59 -35.40
CA ILE C 256 3.56 -40.05 -34.02
C ILE C 256 4.58 -41.16 -33.91
N GLY C 257 5.44 -41.08 -32.91
CA GLY C 257 6.46 -42.10 -32.70
C GLY C 257 5.97 -43.16 -31.72
N VAL C 258 6.31 -44.42 -32.04
CA VAL C 258 5.94 -45.57 -31.23
C VAL C 258 7.15 -46.47 -31.09
N HIS C 259 7.49 -46.80 -29.84
CA HIS C 259 8.59 -47.72 -29.55
C HIS C 259 8.05 -48.91 -28.77
N VAL C 260 8.21 -50.10 -29.35
CA VAL C 260 7.74 -51.35 -28.74
C VAL C 260 8.97 -52.17 -28.35
N ARG C 261 9.09 -52.44 -27.06
CA ARG C 261 10.20 -53.20 -26.49
C ARG C 261 9.71 -54.58 -26.11
N ARG C 262 10.29 -55.62 -26.71
CA ARG C 262 9.83 -56.99 -26.54
C ARG C 262 10.84 -57.92 -25.90
N THR C 263 12.12 -57.56 -25.85
CA THR C 263 13.14 -58.35 -25.17
C THR C 263 13.80 -57.50 -24.10
N ASP C 264 14.06 -58.10 -22.94
CA ASP C 264 14.47 -57.36 -21.76
C ASP C 264 16.01 -57.28 -21.70
N LYS C 265 16.55 -57.00 -20.51
CA LYS C 265 17.97 -56.83 -20.29
C LYS C 265 18.72 -58.15 -20.12
N VAL C 266 18.02 -59.28 -20.20
CA VAL C 266 18.66 -60.58 -20.05
C VAL C 266 18.24 -61.50 -21.19
N ALA C 270 10.72 -56.75 -22.08
CA ALA C 270 10.36 -57.47 -20.86
C ALA C 270 8.91 -57.92 -20.88
N ALA C 271 8.04 -57.12 -20.29
CA ALA C 271 6.62 -57.46 -20.22
C ALA C 271 5.96 -57.27 -21.57
N PHE C 272 5.09 -58.20 -21.93
CA PHE C 272 4.45 -58.18 -23.24
C PHE C 272 3.34 -57.14 -23.29
N HIS C 273 3.36 -56.32 -24.33
CA HIS C 273 2.30 -55.36 -24.59
C HIS C 273 1.88 -55.53 -26.05
N PRO C 274 0.61 -55.81 -26.32
CA PRO C 274 0.16 -55.90 -27.71
C PRO C 274 0.29 -54.55 -28.41
N ILE C 275 0.43 -54.59 -29.73
CA ILE C 275 0.56 -53.36 -30.51
C ILE C 275 -0.69 -52.51 -30.37
N GLU C 276 -1.85 -53.14 -30.16
CA GLU C 276 -3.08 -52.39 -29.99
C GLU C 276 -3.06 -51.55 -28.72
N GLU C 277 -2.30 -51.97 -27.71
CA GLU C 277 -2.21 -51.20 -26.47
C GLU C 277 -1.51 -49.87 -26.69
N TYR C 278 -0.54 -49.82 -27.62
CA TYR C 278 0.06 -48.55 -28.01
C TYR C 278 -0.87 -47.77 -28.94
N MET C 279 -1.39 -48.45 -29.97
CA MET C 279 -2.06 -47.76 -31.07
C MET C 279 -3.35 -47.07 -30.63
N VAL C 280 -3.98 -47.54 -29.56
CA VAL C 280 -5.20 -46.89 -29.10
C VAL C 280 -4.90 -45.47 -28.64
N HIS C 281 -3.68 -45.23 -28.15
CA HIS C 281 -3.27 -43.89 -27.79
C HIS C 281 -2.74 -43.10 -28.98
N VAL C 282 -2.31 -43.79 -30.03
CA VAL C 282 -1.94 -43.10 -31.26
C VAL C 282 -3.18 -42.52 -31.94
N GLU C 283 -4.23 -43.35 -32.05
CA GLU C 283 -5.46 -42.88 -32.69
C GLU C 283 -6.11 -41.76 -31.88
N GLU C 284 -6.05 -41.84 -30.55
CA GLU C 284 -6.63 -40.79 -29.72
C GLU C 284 -5.96 -39.45 -29.97
N HIS C 285 -4.63 -39.44 -30.11
CA HIS C 285 -3.92 -38.18 -30.31
C HIS C 285 -4.16 -37.63 -31.71
N PHE C 286 -4.21 -38.50 -32.72
CA PHE C 286 -4.52 -38.05 -34.07
C PHE C 286 -5.90 -37.40 -34.13
N GLN C 287 -6.85 -37.94 -33.35
CA GLN C 287 -8.15 -37.30 -33.23
C GLN C 287 -8.03 -35.92 -32.61
N LEU C 288 -7.09 -35.76 -31.66
CA LEU C 288 -6.87 -34.46 -31.05
C LEU C 288 -6.23 -33.49 -32.04
N LEU C 289 -5.19 -33.96 -32.75
CA LEU C 289 -4.53 -33.09 -33.73
C LEU C 289 -5.47 -32.71 -34.87
N ALA C 290 -6.40 -33.59 -35.23
CA ALA C 290 -7.32 -33.29 -36.31
C ALA C 290 -8.22 -32.10 -36.00
N ARG C 291 -8.39 -31.76 -34.73
CA ARG C 291 -9.20 -30.60 -34.35
C ARG C 291 -8.46 -29.28 -34.54
N ARG C 292 -7.15 -29.30 -34.65
CA ARG C 292 -6.35 -28.09 -34.83
C ARG C 292 -5.64 -28.02 -36.15
N MET C 293 -5.52 -29.13 -36.89
CA MET C 293 -4.81 -29.13 -38.16
C MET C 293 -5.45 -30.16 -39.08
N GLN C 294 -5.06 -30.10 -40.35
CA GLN C 294 -5.55 -31.05 -41.34
C GLN C 294 -4.64 -32.27 -41.35
N VAL C 295 -5.19 -33.42 -40.99
CA VAL C 295 -4.43 -34.67 -40.98
C VAL C 295 -4.82 -35.50 -42.20
N ASP C 296 -4.08 -35.35 -43.30
CA ASP C 296 -4.41 -36.08 -44.52
C ASP C 296 -4.07 -37.56 -44.37
N LYS C 297 -2.87 -37.87 -43.89
CA LYS C 297 -2.42 -39.23 -43.70
C LYS C 297 -1.86 -39.37 -42.30
N LYS C 298 -2.27 -40.41 -41.58
CA LYS C 298 -1.81 -40.68 -40.23
C LYS C 298 -0.51 -41.49 -40.32
N ARG C 299 0.61 -40.84 -40.00
CA ARG C 299 1.92 -41.47 -40.06
C ARG C 299 2.39 -41.86 -38.67
N VAL C 300 2.96 -43.06 -38.57
CA VAL C 300 3.52 -43.57 -37.33
C VAL C 300 4.93 -44.05 -37.62
N TYR C 301 5.90 -43.53 -36.88
CA TYR C 301 7.26 -44.06 -36.93
C TYR C 301 7.37 -45.16 -35.87
N LEU C 302 7.50 -46.39 -36.32
CA LEU C 302 7.54 -47.56 -35.45
C LEU C 302 8.98 -47.98 -35.24
N ALA C 303 9.47 -47.85 -34.00
CA ALA C 303 10.77 -48.36 -33.60
C ALA C 303 10.56 -49.56 -32.68
N THR C 304 11.39 -50.59 -32.86
CA THR C 304 11.22 -51.81 -32.09
C THR C 304 12.48 -52.65 -32.18
N ASP C 305 12.60 -53.59 -31.25
CA ASP C 305 13.60 -54.64 -31.31
C ASP C 305 13.05 -55.93 -31.90
N ASP C 306 11.82 -55.89 -32.41
CA ASP C 306 11.16 -57.04 -33.03
C ASP C 306 10.72 -56.60 -34.43
N PRO C 307 11.60 -56.70 -35.42
CA PRO C 307 11.27 -56.18 -36.75
C PRO C 307 10.07 -56.84 -37.42
N SER C 308 9.61 -57.99 -36.92
CA SER C 308 8.39 -58.58 -37.46
C SER C 308 7.15 -57.79 -37.09
N LEU C 309 7.27 -56.82 -36.19
CA LEU C 309 6.14 -55.98 -35.81
C LEU C 309 5.73 -55.02 -36.91
N LEU C 310 6.63 -54.71 -37.84
CA LEU C 310 6.32 -53.72 -38.88
C LEU C 310 5.19 -54.21 -39.79
N LYS C 311 5.28 -55.46 -40.23
CA LYS C 311 4.24 -56.00 -41.10
C LYS C 311 2.93 -56.24 -40.33
N GLU C 312 3.03 -56.49 -39.03
CA GLU C 312 1.82 -56.66 -38.21
C GLU C 312 1.03 -55.36 -38.15
N ALA C 313 1.72 -54.24 -37.89
CA ALA C 313 1.04 -52.95 -37.79
C ALA C 313 0.43 -52.54 -39.12
N LYS C 314 1.13 -52.78 -40.23
CA LYS C 314 0.58 -52.49 -41.54
C LYS C 314 -0.69 -53.29 -41.80
N THR C 315 -0.71 -54.55 -41.37
CA THR C 315 -1.87 -55.40 -41.60
C THR C 315 -3.05 -54.99 -40.72
N LYS C 316 -2.78 -54.68 -39.45
CA LYS C 316 -3.86 -54.37 -38.51
C LYS C 316 -4.40 -52.95 -38.66
N TYR C 317 -3.61 -52.03 -39.21
CA TYR C 317 -4.00 -50.63 -39.33
C TYR C 317 -3.74 -50.16 -40.76
N PRO C 318 -4.57 -50.58 -41.72
CA PRO C 318 -4.34 -50.19 -43.12
C PRO C 318 -4.54 -48.71 -43.38
N ASN C 319 -5.28 -48.00 -42.52
CA ASN C 319 -5.49 -46.57 -42.69
C ASN C 319 -4.31 -45.73 -42.21
N TYR C 320 -3.25 -46.37 -41.72
CA TYR C 320 -2.06 -45.68 -41.26
C TYR C 320 -0.90 -45.94 -42.20
N GLU C 321 0.00 -44.96 -42.31
CA GLU C 321 1.28 -45.14 -42.98
C GLU C 321 2.35 -45.35 -41.91
N PHE C 322 2.97 -46.52 -41.90
CA PHE C 322 3.99 -46.87 -40.92
C PHE C 322 5.37 -46.69 -41.53
N ILE C 323 6.26 -46.02 -40.80
CA ILE C 323 7.60 -45.72 -41.25
C ILE C 323 8.59 -46.31 -40.24
N SER C 324 9.53 -47.11 -40.73
CA SER C 324 10.55 -47.68 -39.87
C SER C 324 11.85 -47.78 -40.66
N ASP C 325 12.97 -47.60 -39.97
CA ASP C 325 14.27 -47.64 -40.62
C ASP C 325 14.73 -49.06 -40.92
N ASN C 326 13.97 -50.08 -40.51
CA ASN C 326 14.29 -51.45 -40.91
C ASN C 326 13.99 -51.69 -42.39
N SER C 327 13.16 -50.85 -43.00
CA SER C 327 12.79 -50.99 -44.40
C SER C 327 13.78 -50.34 -45.35
N ILE C 328 14.83 -49.72 -44.83
CA ILE C 328 15.80 -49.02 -45.67
C ILE C 328 16.75 -50.03 -46.29
N SER C 329 16.80 -50.08 -47.63
CA SER C 329 17.74 -50.90 -48.36
C SER C 329 18.42 -50.00 -49.38
N TRP C 330 19.68 -49.66 -49.14
CA TRP C 330 20.41 -48.78 -50.04
C TRP C 330 20.72 -49.45 -51.38
N SER C 331 20.64 -50.77 -51.44
CA SER C 331 20.88 -51.51 -52.67
C SER C 331 19.69 -52.44 -52.94
N ALA C 332 19.56 -52.81 -54.21
CA ALA C 332 18.50 -53.74 -54.60
C ALA C 332 18.73 -55.10 -53.97
N GLY C 333 17.75 -55.59 -53.23
CA GLY C 333 17.84 -56.90 -52.62
C GLY C 333 17.45 -56.85 -51.16
N LEU C 334 17.93 -57.84 -50.42
CA LEU C 334 17.51 -58.08 -49.05
C LEU C 334 18.29 -57.25 -48.02
N HIS C 335 19.34 -56.56 -48.44
CA HIS C 335 20.24 -55.87 -47.52
C HIS C 335 19.51 -54.83 -46.67
N ASN C 336 19.31 -55.15 -45.39
CA ASN C 336 18.69 -54.25 -44.42
C ASN C 336 19.54 -54.29 -43.15
N ARG C 337 20.29 -53.22 -42.90
CA ARG C 337 21.31 -53.20 -41.87
C ARG C 337 21.01 -52.21 -40.75
N TYR C 338 19.77 -51.72 -40.66
CA TYR C 338 19.37 -50.81 -39.59
C TYR C 338 18.56 -51.60 -38.58
N THR C 339 19.21 -51.94 -37.46
CA THR C 339 18.60 -52.70 -36.38
C THR C 339 18.90 -51.98 -35.07
N GLU C 340 18.01 -52.15 -34.08
CA GLU C 340 18.32 -51.63 -32.75
C GLU C 340 19.47 -52.37 -32.09
N ASN C 341 20.02 -53.40 -32.74
CA ASN C 341 21.27 -54.01 -32.29
C ASN C 341 22.48 -53.28 -32.82
N SER C 342 22.36 -52.57 -33.94
CA SER C 342 23.46 -51.81 -34.49
C SER C 342 23.41 -50.36 -33.99
N LEU C 343 24.59 -49.73 -33.93
CA LEU C 343 24.68 -48.39 -33.37
C LEU C 343 23.89 -47.39 -34.20
N ARG C 344 24.06 -47.43 -35.52
CA ARG C 344 23.33 -46.50 -36.39
C ARG C 344 21.83 -46.74 -36.31
N GLY C 345 21.41 -48.01 -36.20
CA GLY C 345 19.99 -48.32 -36.22
C GLY C 345 19.26 -47.78 -35.01
N VAL C 346 19.87 -47.86 -33.83
CA VAL C 346 19.21 -47.35 -32.62
C VAL C 346 19.27 -45.82 -32.59
N ILE C 347 20.36 -45.23 -33.07
CA ILE C 347 20.47 -43.78 -33.10
C ILE C 347 19.45 -43.19 -34.06
N LEU C 348 19.27 -43.81 -35.23
CA LEU C 348 18.25 -43.35 -36.16
C LEU C 348 16.86 -43.52 -35.57
N ASP C 349 16.61 -44.65 -34.89
CA ASP C 349 15.34 -44.84 -34.21
C ASP C 349 15.09 -43.77 -33.16
N ILE C 350 16.10 -43.51 -32.33
CA ILE C 350 15.98 -42.48 -31.30
C ILE C 350 15.76 -41.11 -31.94
N HIS C 351 16.47 -40.83 -33.04
CA HIS C 351 16.33 -39.54 -33.69
C HIS C 351 14.91 -39.34 -34.23
N PHE C 352 14.39 -40.33 -34.95
CA PHE C 352 13.06 -40.18 -35.54
C PHE C 352 11.96 -40.19 -34.48
N LEU C 353 12.16 -40.93 -33.39
CA LEU C 353 11.19 -40.89 -32.31
C LEU C 353 11.15 -39.52 -31.65
N SER C 354 12.31 -38.92 -31.42
CA SER C 354 12.36 -37.60 -30.79
C SER C 354 11.77 -36.52 -31.69
N GLN C 355 11.90 -36.67 -33.01
CA GLN C 355 11.38 -35.70 -33.95
C GLN C 355 9.86 -35.74 -34.08
N ALA C 356 9.21 -36.70 -33.44
CA ALA C 356 7.77 -36.88 -33.59
C ALA C 356 7.01 -35.80 -32.82
N ASP C 357 5.74 -35.64 -33.22
CA ASP C 357 4.84 -34.73 -32.51
C ASP C 357 4.30 -35.34 -31.22
N PHE C 358 4.32 -36.66 -31.10
CA PHE C 358 3.82 -37.35 -29.93
C PHE C 358 4.52 -38.69 -29.83
N LEU C 359 4.77 -39.14 -28.60
CA LEU C 359 5.55 -40.34 -28.35
C LEU C 359 4.75 -41.31 -27.50
N VAL C 360 4.50 -42.50 -28.04
CA VAL C 360 3.78 -43.55 -27.33
C VAL C 360 4.71 -44.75 -27.19
N CYS C 361 5.02 -45.11 -25.95
CA CYS C 361 6.02 -46.16 -25.72
C CYS C 361 5.89 -46.64 -24.28
N THR C 362 6.93 -47.33 -23.80
CA THR C 362 7.07 -47.71 -22.40
C THR C 362 8.31 -47.02 -21.85
N PHE C 363 8.12 -46.17 -20.84
CA PHE C 363 9.26 -45.45 -20.28
C PHE C 363 10.20 -46.33 -19.47
N SER C 364 9.84 -47.60 -19.26
CA SER C 364 10.81 -48.54 -18.71
C SER C 364 11.96 -48.79 -19.68
N SER C 365 11.76 -48.49 -20.96
CA SER C 365 12.82 -48.61 -21.95
C SER C 365 13.79 -47.45 -21.82
N GLN C 366 15.09 -47.78 -21.72
CA GLN C 366 16.12 -46.74 -21.74
C GLN C 366 16.09 -45.97 -23.06
N VAL C 367 15.79 -46.67 -24.16
CA VAL C 367 15.84 -46.04 -25.47
C VAL C 367 14.76 -44.97 -25.60
N CYS C 368 13.53 -45.28 -25.17
CA CYS C 368 12.46 -44.30 -25.32
C CYS C 368 12.69 -43.07 -24.47
N ARG C 369 13.23 -43.25 -23.26
CA ARG C 369 13.53 -42.10 -22.41
C ARG C 369 14.51 -41.16 -23.09
N VAL C 370 15.50 -41.71 -23.81
CA VAL C 370 16.46 -40.88 -24.53
C VAL C 370 15.73 -40.05 -25.59
N ALA C 371 14.82 -40.68 -26.33
CA ALA C 371 14.05 -39.94 -27.33
C ALA C 371 13.16 -38.90 -26.69
N TYR C 372 12.57 -39.23 -25.53
CA TYR C 372 11.75 -38.25 -24.81
C TYR C 372 12.60 -37.10 -24.30
N GLU C 373 13.82 -37.38 -23.85
CA GLU C 373 14.72 -36.32 -23.41
C GLU C 373 15.14 -35.43 -24.58
N ILE C 374 15.56 -36.04 -25.69
CA ILE C 374 15.95 -35.27 -26.86
C ILE C 374 14.78 -34.42 -27.35
N MET C 375 13.56 -34.95 -27.24
CA MET C 375 12.38 -34.22 -27.68
C MET C 375 12.22 -32.89 -26.95
N GLN C 376 12.67 -32.81 -25.69
CA GLN C 376 12.56 -31.56 -24.95
C GLN C 376 13.43 -30.45 -25.54
N THR C 377 14.49 -30.80 -26.26
CA THR C 377 15.35 -29.81 -26.89
C THR C 377 14.81 -29.31 -28.22
N LEU C 378 13.71 -29.86 -28.71
CA LEU C 378 13.17 -29.51 -30.01
C LEU C 378 11.92 -28.63 -29.94
N HIS C 379 11.35 -28.44 -28.75
CA HIS C 379 10.15 -27.64 -28.58
C HIS C 379 10.30 -26.82 -27.31
N PRO C 380 9.55 -25.72 -27.18
CA PRO C 380 9.58 -24.94 -25.93
C PRO C 380 9.18 -25.78 -24.71
N ASP C 381 8.01 -26.42 -24.76
CA ASP C 381 7.55 -27.29 -23.68
C ASP C 381 6.94 -28.54 -24.31
N ALA C 382 7.77 -29.57 -24.50
CA ALA C 382 7.32 -30.86 -24.99
C ALA C 382 7.16 -31.88 -23.88
N SER C 383 6.99 -31.42 -22.64
CA SER C 383 6.96 -32.33 -21.49
C SER C 383 5.73 -33.24 -21.52
N ALA C 384 4.65 -32.81 -22.17
CA ALA C 384 3.40 -33.55 -22.17
C ALA C 384 3.15 -34.33 -23.45
N ASN C 385 4.05 -34.25 -24.43
CA ASN C 385 3.84 -34.91 -25.71
C ASN C 385 4.21 -36.38 -25.65
N PHE C 386 3.77 -37.10 -24.63
CA PHE C 386 4.08 -38.50 -24.50
C PHE C 386 2.90 -39.24 -23.86
N HIS C 387 2.92 -40.56 -24.01
CA HIS C 387 2.11 -41.44 -23.18
C HIS C 387 2.88 -42.74 -22.98
N SER C 388 3.15 -43.07 -21.72
CA SER C 388 3.85 -44.29 -21.37
C SER C 388 2.85 -45.35 -20.90
N LEU C 389 3.06 -46.59 -21.34
CA LEU C 389 2.19 -47.68 -20.92
C LEU C 389 2.49 -48.16 -19.51
N ASP C 390 3.67 -47.85 -18.97
CA ASP C 390 4.00 -48.28 -17.62
C ASP C 390 4.55 -47.13 -16.77
N ASP C 391 5.86 -46.98 -16.73
CA ASP C 391 6.49 -46.06 -15.78
C ASP C 391 6.24 -44.61 -16.16
N ILE C 392 6.26 -43.74 -15.14
CA ILE C 392 6.37 -42.30 -15.32
C ILE C 392 7.82 -42.03 -15.71
N TYR C 393 8.13 -40.79 -16.07
CA TYR C 393 9.52 -40.47 -16.39
C TYR C 393 10.40 -40.63 -15.16
N TYR C 394 11.60 -41.16 -15.38
CA TYR C 394 12.61 -41.25 -14.34
C TYR C 394 13.98 -41.31 -14.98
N PHE C 395 15.00 -41.17 -14.14
CA PHE C 395 16.39 -41.30 -14.56
C PHE C 395 17.06 -42.24 -13.57
N GLY C 396 17.60 -43.35 -14.06
CA GLY C 396 18.24 -44.35 -13.21
C GLY C 396 19.30 -43.76 -12.31
N GLY C 397 19.16 -43.96 -11.00
CA GLY C 397 20.06 -43.40 -10.03
C GLY C 397 19.59 -42.11 -9.38
N GLN C 398 18.39 -41.65 -9.71
CA GLN C 398 17.88 -40.39 -9.20
C GLN C 398 17.63 -40.49 -7.70
N ASN C 399 17.40 -39.33 -7.09
CA ASN C 399 17.01 -39.26 -5.68
C ASN C 399 15.51 -39.54 -5.57
N ALA C 400 14.97 -39.39 -4.37
CA ALA C 400 13.56 -39.70 -4.14
C ALA C 400 12.67 -38.74 -4.90
N HIS C 401 11.87 -39.27 -5.83
CA HIS C 401 10.87 -38.49 -6.54
C HIS C 401 9.65 -38.37 -5.64
N ASN C 402 9.43 -37.17 -5.10
CA ASN C 402 8.36 -36.93 -4.15
C ASN C 402 7.29 -36.02 -4.75
N GLN C 403 6.05 -36.21 -4.30
CA GLN C 403 4.95 -35.34 -4.60
C GLN C 403 4.39 -34.78 -3.30
N ILE C 404 3.65 -33.68 -3.40
CA ILE C 404 2.99 -33.08 -2.26
C ILE C 404 1.49 -33.16 -2.48
N ALA C 405 0.77 -33.72 -1.51
CA ALA C 405 -0.68 -33.77 -1.60
C ALA C 405 -1.26 -32.37 -1.48
N ILE C 406 -2.20 -32.05 -2.37
CA ILE C 406 -2.87 -30.76 -2.34
C ILE C 406 -4.33 -30.89 -1.91
N TYR C 407 -4.98 -32.01 -2.19
CA TYR C 407 -6.35 -32.27 -1.77
C TYR C 407 -6.38 -33.54 -0.93
N ALA C 408 -7.04 -33.47 0.23
CA ALA C 408 -7.10 -34.63 1.10
C ALA C 408 -7.87 -35.76 0.43
N HIS C 409 -7.54 -36.99 0.82
CA HIS C 409 -8.21 -38.17 0.29
C HIS C 409 -8.51 -39.15 1.42
N GLN C 410 -9.77 -39.57 1.50
CA GLN C 410 -10.17 -40.62 2.42
C GLN C 410 -10.25 -41.94 1.64
N PRO C 411 -9.47 -42.95 1.99
CA PRO C 411 -9.41 -44.17 1.16
C PRO C 411 -10.75 -44.88 1.14
N ARG C 412 -11.24 -45.19 -0.07
CA ARG C 412 -12.46 -45.94 -0.26
C ARG C 412 -12.23 -47.44 -0.26
N THR C 413 -11.00 -47.90 -0.48
CA THR C 413 -10.64 -49.30 -0.48
C THR C 413 -9.46 -49.51 0.46
N ALA C 414 -9.22 -50.77 0.80
CA ALA C 414 -8.01 -51.11 1.55
C ALA C 414 -6.75 -50.86 0.74
N ASP C 415 -6.87 -50.81 -0.59
CA ASP C 415 -5.73 -50.57 -1.47
C ASP C 415 -5.34 -49.10 -1.56
N GLU C 416 -6.19 -48.20 -1.08
CA GLU C 416 -5.93 -46.77 -1.15
C GLU C 416 -5.36 -46.27 0.16
N ILE C 417 -4.56 -45.21 0.09
CA ILE C 417 -3.92 -44.62 1.27
C ILE C 417 -4.54 -43.27 1.58
N PRO C 418 -4.60 -42.86 2.85
CA PRO C 418 -5.08 -41.52 3.17
C PRO C 418 -4.04 -40.47 2.82
N MET C 419 -4.54 -39.26 2.55
CA MET C 419 -3.69 -38.12 2.28
C MET C 419 -4.30 -36.88 2.93
N GLU C 420 -3.42 -36.02 3.46
CA GLU C 420 -3.78 -34.69 3.91
C GLU C 420 -2.93 -33.67 3.16
N PRO C 421 -3.46 -32.48 2.92
CA PRO C 421 -2.69 -31.47 2.19
C PRO C 421 -1.36 -31.19 2.88
N GLY C 422 -0.28 -31.33 2.11
CA GLY C 422 1.06 -31.16 2.64
C GLY C 422 1.82 -32.45 2.86
N ASP C 423 1.14 -33.59 2.84
CA ASP C 423 1.82 -34.86 3.02
C ASP C 423 2.78 -35.10 1.85
N ILE C 424 4.00 -35.54 2.17
CA ILE C 424 4.98 -35.87 1.15
C ILE C 424 4.71 -37.30 0.68
N ILE C 425 4.42 -37.44 -0.61
CA ILE C 425 4.07 -38.73 -1.21
C ILE C 425 5.22 -39.16 -2.11
N GLY C 426 5.86 -40.26 -1.75
CA GLY C 426 6.86 -40.86 -2.63
C GLY C 426 6.20 -41.66 -3.73
N VAL C 427 6.19 -41.12 -4.95
CA VAL C 427 5.46 -41.72 -6.05
C VAL C 427 6.25 -42.91 -6.60
N ALA C 428 5.54 -44.01 -6.85
CA ALA C 428 6.11 -45.16 -7.52
C ALA C 428 5.67 -45.28 -8.96
N GLY C 429 4.51 -44.73 -9.32
CA GLY C 429 4.05 -44.79 -10.68
C GLY C 429 2.62 -44.29 -10.79
N ASN C 430 2.22 -44.05 -12.05
CA ASN C 430 0.89 -43.62 -12.40
C ASN C 430 0.25 -44.72 -13.25
N HIS C 431 -0.88 -45.25 -12.78
CA HIS C 431 -1.55 -46.35 -13.48
C HIS C 431 -2.39 -45.87 -14.67
N TRP C 432 -2.39 -44.57 -14.96
CA TRP C 432 -3.08 -44.00 -16.13
C TRP C 432 -4.57 -44.36 -16.13
N ASP C 433 -5.14 -44.57 -14.95
CA ASP C 433 -6.57 -44.82 -14.80
C ASP C 433 -7.20 -43.85 -13.82
N GLY C 434 -6.51 -42.76 -13.50
CA GLY C 434 -6.93 -41.82 -12.49
C GLY C 434 -6.26 -42.01 -11.15
N TYR C 435 -5.58 -43.12 -10.94
CA TYR C 435 -4.92 -43.42 -9.68
C TYR C 435 -3.42 -43.61 -9.89
N SER C 436 -2.66 -43.23 -8.87
CA SER C 436 -1.23 -43.48 -8.81
C SER C 436 -0.92 -44.29 -7.56
N LYS C 437 0.25 -44.93 -7.56
CA LYS C 437 0.70 -45.70 -6.41
C LYS C 437 1.93 -45.04 -5.80
N GLY C 438 2.00 -45.05 -4.47
CA GLY C 438 3.11 -44.44 -3.79
C GLY C 438 3.01 -44.67 -2.30
N VAL C 439 3.93 -44.03 -1.56
CA VAL C 439 4.00 -44.16 -0.12
C VAL C 439 3.77 -42.79 0.50
N ASN C 440 2.80 -42.72 1.42
CA ASN C 440 2.60 -41.52 2.24
C ASN C 440 3.66 -41.56 3.33
N ARG C 441 4.71 -40.76 3.16
CA ARG C 441 5.88 -40.87 4.03
C ARG C 441 5.56 -40.48 5.47
N LYS C 442 4.55 -39.64 5.68
CA LYS C 442 4.14 -39.31 7.05
C LYS C 442 3.49 -40.51 7.71
N LEU C 443 2.47 -41.08 7.08
CA LEU C 443 1.77 -42.24 7.63
C LEU C 443 2.57 -43.53 7.49
N GLY C 444 3.54 -43.57 6.58
CA GLY C 444 4.29 -44.79 6.37
C GLY C 444 3.50 -45.90 5.70
N ARG C 445 2.42 -45.55 5.00
CA ARG C 445 1.58 -46.51 4.30
C ARG C 445 1.78 -46.38 2.79
N THR C 446 1.66 -47.50 2.10
CA THR C 446 1.84 -47.57 0.65
C THR C 446 0.57 -48.06 0.00
N GLY C 447 0.14 -47.39 -1.07
CA GLY C 447 -1.08 -47.79 -1.75
C GLY C 447 -1.44 -46.80 -2.85
N LEU C 448 -2.72 -46.84 -3.24
CA LEU C 448 -3.21 -46.03 -4.34
C LEU C 448 -3.83 -44.73 -3.83
N TYR C 449 -3.91 -43.76 -4.74
CA TYR C 449 -4.48 -42.45 -4.43
C TYR C 449 -4.81 -41.75 -5.75
N PRO C 450 -5.82 -40.89 -5.76
CA PRO C 450 -6.15 -40.18 -7.01
C PRO C 450 -5.00 -39.30 -7.46
N SER C 451 -4.68 -39.39 -8.75
CA SER C 451 -3.50 -38.70 -9.27
C SER C 451 -3.65 -37.20 -9.24
N TYR C 452 -4.88 -36.69 -9.37
CA TYR C 452 -5.09 -35.25 -9.41
C TYR C 452 -4.97 -34.58 -8.05
N LYS C 453 -4.87 -35.35 -6.98
CA LYS C 453 -4.83 -34.80 -5.63
C LYS C 453 -3.41 -34.49 -5.14
N VAL C 454 -2.42 -34.55 -6.03
CA VAL C 454 -1.04 -34.23 -5.68
C VAL C 454 -0.46 -33.31 -6.75
N ARG C 455 0.64 -32.65 -6.39
CA ARG C 455 1.42 -31.85 -7.32
C ARG C 455 2.87 -32.30 -7.25
N GLU C 456 3.67 -31.86 -8.22
CA GLU C 456 5.08 -32.24 -8.28
C GLU C 456 5.90 -31.40 -7.31
N LYS C 457 6.82 -32.05 -6.62
CA LYS C 457 7.75 -31.40 -5.70
C LYS C 457 9.04 -31.15 -6.45
N ILE C 458 9.26 -29.90 -6.85
CA ILE C 458 10.44 -29.53 -7.63
C ILE C 458 11.63 -29.36 -6.69
N GLU C 459 12.70 -30.11 -6.95
CA GLU C 459 13.90 -30.05 -6.15
C GLU C 459 14.95 -29.18 -6.81
N THR C 460 15.76 -28.52 -5.99
CA THR C 460 16.81 -27.63 -6.48
C THR C 460 18.15 -28.01 -5.86
N VAL C 461 19.22 -27.76 -6.61
CA VAL C 461 20.59 -28.00 -6.16
C VAL C 461 21.44 -26.81 -6.60
N LYS C 462 22.33 -26.36 -5.70
CA LYS C 462 23.20 -25.22 -5.97
C LYS C 462 24.31 -25.67 -6.92
N TYR C 463 24.03 -25.61 -8.22
CA TYR C 463 25.04 -25.88 -9.24
C TYR C 463 25.95 -24.67 -9.42
N PRO C 464 27.17 -24.87 -9.91
CA PRO C 464 27.98 -23.75 -10.34
C PRO C 464 27.32 -23.04 -11.52
N THR C 465 27.52 -21.73 -11.60
CA THR C 465 26.85 -20.91 -12.61
C THR C 465 27.77 -20.51 -13.75
N TYR C 466 29.09 -20.64 -13.58
CA TYR C 466 30.08 -20.33 -14.61
C TYR C 466 29.88 -18.93 -15.18
N PRO C 467 30.19 -17.88 -14.42
CA PRO C 467 29.99 -16.52 -14.96
C PRO C 467 30.86 -16.21 -16.16
N GLU C 468 32.03 -16.85 -16.28
CA GLU C 468 32.95 -16.55 -17.37
C GLU C 468 32.39 -16.96 -18.73
N ALA C 469 31.43 -17.89 -18.77
CA ALA C 469 30.84 -18.31 -20.03
C ALA C 469 30.13 -17.16 -20.75
N GLU C 470 29.70 -16.14 -20.01
CA GLU C 470 29.05 -14.97 -20.61
C GLU C 470 30.07 -13.91 -20.96
N GLY D 3 -7.08 13.73 13.43
CA GLY D 3 -7.00 15.10 12.96
C GLY D 3 -6.02 15.94 13.76
N LEU D 4 -5.62 17.07 13.18
CA LEU D 4 -4.74 18.02 13.85
C LEU D 4 -5.54 19.20 14.37
N GLY D 5 -4.95 19.90 15.35
CA GLY D 5 -5.58 21.06 15.94
C GLY D 5 -5.14 22.35 15.25
N LYS D 6 -6.11 23.24 15.04
CA LYS D 6 -5.81 24.51 14.39
C LYS D 6 -4.84 25.34 15.21
N ASP D 7 -5.06 25.43 16.52
CA ASP D 7 -4.17 26.20 17.37
C ASP D 7 -2.82 25.53 17.52
N HIS D 8 -2.81 24.19 17.55
CA HIS D 8 -1.54 23.46 17.65
C HIS D 8 -0.63 23.78 16.46
N GLU D 9 -1.21 23.80 15.25
CA GLU D 9 -0.41 24.07 14.06
C GLU D 9 0.01 25.55 14.02
N ILE D 10 -0.92 26.45 14.32
CA ILE D 10 -0.59 27.88 14.39
C ILE D 10 0.56 28.11 15.35
N LEU D 11 0.52 27.45 16.51
CA LEU D 11 1.57 27.67 17.52
C LEU D 11 2.90 27.05 17.09
N ARG D 12 2.88 25.85 16.52
CA ARG D 12 4.12 25.23 16.09
C ARG D 12 4.80 26.08 15.02
N ARG D 13 4.04 26.58 14.05
CA ARG D 13 4.63 27.39 13.00
C ARG D 13 5.13 28.72 13.53
N ARG D 14 4.47 29.29 14.54
CA ARG D 14 4.94 30.54 15.12
C ARG D 14 6.22 30.32 15.92
N ILE D 15 6.31 29.19 16.63
CA ILE D 15 7.57 28.83 17.29
C ILE D 15 8.67 28.67 16.26
N GLU D 16 8.35 28.03 15.13
CA GLU D 16 9.31 27.86 14.06
C GLU D 16 9.76 29.21 13.52
N ASN D 17 8.81 30.07 13.16
CA ASN D 17 9.14 31.37 12.58
C ASN D 17 9.76 32.31 13.62
N GLY D 18 9.36 32.18 14.88
CA GLY D 18 9.99 32.97 15.93
C GLY D 18 11.44 32.60 16.12
N ALA D 19 11.76 31.30 16.08
CA ALA D 19 13.14 30.86 16.15
C ALA D 19 13.92 31.30 14.91
N LYS D 20 13.27 31.25 13.74
CA LYS D 20 13.93 31.68 12.51
C LYS D 20 14.25 33.17 12.55
N GLU D 21 13.32 33.99 13.04
CA GLU D 21 13.59 35.42 13.14
C GLU D 21 14.66 35.71 14.19
N LEU D 22 14.69 34.92 15.26
CA LEU D 22 15.76 35.07 16.25
C LEU D 22 17.12 34.84 15.61
N TRP D 23 17.23 33.84 14.75
CA TRP D 23 18.49 33.57 14.07
C TRP D 23 18.84 34.68 13.08
N PHE D 24 17.83 35.21 12.38
CA PHE D 24 18.04 36.41 11.57
C PHE D 24 18.57 37.55 12.42
N PHE D 25 17.97 37.75 13.60
CA PHE D 25 18.34 38.85 14.48
C PHE D 25 19.76 38.66 15.03
N LEU D 26 20.15 37.42 15.30
CA LEU D 26 21.47 37.16 15.88
C LEU D 26 22.58 37.42 14.88
N GLN D 27 22.45 36.89 13.66
CA GLN D 27 23.50 37.05 12.65
C GLN D 27 23.71 38.52 12.31
N SER D 28 22.63 39.30 12.29
CA SER D 28 22.74 40.71 11.94
C SER D 28 23.44 41.49 13.04
N GLU D 29 22.96 41.37 14.28
CA GLU D 29 23.49 42.18 15.37
C GLU D 29 24.90 41.78 15.75
N LEU D 30 25.23 40.49 15.65
CA LEU D 30 26.59 40.05 15.97
C LEU D 30 27.59 40.58 14.95
N LYS D 31 27.19 40.66 13.68
CA LYS D 31 28.06 41.24 12.68
C LYS D 31 28.33 42.72 12.95
N LYS D 32 27.30 43.45 13.37
CA LYS D 32 27.51 44.84 13.80
C LYS D 32 28.37 44.90 15.04
N LEU D 33 28.20 43.94 15.96
CA LEU D 33 28.88 43.99 17.25
C LEU D 33 30.39 43.83 17.10
N LYS D 34 30.84 43.17 16.04
CA LYS D 34 32.27 42.98 15.84
C LYS D 34 32.97 44.30 15.50
N ASN D 35 32.25 45.24 14.92
CA ASN D 35 32.82 46.52 14.49
C ASN D 35 32.70 47.60 15.56
N LEU D 36 32.55 47.22 16.82
CA LEU D 36 32.42 48.16 17.92
C LEU D 36 33.55 47.97 18.91
N GLU D 37 33.71 48.94 19.80
CA GLU D 37 34.77 48.91 20.80
C GLU D 37 34.42 49.83 21.94
N GLY D 38 34.83 49.46 23.14
CA GLY D 38 34.70 50.34 24.29
C GLY D 38 33.26 50.50 24.73
N ASN D 39 32.86 51.76 24.92
CA ASN D 39 31.56 52.04 25.52
C ASN D 39 30.41 51.78 24.54
N GLU D 40 30.61 52.05 23.26
CA GLU D 40 29.55 51.78 22.29
C GLU D 40 29.31 50.29 22.14
N LEU D 41 30.36 49.46 22.30
CA LEU D 41 30.18 48.02 22.30
C LEU D 41 29.39 47.58 23.54
N GLN D 42 29.68 48.17 24.69
CA GLN D 42 28.97 47.81 25.92
C GLN D 42 27.49 48.16 25.82
N ARG D 43 27.19 49.37 25.33
CA ARG D 43 25.80 49.81 25.25
C ARG D 43 25.01 48.97 24.25
N HIS D 44 25.61 48.63 23.11
CA HIS D 44 24.90 47.82 22.12
C HIS D 44 24.76 46.38 22.57
N ALA D 45 25.81 45.83 23.20
CA ALA D 45 25.71 44.46 23.71
C ALA D 45 24.67 44.36 24.81
N ASP D 46 24.53 45.40 25.63
CA ASP D 46 23.52 45.40 26.67
C ASP D 46 22.12 45.51 26.09
N GLU D 47 21.93 46.40 25.10
CA GLU D 47 20.64 46.48 24.43
C GLU D 47 20.36 45.20 23.65
N PHE D 48 21.40 44.60 23.05
CA PHE D 48 21.24 43.32 22.38
C PHE D 48 20.68 42.27 23.33
N LEU D 49 21.24 42.19 24.53
CA LEU D 49 20.80 41.18 25.49
C LEU D 49 19.35 41.40 25.91
N LEU D 50 18.96 42.66 26.10
CA LEU D 50 17.58 42.96 26.50
C LEU D 50 16.60 42.53 25.43
N ASP D 51 16.89 42.84 24.17
CA ASP D 51 16.00 42.44 23.08
C ASP D 51 15.95 40.93 22.92
N LEU D 52 17.09 40.26 23.10
CA LEU D 52 17.11 38.80 23.03
C LEU D 52 16.24 38.19 24.13
N GLY D 53 16.22 38.82 25.30
CA GLY D 53 15.45 38.27 26.41
C GLY D 53 13.96 38.19 26.11
N HIS D 54 13.37 39.31 25.68
CA HIS D 54 11.94 39.31 25.36
C HIS D 54 11.65 38.40 24.18
N HIS D 55 12.56 38.36 23.21
CA HIS D 55 12.37 37.48 22.06
C HIS D 55 12.39 36.01 22.49
N GLU D 56 13.36 35.64 23.33
CA GLU D 56 13.42 34.27 23.81
C GLU D 56 12.18 33.90 24.62
N ARG D 57 11.67 34.85 25.40
CA ARG D 57 10.49 34.58 26.21
C ARG D 57 9.22 34.47 25.38
N SER D 58 9.18 35.12 24.21
CA SER D 58 8.04 34.94 23.32
C SER D 58 8.00 33.51 22.79
N ILE D 59 9.18 32.94 22.49
CA ILE D 59 9.24 31.56 22.03
C ILE D 59 8.80 30.61 23.14
N MET D 60 9.36 30.79 24.34
CA MET D 60 8.99 29.93 25.46
C MET D 60 7.50 30.05 25.78
N THR D 61 6.94 31.25 25.67
CA THR D 61 5.52 31.43 25.91
C THR D 61 4.69 30.66 24.89
N ASP D 62 5.05 30.75 23.61
CA ASP D 62 4.36 29.96 22.58
C ASP D 62 4.52 28.47 22.85
N LEU D 63 5.69 28.05 23.36
CA LEU D 63 5.90 26.66 23.69
C LEU D 63 5.04 26.23 24.88
N TYR D 64 4.79 27.13 25.84
CA TYR D 64 3.88 26.80 26.92
C TYR D 64 2.46 26.60 26.39
N TYR D 65 2.00 27.53 25.54
CA TYR D 65 0.68 27.42 24.96
C TYR D 65 0.55 26.14 24.14
N LEU D 66 1.62 25.76 23.43
CA LEU D 66 1.60 24.53 22.65
C LEU D 66 1.35 23.31 23.53
N SER D 67 1.94 23.29 24.73
CA SER D 67 1.75 22.17 25.63
C SER D 67 0.32 22.06 26.14
N GLN D 68 -0.48 23.11 25.97
CA GLN D 68 -1.83 23.13 26.54
C GLN D 68 -2.93 22.96 25.50
N THR D 69 -2.71 23.36 24.25
CA THR D 69 -3.80 23.38 23.29
C THR D 69 -4.22 21.97 22.90
N ASP D 70 -5.33 21.91 22.15
CA ASP D 70 -5.89 20.66 21.64
C ASP D 70 -6.25 19.69 22.76
N GLY D 71 -6.65 20.23 23.91
CA GLY D 71 -6.95 19.42 25.07
C GLY D 71 -5.77 18.70 25.68
N ALA D 72 -4.54 19.08 25.31
CA ALA D 72 -3.36 18.41 25.85
C ALA D 72 -3.18 18.69 27.33
N GLY D 73 -3.52 19.90 27.77
CA GLY D 73 -3.42 20.22 29.19
C GLY D 73 -4.33 19.36 30.03
N ASP D 74 -5.59 19.21 29.59
CA ASP D 74 -6.53 18.36 30.33
C ASP D 74 -6.08 16.90 30.33
N TRP D 75 -5.58 16.41 29.19
CA TRP D 75 -5.14 15.03 29.13
C TRP D 75 -3.97 14.79 30.07
N ARG D 76 -3.00 15.70 30.09
CA ARG D 76 -1.83 15.51 30.94
C ARG D 76 -2.21 15.56 32.41
N GLU D 77 -3.15 16.44 32.78
CA GLU D 77 -3.60 16.50 34.16
C GLU D 77 -4.31 15.21 34.57
N LYS D 78 -5.17 14.67 33.71
CA LYS D 78 -5.87 13.44 34.02
C LYS D 78 -4.90 12.26 34.09
N GLU D 79 -3.93 12.20 33.19
CA GLU D 79 -3.01 11.07 33.16
C GLU D 79 -2.04 11.13 34.34
N ALA D 80 -1.54 12.32 34.67
CA ALA D 80 -0.71 12.47 35.86
C ALA D 80 -1.50 12.11 37.11
N LYS D 81 -2.81 12.36 37.11
CA LYS D 81 -3.65 11.99 38.25
C LYS D 81 -3.79 10.48 38.34
N ASP D 82 -4.04 9.82 37.20
CA ASP D 82 -4.17 8.37 37.19
C ASP D 82 -2.88 7.69 37.67
N LEU D 83 -1.73 8.17 37.20
CA LEU D 83 -0.46 7.59 37.62
C LEU D 83 -0.23 7.78 39.11
N THR D 84 -0.57 8.96 39.64
CA THR D 84 -0.38 9.20 41.07
C THR D 84 -1.28 8.30 41.90
N GLU D 85 -2.56 8.22 41.53
CA GLU D 85 -3.49 7.35 42.25
C GLU D 85 -3.06 5.90 42.17
N LEU D 86 -2.51 5.48 41.03
CA LEU D 86 -2.03 4.11 40.88
C LEU D 86 -0.92 3.81 41.87
N VAL D 87 0.07 4.71 41.96
CA VAL D 87 1.23 4.46 42.82
C VAL D 87 0.82 4.57 44.29
N GLN D 88 0.10 5.64 44.65
CA GLN D 88 -0.34 5.80 46.02
C GLN D 88 -1.21 4.64 46.48
N ARG D 89 -2.00 4.06 45.57
CA ARG D 89 -2.80 2.88 45.91
C ARG D 89 -1.90 1.68 46.17
N ARG D 90 -0.83 1.53 45.39
CA ARG D 90 0.12 0.45 45.62
C ARG D 90 0.85 0.63 46.94
N ILE D 91 1.33 1.85 47.20
CA ILE D 91 2.05 2.11 48.45
C ILE D 91 1.15 1.87 49.65
N THR D 92 -0.10 2.34 49.56
CA THR D 92 -1.04 2.13 50.67
C THR D 92 -1.34 0.66 50.88
N TYR D 93 -1.44 -0.11 49.80
CA TYR D 93 -1.63 -1.55 49.93
C TYR D 93 -0.43 -2.19 50.63
N LEU D 94 0.78 -1.83 50.20
CA LEU D 94 1.99 -2.39 50.82
C LEU D 94 2.06 -2.04 52.30
N GLN D 95 1.68 -0.82 52.67
CA GLN D 95 1.86 -0.35 54.03
C GLN D 95 0.85 -0.91 55.01
N ASN D 96 -0.26 -1.47 54.53
CA ASN D 96 -1.36 -1.91 55.40
C ASN D 96 -1.71 -3.36 55.12
N PRO D 97 -0.84 -4.30 55.49
CA PRO D 97 -1.21 -5.71 55.41
C PRO D 97 -2.23 -6.05 56.47
N LYS D 98 -2.95 -7.16 56.23
CA LYS D 98 -3.97 -7.58 57.19
C LYS D 98 -3.33 -8.10 58.47
N ASP D 99 -2.28 -8.90 58.37
CA ASP D 99 -1.61 -9.51 59.52
C ASP D 99 -0.24 -8.86 59.67
N CYS D 100 -0.12 -7.97 60.66
CA CYS D 100 1.14 -7.29 60.87
C CYS D 100 2.20 -8.21 61.47
N SER D 101 1.80 -9.16 62.32
CA SER D 101 2.75 -10.06 62.93
C SER D 101 3.38 -11.02 61.93
N LYS D 102 2.78 -11.20 60.77
CA LYS D 102 3.30 -12.10 59.74
C LYS D 102 3.86 -11.37 58.53
N ALA D 103 3.72 -10.05 58.47
CA ALA D 103 4.16 -9.30 57.31
C ALA D 103 5.68 -9.14 57.29
N LYS D 104 6.24 -9.15 56.09
CA LYS D 104 7.65 -8.81 55.91
C LYS D 104 7.82 -7.30 56.02
N LYS D 105 8.87 -6.88 56.71
CA LYS D 105 9.05 -5.49 57.07
C LYS D 105 10.46 -5.02 56.75
N LEU D 106 10.60 -3.71 56.65
CA LEU D 106 11.89 -3.03 56.56
C LEU D 106 11.88 -1.90 57.57
N VAL D 107 12.83 -1.92 58.49
CA VAL D 107 12.88 -0.95 59.58
C VAL D 107 13.81 0.19 59.19
N CYS D 108 13.34 1.43 59.39
CA CYS D 108 14.09 2.62 59.07
C CYS D 108 14.15 3.52 60.29
N ASN D 109 15.36 3.94 60.66
CA ASN D 109 15.57 4.85 61.78
C ASN D 109 15.73 6.27 61.22
N ILE D 110 14.84 7.17 61.64
CA ILE D 110 14.83 8.53 61.11
C ILE D 110 16.03 9.34 61.58
N ASN D 111 16.71 8.89 62.64
CA ASN D 111 17.72 9.72 63.30
C ASN D 111 19.07 9.70 62.60
N LYS D 112 19.07 9.90 61.29
CA LYS D 112 20.34 10.12 60.58
C LYS D 112 20.99 11.40 61.09
N GLY D 113 22.32 11.39 61.14
CA GLY D 113 23.06 12.54 61.64
C GLY D 113 23.13 13.68 60.65
N CYS D 114 22.01 14.35 60.41
CA CYS D 114 21.92 15.46 59.47
C CYS D 114 20.59 16.18 59.70
N GLY D 115 20.34 17.21 58.90
CA GLY D 115 19.18 18.05 59.08
C GLY D 115 17.89 17.37 58.65
N TYR D 116 16.79 18.11 58.82
CA TYR D 116 15.46 17.56 58.54
C TYR D 116 15.34 17.11 57.09
N GLY D 117 15.74 17.97 56.16
CA GLY D 117 15.64 17.61 54.75
C GLY D 117 16.42 16.35 54.42
N CYS D 118 17.61 16.20 55.01
CA CYS D 118 18.40 15.00 54.78
C CYS D 118 17.82 13.78 55.48
N GLN D 119 17.15 13.97 56.62
CA GLN D 119 16.48 12.86 57.28
C GLN D 119 15.25 12.42 56.50
N LEU D 120 14.50 13.37 55.95
CA LEU D 120 13.34 13.03 55.12
C LEU D 120 13.77 12.21 53.91
N HIS D 121 14.88 12.60 53.28
CA HIS D 121 15.38 11.84 52.14
C HIS D 121 15.87 10.46 52.55
N HIS D 122 16.41 10.32 53.76
CA HIS D 122 16.76 9.00 54.26
C HIS D 122 15.52 8.11 54.34
N VAL D 123 14.43 8.65 54.88
CA VAL D 123 13.19 7.89 54.97
C VAL D 123 12.65 7.55 53.59
N VAL D 124 12.80 8.49 52.65
CA VAL D 124 12.38 8.22 51.26
C VAL D 124 13.17 7.06 50.69
N TYR D 125 14.49 7.05 50.90
CA TYR D 125 15.32 5.97 50.38
C TYR D 125 14.96 4.64 51.03
N CYS D 126 14.66 4.65 52.33
CA CYS D 126 14.09 3.48 52.98
C CYS D 126 12.81 3.04 52.28
N PHE D 127 11.90 3.99 52.06
CA PHE D 127 10.58 3.67 51.52
C PHE D 127 10.67 3.04 50.14
N MET D 128 11.55 3.59 49.28
CA MET D 128 11.68 3.07 47.93
C MET D 128 12.23 1.64 47.91
N ILE D 129 13.14 1.33 48.83
CA ILE D 129 13.68 -0.03 48.90
C ILE D 129 12.63 -0.98 49.47
N ALA D 130 11.88 -0.52 50.47
CA ALA D 130 10.77 -1.32 50.98
C ALA D 130 9.76 -1.62 49.89
N TYR D 131 9.41 -0.59 49.10
CA TYR D 131 8.52 -0.80 47.95
C TYR D 131 9.13 -1.80 46.97
N GLY D 132 10.44 -1.72 46.74
CA GLY D 132 11.08 -2.63 45.81
C GLY D 132 11.11 -4.07 46.28
N THR D 133 11.21 -4.28 47.60
CA THR D 133 11.34 -5.61 48.16
C THR D 133 10.04 -6.14 48.74
N GLN D 134 8.94 -5.41 48.59
CA GLN D 134 7.62 -5.83 49.11
C GLN D 134 7.64 -6.01 50.62
N ARG D 135 8.34 -5.12 51.31
CA ARG D 135 8.36 -5.08 52.77
C ARG D 135 7.64 -3.84 53.27
N THR D 136 6.81 -4.01 54.28
CA THR D 136 6.14 -2.87 54.89
C THR D 136 7.17 -1.99 55.61
N LEU D 137 7.16 -0.70 55.30
CA LEU D 137 8.09 0.22 55.95
C LEU D 137 7.66 0.45 57.39
N ILE D 138 8.55 0.14 58.33
CA ILE D 138 8.39 0.49 59.73
C ILE D 138 9.32 1.65 60.02
N LEU D 139 8.76 2.80 60.38
CA LEU D 139 9.55 3.99 60.65
C LEU D 139 9.70 4.17 62.15
N GLU D 140 10.94 4.17 62.63
CA GLU D 140 11.26 4.40 64.04
C GLU D 140 11.66 5.86 64.22
N SER D 141 10.86 6.61 64.97
CA SER D 141 11.08 8.03 65.17
C SER D 141 11.19 8.40 66.65
N GLN D 142 11.48 7.43 67.52
CA GLN D 142 11.78 7.76 68.90
C GLN D 142 13.09 8.53 68.99
N ASN D 143 13.18 9.42 69.98
CA ASN D 143 14.36 10.24 70.24
C ASN D 143 14.69 11.16 69.06
N TRP D 144 13.71 11.41 68.19
CA TRP D 144 13.87 12.35 67.09
C TRP D 144 14.23 13.72 67.65
N ARG D 145 15.29 14.32 67.12
CA ARG D 145 15.73 15.61 67.63
C ARG D 145 14.71 16.71 67.42
N TYR D 146 13.79 16.53 66.46
CA TYR D 146 12.84 17.57 66.11
C TYR D 146 11.55 17.52 66.91
N ALA D 147 11.21 16.37 67.50
CA ALA D 147 10.00 16.26 68.31
C ALA D 147 10.11 15.01 69.16
N THR D 148 9.80 15.15 70.45
CA THR D 148 9.85 14.00 71.35
C THR D 148 8.76 12.99 71.02
N GLY D 149 7.55 13.46 70.75
CA GLY D 149 6.46 12.56 70.38
C GLY D 149 6.66 11.85 69.07
N GLY D 150 7.71 12.19 68.32
CA GLY D 150 8.06 11.45 67.13
C GLY D 150 7.44 11.98 65.86
N TRP D 151 7.49 11.12 64.85
CA TRP D 151 7.02 11.46 63.51
C TRP D 151 5.56 11.89 63.52
N GLU D 152 4.72 11.21 64.31
CA GLU D 152 3.29 11.46 64.29
C GLU D 152 2.89 12.78 64.94
N THR D 153 3.83 13.56 65.45
CA THR D 153 3.49 14.90 65.93
C THR D 153 3.19 15.87 64.78
N VAL D 154 3.55 15.51 63.54
CA VAL D 154 3.31 16.38 62.40
C VAL D 154 2.62 15.61 61.28
N PHE D 155 3.13 14.42 60.97
CA PHE D 155 2.65 13.64 59.84
C PHE D 155 1.92 12.39 60.32
N ARG D 156 1.05 11.89 59.45
CA ARG D 156 0.32 10.68 59.77
C ARG D 156 1.26 9.48 59.84
N PRO D 157 0.93 8.46 60.62
CA PRO D 157 1.75 7.25 60.63
C PRO D 157 1.82 6.63 59.23
N VAL D 158 2.96 6.04 58.92
CA VAL D 158 3.22 5.51 57.59
C VAL D 158 2.34 4.29 57.33
N SER D 159 1.60 3.85 58.34
CA SER D 159 0.69 2.74 58.20
C SER D 159 -0.44 2.87 59.20
N GLU D 160 -1.60 2.32 58.86
CA GLU D 160 -2.75 2.28 59.75
C GLU D 160 -2.95 0.93 60.43
N THR D 161 -2.32 -0.13 59.93
CA THR D 161 -2.51 -1.47 60.48
C THR D 161 -1.21 -2.14 60.93
N CYS D 162 -0.05 -1.57 60.66
CA CYS D 162 1.21 -2.27 60.93
C CYS D 162 2.30 -1.23 61.22
N THR D 163 2.53 -0.95 62.50
CA THR D 163 3.54 0.02 62.90
C THR D 163 4.53 -0.53 63.92
N ASP D 164 4.51 -1.83 64.19
CA ASP D 164 5.49 -2.46 65.07
C ASP D 164 6.41 -3.37 64.26
N ARG D 165 7.52 -3.74 64.89
CA ARG D 165 8.56 -4.54 64.25
C ARG D 165 8.54 -6.00 64.69
N SER D 166 7.38 -6.52 65.07
CA SER D 166 7.28 -7.91 65.48
C SER D 166 7.54 -8.84 64.29
N GLY D 167 8.00 -10.04 64.60
CA GLY D 167 8.30 -11.01 63.57
C GLY D 167 9.02 -12.21 64.15
N ILE D 168 9.34 -13.14 63.26
CA ILE D 168 10.00 -14.38 63.65
C ILE D 168 11.52 -14.26 63.56
N SER D 169 12.04 -13.47 62.63
CA SER D 169 13.47 -13.31 62.44
C SER D 169 13.78 -11.87 62.08
N THR D 170 14.86 -11.35 62.65
CA THR D 170 15.30 -9.98 62.41
C THR D 170 16.78 -9.97 62.07
N GLY D 171 17.16 -9.16 61.08
CA GLY D 171 18.55 -9.04 60.71
C GLY D 171 18.83 -7.69 60.08
N HIS D 172 20.11 -7.37 59.98
CA HIS D 172 20.54 -6.21 59.23
C HIS D 172 20.51 -6.53 57.73
N TRP D 173 20.40 -5.48 56.91
CA TRP D 173 20.33 -5.64 55.47
C TRP D 173 21.57 -6.37 54.96
N SER D 174 21.35 -7.37 54.11
CA SER D 174 22.46 -8.11 53.50
C SER D 174 22.17 -8.49 52.05
N GLY D 175 21.19 -7.87 51.42
CA GLY D 175 20.82 -8.21 50.05
C GLY D 175 19.47 -8.87 50.01
N GLU D 176 18.68 -8.54 48.99
CA GLU D 176 17.32 -9.05 48.89
C GLU D 176 17.29 -10.57 48.82
N VAL D 177 18.28 -11.18 48.15
CA VAL D 177 18.30 -12.62 48.01
C VAL D 177 18.72 -13.29 49.32
N LYS D 178 19.72 -12.72 49.99
CA LYS D 178 20.17 -13.30 51.26
C LYS D 178 19.14 -13.13 52.36
N ASP D 179 18.36 -12.05 52.32
CA ASP D 179 17.33 -11.80 53.33
C ASP D 179 15.98 -12.37 52.94
N LYS D 180 15.95 -13.29 51.97
CA LYS D 180 14.70 -13.86 51.46
C LYS D 180 13.82 -14.38 52.60
N ASN D 181 14.43 -15.01 53.60
CA ASN D 181 13.69 -15.59 54.71
C ASN D 181 13.86 -14.82 56.01
N VAL D 182 14.38 -13.60 55.95
CA VAL D 182 14.44 -12.72 57.12
C VAL D 182 13.20 -11.84 57.11
N GLN D 183 12.37 -11.96 58.14
CA GLN D 183 11.09 -11.27 58.13
C GLN D 183 11.25 -9.78 58.33
N VAL D 184 12.08 -9.37 59.30
CA VAL D 184 12.25 -7.97 59.66
C VAL D 184 13.69 -7.58 59.38
N VAL D 185 13.89 -6.76 58.35
CA VAL D 185 15.22 -6.35 57.90
C VAL D 185 15.44 -4.89 58.29
N GLU D 186 16.55 -4.62 58.97
CA GLU D 186 16.91 -3.28 59.38
C GLU D 186 17.83 -2.66 58.33
N LEU D 187 17.44 -1.50 57.79
CA LEU D 187 18.19 -0.87 56.71
C LEU D 187 19.00 0.30 57.26
N PRO D 188 20.30 0.34 57.01
CA PRO D 188 21.12 1.47 57.44
C PRO D 188 21.04 2.60 56.42
N ILE D 189 21.76 3.68 56.71
CA ILE D 189 21.81 4.80 55.77
C ILE D 189 22.46 4.34 54.47
N VAL D 190 22.18 5.08 53.39
CA VAL D 190 22.69 4.71 52.07
C VAL D 190 24.18 4.98 51.93
N ASP D 191 24.74 5.85 52.79
CA ASP D 191 26.11 6.31 52.58
C ASP D 191 27.12 5.17 52.59
N SER D 192 26.83 4.09 53.32
CA SER D 192 27.71 2.92 53.34
C SER D 192 26.92 1.63 53.15
N LEU D 193 25.81 1.69 52.42
CA LEU D 193 24.97 0.52 52.21
C LEU D 193 25.69 -0.51 51.33
N HIS D 194 25.71 -1.76 51.79
CA HIS D 194 26.28 -2.87 51.04
C HIS D 194 25.45 -4.11 51.36
N PRO D 195 24.93 -4.81 50.34
CA PRO D 195 25.01 -4.44 48.93
C PRO D 195 23.89 -3.49 48.51
N ARG D 196 24.16 -2.67 47.50
CA ARG D 196 23.16 -1.72 47.01
C ARG D 196 22.16 -2.44 46.12
N PRO D 197 20.86 -2.31 46.38
CA PRO D 197 19.86 -2.93 45.52
C PRO D 197 19.54 -2.04 44.33
N PRO D 198 18.83 -2.54 43.32
CA PRO D 198 18.50 -1.70 42.17
C PRO D 198 17.39 -0.68 42.43
N TYR D 199 16.70 -0.75 43.57
CA TYR D 199 15.56 0.12 43.83
C TYR D 199 16.04 1.45 44.41
N LEU D 200 16.73 2.22 43.57
CA LEU D 200 17.29 3.50 43.96
C LEU D 200 17.14 4.49 42.81
N PRO D 201 17.05 5.78 43.10
CA PRO D 201 17.12 6.79 42.03
C PRO D 201 18.44 6.65 41.28
N LEU D 202 18.46 7.11 40.02
CA LEU D 202 17.35 7.85 39.40
C LEU D 202 16.47 6.98 38.50
N ALA D 203 16.47 5.68 38.75
CA ALA D 203 15.68 4.77 37.93
C ALA D 203 14.21 4.84 38.29
N VAL D 204 13.36 4.55 37.32
CA VAL D 204 11.91 4.51 37.52
C VAL D 204 11.45 3.08 37.28
N PRO D 205 10.28 2.70 37.78
CA PRO D 205 9.78 1.35 37.52
C PRO D 205 9.49 1.15 36.04
N GLU D 206 9.92 -0.01 35.53
CA GLU D 206 9.77 -0.27 34.10
C GLU D 206 8.31 -0.37 33.68
N ASP D 207 7.43 -0.77 34.59
CA ASP D 207 6.01 -0.86 34.26
C ASP D 207 5.33 0.50 34.16
N LEU D 208 5.99 1.56 34.63
CA LEU D 208 5.47 2.92 34.54
C LEU D 208 6.29 3.81 33.62
N ALA D 209 7.40 3.32 33.08
CA ALA D 209 8.37 4.17 32.41
C ALA D 209 7.78 4.83 31.17
N ASP D 210 7.07 4.06 30.35
CA ASP D 210 6.53 4.60 29.11
C ASP D 210 5.53 5.70 29.37
N ARG D 211 4.59 5.47 30.30
CA ARG D 211 3.61 6.50 30.62
C ARG D 211 4.26 7.71 31.28
N LEU D 212 5.31 7.50 32.07
CA LEU D 212 5.95 8.63 32.76
C LEU D 212 6.71 9.52 31.79
N VAL D 213 7.42 8.93 30.83
CA VAL D 213 8.12 9.73 29.82
C VAL D 213 7.15 10.59 29.04
N ARG D 214 5.93 10.08 28.82
CA ARG D 214 4.94 10.83 28.05
C ARG D 214 4.40 12.03 28.82
N VAL D 215 4.36 11.96 30.15
CA VAL D 215 3.67 12.95 30.96
C VAL D 215 4.64 13.94 31.58
N HIS D 216 5.81 13.46 31.96
CA HIS D 216 6.70 14.21 32.83
C HIS D 216 8.07 14.37 32.19
N GLY D 217 8.67 15.54 32.40
CA GLY D 217 9.97 15.88 31.84
C GLY D 217 11.16 15.30 32.57
N ASP D 218 10.97 14.83 33.80
CA ASP D 218 12.03 14.20 34.60
C ASP D 218 11.41 13.10 35.43
N PRO D 219 11.17 11.93 34.84
CA PRO D 219 10.49 10.85 35.58
C PRO D 219 11.15 10.47 36.89
N ALA D 220 12.48 10.58 36.99
CA ALA D 220 13.19 10.20 38.20
C ALA D 220 12.67 10.97 39.41
N VAL D 221 12.59 12.30 39.30
CA VAL D 221 12.12 13.09 40.43
C VAL D 221 10.64 12.84 40.69
N TRP D 222 9.86 12.54 39.64
CA TRP D 222 8.46 12.18 39.85
C TRP D 222 8.36 10.92 40.70
N TRP D 223 9.20 9.93 40.41
CA TRP D 223 9.14 8.68 41.17
C TRP D 223 9.57 8.89 42.62
N VAL D 224 10.58 9.74 42.84
CA VAL D 224 10.97 10.08 44.21
C VAL D 224 9.83 10.79 44.92
N SER D 225 9.11 11.66 44.21
CA SER D 225 8.11 12.51 44.84
C SER D 225 6.88 11.75 45.30
N GLN D 226 6.65 10.54 44.77
CA GLN D 226 5.50 9.76 45.21
C GLN D 226 5.67 9.30 46.66
N PHE D 227 6.90 8.96 47.05
CA PHE D 227 7.14 8.56 48.43
C PHE D 227 7.18 9.76 49.36
N VAL D 228 7.72 10.88 48.89
CA VAL D 228 7.60 12.13 49.63
C VAL D 228 6.14 12.48 49.86
N LYS D 229 5.32 12.33 48.82
CA LYS D 229 3.90 12.67 48.93
C LYS D 229 3.20 11.82 49.99
N TYR D 230 3.48 10.52 50.02
CA TYR D 230 2.85 9.65 51.00
C TYR D 230 3.33 9.97 52.41
N LEU D 231 4.62 10.27 52.56
CA LEU D 231 5.18 10.44 53.89
C LEU D 231 4.64 11.68 54.58
N ILE D 232 4.49 12.78 53.84
CA ILE D 232 4.17 14.06 54.46
C ILE D 232 2.66 14.30 54.52
N ARG D 233 1.87 13.23 54.41
CA ARG D 233 0.45 13.34 54.70
C ARG D 233 0.26 13.95 56.09
N PRO D 234 -0.27 15.17 56.20
CA PRO D 234 -0.23 15.88 57.48
C PRO D 234 -1.32 15.44 58.46
N GLN D 235 -0.98 15.52 59.74
CA GLN D 235 -1.98 15.37 60.79
C GLN D 235 -2.98 16.53 60.71
N PRO D 236 -4.18 16.35 61.24
CA PRO D 236 -5.19 17.41 61.16
C PRO D 236 -4.73 18.75 61.70
N TRP D 237 -3.93 18.75 62.78
CA TRP D 237 -3.53 20.01 63.39
C TRP D 237 -2.45 20.71 62.56
N LEU D 238 -1.55 19.96 61.94
CA LEU D 238 -0.62 20.59 61.00
C LEU D 238 -1.35 21.14 59.79
N GLU D 239 -2.41 20.45 59.36
CA GLU D 239 -3.23 20.94 58.25
C GLU D 239 -3.81 22.31 58.56
N LYS D 240 -4.29 22.51 59.80
CA LYS D 240 -4.86 23.79 60.16
C LYS D 240 -3.80 24.86 60.37
N GLU D 241 -2.63 24.48 60.88
CA GLU D 241 -1.53 25.43 61.00
C GLU D 241 -1.11 25.95 59.63
N ILE D 242 -1.07 25.07 58.63
CA ILE D 242 -0.71 25.48 57.27
C ILE D 242 -1.73 26.47 56.74
N GLU D 243 -3.02 26.17 56.93
CA GLU D 243 -4.06 27.09 56.49
C GLU D 243 -3.97 28.43 57.22
N GLU D 244 -3.72 28.39 58.52
CA GLU D 244 -3.59 29.63 59.29
C GLU D 244 -2.38 30.44 58.83
N ALA D 245 -1.26 29.76 58.56
CA ALA D 245 -0.07 30.44 58.07
C ALA D 245 -0.31 31.05 56.70
N THR D 246 -1.09 30.37 55.86
CA THR D 246 -1.36 30.89 54.52
C THR D 246 -2.14 32.19 54.58
N LYS D 247 -3.15 32.27 55.44
CA LYS D 247 -3.94 33.48 55.58
C LYS D 247 -3.09 34.63 56.13
N LYS D 248 -2.36 34.36 57.22
CA LYS D 248 -1.61 35.42 57.88
C LYS D 248 -0.52 35.99 56.98
N LEU D 249 0.14 35.13 56.21
CA LEU D 249 1.20 35.58 55.31
C LEU D 249 0.66 36.24 54.05
N GLY D 250 -0.60 36.02 53.71
CA GLY D 250 -1.11 36.48 52.44
C GLY D 250 -0.50 35.77 51.26
N PHE D 251 -0.17 34.48 51.42
CA PHE D 251 0.40 33.70 50.34
C PHE D 251 -0.62 33.55 49.22
N LYS D 252 -0.37 34.21 48.10
CA LYS D 252 -1.25 34.13 46.95
C LYS D 252 -0.41 33.97 45.69
N HIS D 253 -1.08 33.58 44.60
CA HIS D 253 -0.41 33.37 43.33
C HIS D 253 -0.64 34.56 42.41
N PRO D 254 0.31 34.87 41.51
CA PRO D 254 1.57 34.15 41.34
C PRO D 254 2.61 34.50 42.41
N VAL D 255 3.48 33.55 42.71
CA VAL D 255 4.52 33.73 43.73
C VAL D 255 5.68 32.82 43.39
N ILE D 256 6.89 33.34 43.56
CA ILE D 256 8.12 32.59 43.31
C ILE D 256 8.81 32.33 44.64
N GLY D 257 9.23 31.09 44.85
CA GLY D 257 9.91 30.72 46.08
C GLY D 257 11.42 30.83 45.92
N VAL D 258 12.07 31.38 46.94
CA VAL D 258 13.52 31.54 46.97
C VAL D 258 14.03 30.98 48.28
N HIS D 259 14.97 30.04 48.21
CA HIS D 259 15.59 29.45 49.38
C HIS D 259 17.09 29.75 49.35
N VAL D 260 17.57 30.38 50.42
CA VAL D 260 18.95 30.84 50.50
C VAL D 260 19.58 30.17 51.72
N ARG D 261 20.41 29.15 51.49
CA ARG D 261 21.14 28.47 52.54
C ARG D 261 22.52 29.12 52.70
N ARG D 262 22.93 29.39 53.94
CA ARG D 262 24.16 30.16 54.14
C ARG D 262 25.01 29.71 55.32
N THR D 263 24.72 28.60 55.97
CA THR D 263 25.59 28.11 57.03
C THR D 263 25.73 26.59 56.99
N ALA D 270 26.63 26.23 52.25
CA ALA D 270 28.06 26.32 52.51
C ALA D 270 28.68 27.51 51.78
N ALA D 271 28.56 27.52 50.46
CA ALA D 271 29.09 28.60 49.65
C ALA D 271 28.15 29.80 49.67
N PHE D 272 28.74 31.00 49.59
CA PHE D 272 27.99 32.24 49.73
C PHE D 272 27.57 32.76 48.36
N HIS D 273 26.26 32.90 48.16
CA HIS D 273 25.69 33.54 46.98
C HIS D 273 24.90 34.76 47.43
N PRO D 274 25.22 35.97 46.95
CA PRO D 274 24.44 37.14 47.35
C PRO D 274 23.04 37.09 46.75
N ILE D 275 22.14 37.87 47.36
CA ILE D 275 20.72 37.81 47.00
C ILE D 275 20.52 38.15 45.53
N GLU D 276 21.42 38.93 44.93
CA GLU D 276 21.28 39.28 43.52
C GLU D 276 21.38 38.06 42.62
N GLU D 277 22.16 37.06 43.01
CA GLU D 277 22.28 35.85 42.19
C GLU D 277 20.98 35.08 42.12
N TYR D 278 20.14 35.17 43.16
CA TYR D 278 18.83 34.55 43.11
C TYR D 278 17.82 35.42 42.37
N MET D 279 17.88 36.73 42.60
CA MET D 279 16.79 37.61 42.15
C MET D 279 16.79 37.81 40.64
N VAL D 280 17.94 37.68 39.98
CA VAL D 280 17.98 37.86 38.53
C VAL D 280 17.12 36.81 37.84
N HIS D 281 17.09 35.60 38.39
CA HIS D 281 16.22 34.56 37.84
C HIS D 281 14.78 34.74 38.27
N VAL D 282 14.57 35.27 39.48
CA VAL D 282 13.21 35.62 39.91
C VAL D 282 12.61 36.65 38.95
N GLU D 283 13.34 37.72 38.68
CA GLU D 283 12.84 38.76 37.80
C GLU D 283 12.64 38.24 36.38
N GLU D 284 13.57 37.41 35.90
CA GLU D 284 13.44 36.85 34.56
C GLU D 284 12.17 36.01 34.43
N HIS D 285 11.84 35.24 35.47
CA HIS D 285 10.66 34.38 35.39
C HIS D 285 9.37 35.17 35.58
N PHE D 286 9.39 36.27 36.33
CA PHE D 286 8.21 37.11 36.41
C PHE D 286 7.94 37.80 35.07
N GLN D 287 9.00 38.14 34.33
CA GLN D 287 8.81 38.63 32.97
C GLN D 287 8.19 37.56 32.08
N LEU D 288 8.57 36.30 32.28
CA LEU D 288 7.97 35.22 31.52
C LEU D 288 6.49 35.06 31.86
N LEU D 289 6.18 35.00 33.16
CA LEU D 289 4.79 34.85 33.60
C LEU D 289 3.93 36.02 33.14
N ALA D 290 4.49 37.23 33.12
CA ALA D 290 3.72 38.40 32.72
C ALA D 290 3.27 38.34 31.27
N ARG D 291 3.88 37.48 30.45
CA ARG D 291 3.46 37.31 29.07
C ARG D 291 2.23 36.42 28.92
N ARG D 292 1.87 35.67 29.96
CA ARG D 292 0.72 34.77 29.90
C ARG D 292 -0.34 35.06 30.95
N MET D 293 -0.09 35.97 31.88
CA MET D 293 -1.03 36.27 32.95
C MET D 293 -0.76 37.67 33.47
N GLN D 294 -1.74 38.23 34.15
CA GLN D 294 -1.57 39.52 34.81
C GLN D 294 -0.77 39.34 36.10
N VAL D 295 0.22 40.21 36.30
CA VAL D 295 1.08 40.16 37.48
C VAL D 295 0.99 41.53 38.14
N ASP D 296 0.04 41.69 39.08
CA ASP D 296 -0.07 42.94 39.81
C ASP D 296 1.10 43.12 40.76
N LYS D 297 1.25 42.22 41.72
CA LYS D 297 2.35 42.25 42.67
C LYS D 297 3.28 41.08 42.42
N LYS D 298 4.58 41.35 42.38
CA LYS D 298 5.59 40.31 42.23
C LYS D 298 5.92 39.79 43.63
N ARG D 299 5.29 38.68 44.00
CA ARG D 299 5.44 38.10 45.32
C ARG D 299 6.57 37.08 45.34
N VAL D 300 7.35 37.09 46.41
CA VAL D 300 8.45 36.16 46.59
C VAL D 300 8.35 35.59 48.00
N TYR D 301 8.24 34.27 48.12
CA TYR D 301 8.40 33.62 49.41
C TYR D 301 9.88 33.33 49.63
N LEU D 302 10.44 33.97 50.66
CA LEU D 302 11.86 33.87 50.96
C LEU D 302 12.04 32.99 52.19
N ALA D 303 12.64 31.82 52.00
CA ALA D 303 13.03 30.95 53.10
C ALA D 303 14.52 31.10 53.33
N THR D 304 14.90 31.54 54.54
CA THR D 304 16.31 31.79 54.80
C THR D 304 16.62 31.57 56.27
N ASP D 305 17.88 31.24 56.54
CA ASP D 305 18.42 31.17 57.88
C ASP D 305 19.18 32.43 58.27
N ASP D 306 18.95 33.53 57.55
CA ASP D 306 19.70 34.77 57.72
C ASP D 306 18.74 35.89 58.11
N PRO D 307 18.88 36.50 59.29
CA PRO D 307 17.94 37.56 59.66
C PRO D 307 18.12 38.84 58.87
N SER D 308 19.32 39.12 58.37
CA SER D 308 19.58 40.33 57.61
C SER D 308 19.19 40.22 56.14
N LEU D 309 18.89 39.01 55.66
CA LEU D 309 18.59 38.83 54.24
C LEU D 309 17.23 39.43 53.88
N LEU D 310 16.22 39.18 54.70
CA LEU D 310 14.87 39.68 54.40
C LEU D 310 14.85 41.19 54.27
N LYS D 311 15.51 41.89 55.20
CA LYS D 311 15.58 43.35 55.10
C LYS D 311 16.44 43.78 53.92
N GLU D 312 17.50 43.02 53.60
CA GLU D 312 18.28 43.32 52.41
C GLU D 312 17.43 43.22 51.15
N ALA D 313 16.63 42.15 51.06
CA ALA D 313 15.80 41.94 49.87
C ALA D 313 14.76 43.05 49.73
N LYS D 314 14.08 43.39 50.82
CA LYS D 314 13.10 44.47 50.77
C LYS D 314 13.75 45.78 50.38
N THR D 315 14.98 46.03 50.85
CA THR D 315 15.64 47.30 50.57
C THR D 315 16.06 47.39 49.11
N LYS D 316 16.66 46.32 48.57
CA LYS D 316 17.19 46.36 47.22
C LYS D 316 16.12 46.17 46.15
N TYR D 317 15.01 45.53 46.48
CA TYR D 317 13.93 45.27 45.53
C TYR D 317 12.63 45.81 46.11
N PRO D 318 12.47 47.13 46.17
CA PRO D 318 11.30 47.71 46.85
C PRO D 318 9.99 47.51 46.11
N ASN D 319 10.03 47.17 44.81
CA ASN D 319 8.81 46.89 44.06
C ASN D 319 8.37 45.43 44.19
N TYR D 320 9.05 44.63 45.00
CA TYR D 320 8.66 43.26 45.29
C TYR D 320 7.97 43.19 46.65
N GLU D 321 7.14 42.17 46.79
CA GLU D 321 6.55 41.81 48.08
C GLU D 321 7.18 40.51 48.55
N PHE D 322 7.91 40.56 49.65
CA PHE D 322 8.60 39.40 50.19
C PHE D 322 7.81 38.82 51.36
N ILE D 323 7.65 37.51 51.37
CA ILE D 323 6.87 36.79 52.38
C ILE D 323 7.78 35.76 53.03
N SER D 324 7.67 35.63 54.36
CA SER D 324 8.42 34.64 55.10
C SER D 324 7.70 34.36 56.41
N ASP D 325 7.91 33.16 56.95
CA ASP D 325 7.21 32.77 58.18
C ASP D 325 7.69 33.54 59.40
N ASN D 326 8.70 34.40 59.27
CA ASN D 326 9.08 35.25 60.39
C ASN D 326 7.98 36.23 60.73
N SER D 327 7.14 36.55 59.75
CA SER D 327 5.98 37.40 60.00
C SER D 327 4.96 36.73 60.92
N ILE D 328 5.05 35.42 61.09
CA ILE D 328 4.12 34.65 61.90
C ILE D 328 4.61 34.65 63.34
N SER D 329 3.77 35.13 64.26
CA SER D 329 4.18 35.28 65.65
C SER D 329 4.44 33.92 66.31
N TRP D 330 3.66 32.90 65.94
CA TRP D 330 3.74 31.61 66.62
C TRP D 330 4.77 30.66 66.01
N SER D 331 5.73 31.19 65.24
CA SER D 331 6.83 30.37 64.75
C SER D 331 8.11 31.19 64.65
N SER D 342 12.17 24.48 65.63
CA SER D 342 12.85 24.47 64.34
C SER D 342 12.09 23.63 63.32
N LEU D 343 11.36 22.63 63.80
CA LEU D 343 10.63 21.72 62.91
C LEU D 343 9.49 22.44 62.22
N ARG D 344 8.68 23.17 62.98
CA ARG D 344 7.57 23.92 62.38
C ARG D 344 8.06 24.89 61.32
N GLY D 345 9.18 25.55 61.58
CA GLY D 345 9.69 26.53 60.63
C GLY D 345 10.12 25.92 59.31
N VAL D 346 10.81 24.78 59.37
CA VAL D 346 11.30 24.17 58.14
C VAL D 346 10.15 23.51 57.37
N ILE D 347 9.15 22.97 58.06
CA ILE D 347 8.02 22.35 57.39
C ILE D 347 7.23 23.41 56.61
N LEU D 348 6.97 24.55 57.26
CA LEU D 348 6.24 25.63 56.58
C LEU D 348 7.03 26.17 55.40
N ASP D 349 8.34 26.41 55.61
CA ASP D 349 9.20 26.85 54.52
C ASP D 349 9.12 25.90 53.33
N ILE D 350 9.26 24.59 53.59
CA ILE D 350 9.17 23.60 52.52
C ILE D 350 7.81 23.65 51.86
N HIS D 351 6.74 23.81 52.65
CA HIS D 351 5.40 23.82 52.08
C HIS D 351 5.20 24.98 51.12
N PHE D 352 5.57 26.19 51.55
CA PHE D 352 5.31 27.36 50.73
C PHE D 352 6.24 27.41 49.53
N LEU D 353 7.48 26.95 49.69
CA LEU D 353 8.38 26.83 48.55
C LEU D 353 7.82 25.85 47.52
N SER D 354 7.30 24.70 47.98
CA SER D 354 6.77 23.71 47.05
C SER D 354 5.51 24.19 46.36
N GLN D 355 4.74 25.07 47.00
CA GLN D 355 3.51 25.59 46.41
C GLN D 355 3.75 26.68 45.39
N ALA D 356 4.97 27.20 45.29
CA ALA D 356 5.23 28.33 44.41
C ALA D 356 5.16 27.92 42.94
N ASP D 357 5.04 28.93 42.09
CA ASP D 357 5.01 28.72 40.64
C ASP D 357 6.38 28.48 40.05
N PHE D 358 7.44 28.81 40.79
CA PHE D 358 8.82 28.71 40.34
C PHE D 358 9.71 28.72 41.57
N LEU D 359 10.83 28.02 41.49
CA LEU D 359 11.70 27.81 42.64
C LEU D 359 13.13 28.14 42.26
N VAL D 360 13.68 29.18 42.88
CA VAL D 360 15.08 29.58 42.71
C VAL D 360 15.81 29.29 44.01
N CYS D 361 16.89 28.52 43.92
CA CYS D 361 17.61 28.06 45.10
C CYS D 361 18.91 27.40 44.64
N THR D 362 19.57 26.70 45.56
CA THR D 362 20.70 25.84 45.27
C THR D 362 20.29 24.40 45.56
N PHE D 363 20.38 23.54 44.55
CA PHE D 363 19.99 22.15 44.74
C PHE D 363 20.99 21.37 45.60
N SER D 364 22.11 21.98 45.97
CA SER D 364 22.96 21.37 46.99
C SER D 364 22.29 21.34 48.35
N SER D 365 21.24 22.13 48.54
CA SER D 365 20.47 22.11 49.77
C SER D 365 19.44 20.97 49.74
N GLN D 366 19.47 20.13 50.76
CA GLN D 366 18.47 19.06 50.85
C GLN D 366 17.06 19.63 50.96
N VAL D 367 16.92 20.76 51.65
CA VAL D 367 15.59 21.34 51.88
C VAL D 367 14.96 21.79 50.57
N CYS D 368 15.74 22.46 49.71
CA CYS D 368 15.16 22.87 48.44
C CYS D 368 14.80 21.68 47.58
N ARG D 369 15.63 20.64 47.58
CA ARG D 369 15.31 19.44 46.82
C ARG D 369 13.98 18.84 47.27
N VAL D 370 13.75 18.79 48.57
CA VAL D 370 12.47 18.32 49.09
C VAL D 370 11.33 19.15 48.51
N ALA D 371 11.48 20.48 48.54
CA ALA D 371 10.44 21.36 48.04
C ALA D 371 10.23 21.16 46.55
N TYR D 372 11.32 20.99 45.78
CA TYR D 372 11.20 20.72 44.36
C TYR D 372 10.48 19.40 44.11
N GLU D 373 10.71 18.41 44.98
CA GLU D 373 10.07 17.10 44.84
C GLU D 373 8.58 17.19 45.12
N ILE D 374 8.20 17.86 46.22
CA ILE D 374 6.79 18.04 46.53
C ILE D 374 6.08 18.79 45.40
N MET D 375 6.75 19.79 44.82
CA MET D 375 6.18 20.56 43.73
C MET D 375 5.72 19.66 42.59
N GLN D 376 6.43 18.55 42.38
CA GLN D 376 6.06 17.63 41.31
C GLN D 376 4.70 16.99 41.55
N THR D 377 4.28 16.89 42.81
CA THR D 377 3.00 16.31 43.15
C THR D 377 1.84 17.30 43.06
N LEU D 378 2.11 18.56 42.71
CA LEU D 378 1.09 19.59 42.66
C LEU D 378 0.73 20.02 41.25
N HIS D 379 1.39 19.46 40.23
CA HIS D 379 1.17 19.86 38.85
C HIS D 379 1.43 18.65 37.96
N PRO D 380 0.87 18.64 36.74
CA PRO D 380 1.16 17.52 35.83
C PRO D 380 2.64 17.35 35.54
N ASP D 381 3.35 18.45 35.23
CA ASP D 381 4.78 18.37 34.92
C ASP D 381 5.42 19.69 35.35
N ALA D 382 5.92 19.72 36.58
CA ALA D 382 6.64 20.87 37.13
C ALA D 382 8.15 20.66 37.12
N SER D 383 8.65 19.71 36.31
CA SER D 383 10.06 19.34 36.38
C SER D 383 10.99 20.49 36.02
N ALA D 384 10.52 21.44 35.21
CA ALA D 384 11.35 22.53 34.75
C ALA D 384 11.09 23.84 35.48
N ASN D 385 10.18 23.85 36.47
CA ASN D 385 9.84 25.07 37.18
C ASN D 385 10.85 25.39 38.27
N PHE D 386 12.14 25.38 37.92
CA PHE D 386 13.18 25.67 38.90
C PHE D 386 14.36 26.34 38.21
N HIS D 387 15.20 26.97 39.02
CA HIS D 387 16.57 27.27 38.62
C HIS D 387 17.46 27.07 39.83
N SER D 388 18.50 26.26 39.65
CA SER D 388 19.47 25.98 40.70
C SER D 388 20.76 26.73 40.42
N LEU D 389 21.30 27.38 41.45
CA LEU D 389 22.54 28.13 41.27
C LEU D 389 23.74 27.19 41.14
N ASP D 390 23.68 25.99 41.72
CA ASP D 390 24.79 25.06 41.55
C ASP D 390 24.36 23.76 40.89
N ASP D 391 24.03 22.74 41.68
CA ASP D 391 23.90 21.40 41.14
C ASP D 391 22.60 21.23 40.34
N ILE D 392 22.62 20.25 39.44
CA ILE D 392 21.41 19.73 38.82
C ILE D 392 20.67 18.92 39.88
N TYR D 393 19.45 18.49 39.58
CA TYR D 393 18.76 17.66 40.54
C TYR D 393 19.53 16.36 40.75
N TYR D 394 19.58 15.92 42.02
CA TYR D 394 20.10 14.62 42.34
C TYR D 394 19.40 14.12 43.59
N PHE D 395 19.52 12.81 43.82
CA PHE D 395 19.13 12.19 45.08
C PHE D 395 20.37 11.58 45.68
N GLY D 396 20.76 12.05 46.87
CA GLY D 396 21.93 11.54 47.54
C GLY D 396 21.91 10.02 47.69
N GLY D 397 22.91 9.37 47.11
CA GLY D 397 22.98 7.92 47.09
C GLY D 397 22.56 7.29 45.78
N GLN D 398 22.17 8.09 44.79
CA GLN D 398 21.70 7.57 43.51
C GLN D 398 22.80 6.82 42.78
N ASN D 399 22.39 5.99 41.82
CA ASN D 399 23.34 5.39 40.90
C ASN D 399 23.85 6.45 39.93
N ALA D 400 24.77 6.05 39.06
CA ALA D 400 25.41 7.00 38.16
C ALA D 400 24.38 7.69 37.27
N HIS D 401 24.42 9.01 37.25
CA HIS D 401 23.57 9.81 36.36
C HIS D 401 24.27 9.91 35.01
N ASN D 402 23.73 9.22 34.02
CA ASN D 402 24.32 9.15 32.70
C ASN D 402 23.46 9.86 31.66
N GLN D 403 24.13 10.49 30.70
CA GLN D 403 23.51 11.09 29.54
C GLN D 403 24.03 10.41 28.29
N ILE D 404 23.29 10.57 27.20
CA ILE D 404 23.65 10.02 25.90
C ILE D 404 23.90 11.18 24.94
N ALA D 405 25.08 11.20 24.33
CA ALA D 405 25.40 12.22 23.35
C ALA D 405 24.58 11.99 22.08
N ILE D 406 23.94 13.04 21.60
CA ILE D 406 23.13 12.96 20.40
C ILE D 406 23.77 13.65 19.20
N TYR D 407 24.61 14.66 19.42
CA TYR D 407 25.31 15.35 18.36
C TYR D 407 26.80 15.34 18.65
N ALA D 408 27.61 15.20 17.61
CA ALA D 408 29.06 15.18 17.78
C ALA D 408 29.54 16.51 18.34
N HIS D 409 30.68 16.45 19.04
CA HIS D 409 31.35 17.66 19.50
C HIS D 409 32.84 17.49 19.33
N GLN D 410 33.45 18.41 18.58
CA GLN D 410 34.89 18.54 18.55
C GLN D 410 35.32 19.57 19.59
N PRO D 411 36.17 19.22 20.54
CA PRO D 411 36.54 20.18 21.59
C PRO D 411 37.24 21.40 21.01
N ARG D 412 36.76 22.57 21.40
CA ARG D 412 37.30 23.84 20.90
C ARG D 412 38.47 24.33 21.74
N THR D 413 38.44 24.11 23.05
CA THR D 413 39.54 24.43 23.94
C THR D 413 40.04 23.15 24.60
N ALA D 414 41.05 23.29 25.47
CA ALA D 414 41.58 22.15 26.19
C ALA D 414 40.62 21.60 27.24
N ASP D 415 39.67 22.42 27.69
CA ASP D 415 38.76 22.03 28.76
C ASP D 415 37.52 21.29 28.25
N GLU D 416 37.34 21.20 26.94
CA GLU D 416 36.21 20.49 26.36
C GLU D 416 36.60 19.07 25.99
N ILE D 417 35.62 18.17 26.01
CA ILE D 417 35.86 16.77 25.68
C ILE D 417 35.22 16.45 24.34
N PRO D 418 35.74 15.47 23.60
CA PRO D 418 35.07 15.02 22.38
C PRO D 418 33.86 14.16 22.72
N MET D 419 32.91 14.15 21.78
CA MET D 419 31.72 13.32 21.91
C MET D 419 31.33 12.83 20.51
N GLU D 420 30.95 11.56 20.43
CA GLU D 420 30.31 11.02 19.24
C GLU D 420 28.90 10.59 19.60
N PRO D 421 27.97 10.66 18.65
CA PRO D 421 26.60 10.23 18.94
C PRO D 421 26.56 8.79 19.46
N GLY D 422 25.94 8.62 20.63
CA GLY D 422 25.87 7.34 21.29
C GLY D 422 26.75 7.23 22.52
N ASP D 423 27.75 8.10 22.66
CA ASP D 423 28.64 8.05 23.80
C ASP D 423 27.87 8.27 25.10
N ILE D 424 28.15 7.42 26.09
CA ILE D 424 27.56 7.57 27.41
C ILE D 424 28.34 8.61 28.20
N ILE D 425 27.65 9.64 28.68
CA ILE D 425 28.27 10.76 29.38
C ILE D 425 27.78 10.75 30.81
N GLY D 426 28.68 10.54 31.76
CA GLY D 426 28.35 10.68 33.16
C GLY D 426 28.41 12.14 33.59
N VAL D 427 27.26 12.77 33.77
CA VAL D 427 27.20 14.20 34.01
C VAL D 427 27.55 14.50 35.46
N ALA D 428 28.42 15.49 35.66
CA ALA D 428 28.72 16.01 36.99
C ALA D 428 27.93 17.26 37.34
N GLY D 429 27.50 18.01 36.35
CA GLY D 429 26.71 19.20 36.61
C GLY D 429 26.53 20.03 35.36
N ASN D 430 25.63 21.00 35.47
CA ASN D 430 25.32 21.95 34.42
C ASN D 430 25.77 23.33 34.89
N HIS D 431 26.64 23.97 34.12
CA HIS D 431 27.16 25.27 34.49
C HIS D 431 26.24 26.41 34.12
N TRP D 432 25.07 26.12 33.55
CA TRP D 432 24.04 27.12 33.26
C TRP D 432 24.56 28.22 32.34
N ASP D 433 25.53 27.87 31.49
CA ASP D 433 26.11 28.80 30.52
C ASP D 433 26.14 28.21 29.12
N GLY D 434 25.42 27.12 28.88
CA GLY D 434 25.49 26.39 27.63
C GLY D 434 26.33 25.13 27.70
N TYR D 435 27.15 25.00 28.74
CA TYR D 435 28.06 23.87 28.88
C TYR D 435 27.76 23.10 30.16
N SER D 436 27.84 21.78 30.07
CA SER D 436 27.82 20.89 31.22
C SER D 436 29.18 20.23 31.37
N LYS D 437 29.44 19.71 32.57
CA LYS D 437 30.71 19.08 32.89
C LYS D 437 30.46 17.61 33.20
N GLY D 438 31.27 16.74 32.63
CA GLY D 438 31.12 15.32 32.86
C GLY D 438 32.26 14.54 32.24
N VAL D 439 32.11 13.21 32.30
CA VAL D 439 33.12 12.28 31.79
C VAL D 439 32.53 11.52 30.62
N ASN D 440 33.24 11.52 29.50
CA ASN D 440 32.91 10.65 28.36
C ASN D 440 33.47 9.27 28.66
N ARG D 441 32.57 8.32 28.97
CA ARG D 441 33.02 7.02 29.46
C ARG D 441 33.72 6.21 28.38
N LYS D 442 33.38 6.43 27.11
CA LYS D 442 34.07 5.72 26.04
C LYS D 442 35.53 6.14 25.94
N LEU D 443 35.83 7.39 26.29
CA LEU D 443 37.18 7.93 26.16
C LEU D 443 37.89 8.11 27.49
N GLY D 444 37.21 7.92 28.62
CA GLY D 444 37.82 8.13 29.92
C GLY D 444 38.31 9.55 30.15
N ARG D 445 37.72 10.52 29.46
CA ARG D 445 38.13 11.91 29.55
C ARG D 445 37.04 12.73 30.20
N THR D 446 37.44 13.73 30.99
CA THR D 446 36.52 14.56 31.76
C THR D 446 36.71 16.02 31.37
N GLY D 447 35.62 16.73 31.17
CA GLY D 447 35.69 18.13 30.79
C GLY D 447 34.32 18.68 30.45
N LEU D 448 34.33 19.76 29.66
CA LEU D 448 33.12 20.49 29.32
C LEU D 448 32.58 20.06 27.96
N TYR D 449 31.26 20.17 27.80
CA TYR D 449 30.60 19.85 26.55
C TYR D 449 29.32 20.65 26.45
N PRO D 450 28.89 21.02 25.25
CA PRO D 450 27.65 21.78 25.11
C PRO D 450 26.45 20.98 25.61
N SER D 451 25.63 21.63 26.45
CA SER D 451 24.54 20.93 27.11
C SER D 451 23.50 20.42 26.12
N TYR D 452 23.33 21.11 24.98
CA TYR D 452 22.28 20.71 24.05
C TYR D 452 22.64 19.48 23.24
N LYS D 453 23.90 19.03 23.29
CA LYS D 453 24.36 17.91 22.48
C LYS D 453 24.17 16.56 23.14
N VAL D 454 23.46 16.50 24.27
CA VAL D 454 23.18 15.24 24.95
C VAL D 454 21.70 15.18 25.31
N ARG D 455 21.22 13.96 25.53
CA ARG D 455 19.90 13.72 26.09
C ARG D 455 20.04 12.90 27.36
N GLU D 456 18.99 12.91 28.18
CA GLU D 456 18.99 12.15 29.41
C GLU D 456 18.82 10.66 29.11
N LYS D 457 19.56 9.83 29.83
CA LYS D 457 19.45 8.38 29.74
C LYS D 457 18.53 7.93 30.87
N ILE D 458 17.30 7.59 30.52
CA ILE D 458 16.31 7.19 31.52
C ILE D 458 16.54 5.73 31.90
N GLU D 459 16.75 5.50 33.19
CA GLU D 459 17.01 4.16 33.71
C GLU D 459 15.73 3.55 34.26
N THR D 460 15.59 2.24 34.10
CA THR D 460 14.40 1.53 34.57
C THR D 460 14.82 0.32 35.40
N VAL D 461 13.93 -0.08 36.31
CA VAL D 461 14.14 -1.24 37.18
C VAL D 461 12.84 -2.01 37.26
N LYS D 462 12.94 -3.34 37.24
CA LYS D 462 11.77 -4.20 37.42
C LYS D 462 11.31 -4.18 38.88
N TYR D 463 10.38 -3.27 39.21
CA TYR D 463 9.75 -3.21 40.52
C TYR D 463 8.59 -4.18 40.60
N PRO D 464 8.16 -4.54 41.80
CA PRO D 464 6.84 -5.18 41.94
C PRO D 464 5.77 -4.22 41.48
N THR D 465 4.66 -4.77 40.99
CA THR D 465 3.56 -3.96 40.50
C THR D 465 2.32 -4.04 41.40
N TYR D 466 2.35 -4.88 42.43
CA TYR D 466 1.28 -4.99 43.41
C TYR D 466 -0.11 -5.05 42.77
N PRO D 467 -0.37 -6.05 41.92
CA PRO D 467 -1.67 -6.09 41.24
C PRO D 467 -2.85 -6.30 42.16
N GLU D 468 -2.62 -6.78 43.38
CA GLU D 468 -3.68 -6.95 44.36
C GLU D 468 -4.24 -5.63 44.86
N ALA D 469 -3.55 -4.51 44.62
CA ALA D 469 -4.02 -3.20 45.06
C ALA D 469 -5.18 -2.69 44.22
N GLU D 470 -5.48 -3.31 43.08
CA GLU D 470 -6.58 -2.86 42.24
C GLU D 470 -7.92 -3.38 42.72
N LYS D 471 -7.94 -4.48 43.47
CA LYS D 471 -9.17 -5.02 44.02
C LYS D 471 -9.66 -4.15 45.18
C1 NAG E . 4.37 46.56 -16.16
C2 NAG E . 3.00 46.10 -15.68
C3 NAG E . 3.06 45.60 -14.24
C4 NAG E . 4.16 44.56 -14.08
C5 NAG E . 5.48 45.12 -14.59
C6 NAG E . 6.61 44.11 -14.56
C7 NAG E . 1.30 47.37 -16.91
C8 NAG E . 0.33 48.51 -16.88
N2 NAG E . 2.01 47.16 -15.81
O3 NAG E . 1.80 45.05 -13.87
O4 NAG E . 4.30 44.19 -12.71
O5 NAG E . 5.33 45.52 -15.97
O6 NAG E . 7.83 44.69 -14.99
O7 NAG E . 1.42 46.66 -17.91
C1 NAG E . 4.51 45.05 -11.66
C2 NAG E . 3.78 44.44 -10.47
C3 NAG E . 4.08 45.23 -9.20
C4 NAG E . 5.58 45.38 -9.00
C5 NAG E . 6.22 45.96 -10.26
C6 NAG E . 7.73 46.04 -10.18
C7 NAG E . 1.69 43.33 -11.19
C8 NAG E . 0.22 43.49 -11.39
N2 NAG E . 2.34 44.41 -10.71
O3 NAG E . 3.51 44.56 -8.08
O4 NAG E . 5.84 46.26 -7.91
O5 NAG E . 5.90 45.12 -11.39
O6 NAG E . 8.31 44.75 -10.01
O7 NAG E . 2.28 42.28 -11.44
C1 BMA E . 6.35 45.79 -6.74
C2 BMA E . 7.22 46.83 -6.03
C3 BMA E . 7.42 46.42 -4.57
C4 BMA E . 6.09 46.06 -3.89
C5 BMA E . 5.27 45.06 -4.75
C6 BMA E . 3.89 44.79 -4.20
O2 BMA E . 6.55 48.08 -6.01
O3 BMA E . 8.10 47.43 -3.84
O4 BMA E . 6.33 45.51 -2.61
O5 BMA E . 5.13 45.60 -6.07
O6 BMA E . 3.46 45.95 -3.47
C1 MAN E . 9.48 47.33 -3.80
C2 MAN E . 9.76 48.21 -2.58
C3 MAN E . 9.85 49.67 -2.99
C4 MAN E . 10.85 49.84 -4.15
C5 MAN E . 10.46 48.93 -5.32
C6 MAN E . 11.46 48.98 -6.47
O2 MAN E . 11.03 47.91 -2.01
O3 MAN E . 10.21 50.51 -1.91
O4 MAN E . 10.87 51.19 -4.58
O5 MAN E . 10.37 47.56 -4.86
O6 MAN E . 10.85 48.36 -7.60
C1 NAG E . 10.87 46.86 -1.14
C2 NAG E . 12.20 46.16 -1.38
C3 NAG E . 12.42 45.07 -0.34
C4 NAG E . 12.30 45.66 1.06
C5 NAG E . 10.97 46.39 1.22
C6 NAG E . 10.85 47.12 2.53
C7 NAG E . 13.24 45.88 -3.59
C8 NAG E . 14.30 46.83 -3.10
N2 NAG E . 12.26 45.60 -2.73
O3 NAG E . 13.71 44.50 -0.52
O4 NAG E . 12.38 44.62 2.03
O5 NAG E . 10.85 47.39 0.19
O6 NAG E . 12.10 47.71 2.92
O7 NAG E . 13.28 45.40 -4.71
C1 MAN E . 2.26 45.65 -2.85
C2 MAN E . 1.85 47.11 -2.58
C3 MAN E . 2.74 47.73 -1.49
C4 MAN E . 2.92 46.80 -0.28
C5 MAN E . 3.36 45.40 -0.75
C6 MAN E . 3.47 44.39 0.38
O2 MAN E . 0.50 47.22 -2.11
O3 MAN E . 2.23 48.99 -1.06
O4 MAN E . 3.91 47.32 0.59
O5 MAN E . 2.39 44.89 -1.68
O6 MAN E . 4.28 43.31 -0.08
C1 NAG E . -0.52 47.96 -2.64
C2 NAG E . -1.17 47.16 -3.79
C3 NAG E . -2.55 47.72 -4.12
C4 NAG E . -3.41 47.82 -2.86
C5 NAG E . -2.66 48.62 -1.80
C6 NAG E . -3.42 48.71 -0.49
C7 NAG E . 0.03 46.10 -5.65
C8 NAG E . 0.92 46.32 -6.84
N2 NAG E . -0.31 47.19 -4.96
O3 NAG E . -3.18 46.88 -5.08
O4 NAG E . -4.63 48.47 -3.17
O5 NAG E . -1.41 47.99 -1.51
O6 NAG E . -2.68 49.44 0.48
O7 NAG E . -0.34 44.98 -5.32
C1 NAG F . -48.20 -9.76 -19.68
C2 NAG F . -47.36 -8.85 -20.57
C3 NAG F . -46.05 -9.51 -20.95
C4 NAG F . -45.32 -9.98 -19.69
C5 NAG F . -46.22 -10.85 -18.83
C6 NAG F . -45.59 -11.24 -17.51
C7 NAG F . -48.62 -7.25 -21.95
C8 NAG F . -49.36 -7.03 -23.24
N2 NAG F . -48.10 -8.47 -21.77
O3 NAG F . -45.24 -8.59 -21.67
O4 NAG F . -44.15 -10.72 -20.05
O5 NAG F . -47.43 -10.14 -18.52
O6 NAG F . -46.50 -12.00 -16.71
O7 NAG F . -48.52 -6.37 -21.10
C1 NAG F . -44.08 -11.67 -21.05
C2 NAG F . -42.64 -11.58 -21.56
C3 NAG F . -42.31 -12.79 -22.42
C4 NAG F . -42.65 -14.09 -21.70
C5 NAG F . -44.09 -14.05 -21.19
C6 NAG F . -44.47 -15.25 -20.36
C7 NAG F . -41.98 -9.22 -21.74
C8 NAG F . -41.82 -8.05 -22.66
N2 NAG F . -42.43 -10.36 -22.30
O3 NAG F . -40.92 -12.78 -22.74
O4 NAG F . -42.53 -15.19 -22.60
O5 NAG F . -44.28 -12.89 -20.36
O6 NAG F . -43.55 -15.45 -19.29
O7 NAG F . -41.70 -9.15 -20.54
C1 BMA F . -41.43 -16.01 -22.42
C2 BMA F . -41.82 -17.43 -22.79
C3 BMA F . -40.57 -18.29 -22.96
C4 BMA F . -39.53 -17.59 -23.87
C5 BMA F . -39.27 -16.15 -23.39
C6 BMA F . -38.37 -15.38 -24.34
O2 BMA F . -42.51 -17.46 -24.04
O3 BMA F . -40.89 -19.56 -23.50
O4 BMA F . -38.31 -18.33 -23.84
O5 BMA F . -40.53 -15.46 -23.34
O6 BMA F . -38.85 -15.60 -25.67
C1 MAN F . -40.94 -20.55 -22.54
C2 MAN F . -40.72 -21.83 -23.38
C3 MAN F . -42.03 -22.30 -24.01
C4 MAN F . -43.14 -22.37 -22.95
C5 MAN F . -43.30 -20.98 -22.32
C6 MAN F . -44.38 -20.95 -21.26
O2 MAN F . -40.26 -22.91 -22.58
O3 MAN F . -41.89 -23.55 -24.66
O4 MAN F . -44.36 -22.76 -23.56
O5 MAN F . -42.05 -20.63 -21.69
O6 MAN F . -44.56 -19.60 -20.85
C1 NAG F . -38.93 -23.15 -22.34
C2 NAG F . -38.78 -23.66 -20.91
C3 NAG F . -37.31 -23.90 -20.59
C4 NAG F . -36.67 -24.80 -21.64
C5 NAG F . -36.92 -24.24 -23.04
C6 NAG F . -36.42 -25.15 -24.14
C7 NAG F . -40.53 -22.91 -19.35
C8 NAG F . -41.25 -24.19 -19.70
N2 NAG F . -39.35 -22.72 -19.96
O3 NAG F . -37.20 -24.51 -19.31
O4 NAG F . -35.27 -24.89 -21.42
O5 NAG F . -38.33 -24.08 -23.25
O6 NAG F . -37.14 -26.38 -24.17
O7 NAG F . -41.00 -22.10 -18.56
C1 MAN F . -37.89 -15.25 -26.59
C2 MAN F . -38.67 -15.67 -27.85
C3 MAN F . -38.52 -17.17 -28.11
C4 MAN F . -37.04 -17.60 -28.05
C5 MAN F . -36.43 -17.17 -26.71
C6 MAN F . -34.96 -17.50 -26.58
O2 MAN F . -38.17 -15.01 -29.02
O3 MAN F . -39.09 -17.55 -29.35
O4 MAN F . -36.94 -19.01 -28.18
O5 MAN F . -36.57 -15.74 -26.57
O6 MAN F . -34.54 -17.13 -25.28
C1 NAG F . -38.92 -14.19 -29.83
C2 NAG F . -39.08 -12.77 -29.29
C3 NAG F . -39.46 -11.81 -30.42
C4 NAG F . -38.47 -11.93 -31.58
C5 NAG F . -38.36 -13.39 -32.02
C6 NAG F . -37.33 -13.61 -33.10
C7 NAG F . -39.84 -12.25 -27.01
C8 NAG F . -40.99 -12.29 -26.05
N2 NAG F . -40.09 -12.73 -28.24
O3 NAG F . -39.47 -10.48 -29.93
O4 NAG F . -38.90 -11.14 -32.68
O5 NAG F . -37.97 -14.21 -30.89
O6 NAG F . -37.67 -14.70 -33.94
O7 NAG F . -38.74 -11.82 -26.68
C1 NAG G . 21.48 -53.53 -16.01
C2 NAG G . 22.25 -52.34 -15.46
C3 NAG G . 21.29 -51.23 -15.03
C4 NAG G . 20.34 -50.88 -16.17
C5 NAG G . 19.65 -52.13 -16.69
C6 NAG G . 18.77 -51.88 -17.90
C7 NAG G . 24.43 -52.66 -14.37
C8 NAG G . 25.15 -53.11 -13.13
N2 NAG G . 23.10 -52.74 -14.35
O3 NAG G . 22.02 -50.08 -14.62
O4 NAG G . 19.36 -49.95 -15.71
O5 NAG G . 20.63 -53.11 -17.09
O6 NAG G . 19.46 -51.13 -18.89
O7 NAG G . 25.04 -52.23 -15.35
C1 NAG G . 18.47 -50.15 -14.68
C2 NAG G . 18.12 -48.75 -14.16
C3 NAG G . 17.03 -48.85 -13.10
C4 NAG G . 15.84 -49.64 -13.61
C5 NAG G . 16.30 -50.99 -14.15
C6 NAG G . 15.19 -51.80 -14.78
C7 NAG G . 19.95 -47.10 -14.23
C8 NAG G . 21.15 -46.56 -13.51
N2 NAG G . 19.31 -48.11 -13.61
O3 NAG G . 16.61 -47.53 -12.76
O4 NAG G . 14.90 -49.85 -12.57
O5 NAG G . 17.28 -50.78 -15.17
O6 NAG G . 14.53 -51.08 -15.80
O7 NAG G . 19.57 -46.65 -15.30
C1 BMA G . 13.61 -49.41 -12.58
C2 BMA G . 12.55 -50.29 -11.93
C3 BMA G . 11.23 -49.52 -11.80
C4 BMA G . 11.46 -48.13 -11.15
C5 BMA G . 12.59 -47.38 -11.88
C6 BMA G . 12.96 -46.08 -11.20
O2 BMA G . 12.95 -50.64 -10.60
O3 BMA G . 10.27 -50.25 -11.05
O4 BMA G . 10.25 -47.38 -11.21
O5 BMA G . 13.76 -48.20 -11.89
O6 BMA G . 13.15 -46.36 -9.82
C1 MAN G . 9.24 -50.63 -11.87
C2 MAN G . 8.18 -50.87 -10.78
C3 MAN G . 8.56 -52.09 -9.92
C4 MAN G . 8.91 -53.30 -10.79
C5 MAN G . 10.01 -52.92 -11.80
C6 MAN G . 10.37 -54.04 -12.75
O2 MAN G . 6.90 -51.18 -11.36
O3 MAN G . 7.53 -52.42 -8.99
O4 MAN G . 9.38 -54.37 -9.98
O5 MAN G . 9.55 -51.80 -12.60
O6 MAN G . 11.59 -53.69 -13.39
C1 NAG G . 6.23 -50.01 -11.67
C2 NAG G . 5.60 -50.40 -13.00
C3 NAG G . 4.61 -49.33 -13.45
C4 NAG G . 3.59 -49.06 -12.35
C5 NAG G . 4.31 -48.71 -11.05
C6 NAG G . 3.37 -48.52 -9.88
C7 NAG G . 6.81 -51.76 -14.65
C8 NAG G . 5.91 -52.89 -14.25
N2 NAG G . 6.62 -50.60 -14.02
O3 NAG G . 3.94 -49.76 -14.62
O4 NAG G . 2.74 -47.98 -12.71
O5 NAG G . 5.20 -49.78 -10.69
O6 NAG G . 2.53 -49.65 -9.70
O7 NAG G . 7.68 -51.90 -15.51
C1 MAN G . 13.08 -45.14 -9.16
C2 MAN G . 13.17 -45.68 -7.72
C3 MAN G . 11.77 -45.99 -7.17
C4 MAN G . 10.79 -44.83 -7.44
C5 MAN G . 10.78 -44.51 -8.93
C6 MAN G . 9.87 -43.36 -9.30
O2 MAN G . 13.73 -44.71 -6.83
O3 MAN G . 11.80 -46.29 -5.78
O4 MAN G . 9.48 -45.20 -7.03
O5 MAN G . 12.11 -44.14 -9.33
O6 MAN G . 9.57 -43.44 -10.69
C1 NAG G . 14.79 -44.78 -5.95
C2 NAG G . 16.17 -44.60 -6.57
C3 NAG G . 17.25 -44.61 -5.48
C4 NAG G . 16.92 -43.60 -4.39
C5 NAG G . 15.51 -43.85 -3.87
C6 NAG G . 15.08 -42.83 -2.84
C7 NAG G . 16.76 -45.40 -8.82
C8 NAG G . 17.00 -46.60 -9.68
N2 NAG G . 16.43 -45.65 -7.55
O3 NAG G . 18.51 -44.29 -6.08
O4 NAG G . 17.85 -43.71 -3.32
O5 NAG G . 14.58 -43.78 -4.96
O6 NAG G . 14.27 -43.42 -1.84
O7 NAG G . 16.87 -44.25 -9.25
C1 NAG H . 26.10 14.31 56.33
C2 NAG H . 25.46 12.99 55.88
C3 NAG H . 25.15 13.03 54.38
C4 NAG H . 24.35 14.26 54.03
C5 NAG H . 25.11 15.50 54.50
C6 NAG H . 24.41 16.80 54.20
C7 NAG H . 26.03 10.96 57.14
C8 NAG H . 27.02 9.86 57.33
N2 NAG H . 26.32 11.86 56.19
O3 NAG H . 24.43 11.85 54.01
O4 NAG H . 24.15 14.34 52.62
O5 NAG H . 25.28 15.42 55.91
O6 NAG H . 23.31 17.02 55.08
O7 NAG H . 25.00 11.03 57.81
C1 NAG H . 25.11 14.27 51.64
C2 NAG H . 24.53 13.71 50.34
C3 NAG H . 25.52 13.86 49.19
C4 NAG H . 26.08 15.28 49.12
C5 NAG H . 26.59 15.72 50.49
C6 NAG H . 27.07 17.15 50.52
C7 NAG H . 22.92 11.92 50.86
C8 NAG H . 22.72 10.44 51.01
N2 NAG H . 24.15 12.33 50.51
O3 NAG H . 24.88 13.54 47.97
O4 NAG H . 27.16 15.32 48.20
O5 NAG H . 25.52 15.61 51.44
O6 NAG H . 26.10 18.03 49.99
O7 NAG H . 22.01 12.73 51.05
C1 BMA H . 26.90 15.98 47.02
C2 BMA H . 28.21 16.58 46.55
C3 BMA H . 28.03 17.11 45.13
C4 BMA H . 27.40 16.06 44.20
C5 BMA H . 26.14 15.44 44.84
C6 BMA H . 25.60 14.26 44.06
O2 BMA H . 29.22 15.58 46.48
O3 BMA H . 29.26 17.56 44.60
O4 BMA H . 27.07 16.65 42.95
O5 BMA H . 26.45 14.97 46.15
O6 BMA H . 26.71 13.48 43.61
C1 MAN H . 29.27 18.89 44.24
C2 MAN H . 30.37 19.01 43.16
C3 MAN H . 31.75 18.80 43.78
C4 MAN H . 31.92 19.68 45.03
C5 MAN H . 30.80 19.37 46.04
C6 MAN H . 30.88 20.23 47.28
O2 MAN H . 30.40 20.33 42.61
O3 MAN H . 32.79 19.06 42.85
O4 MAN H . 33.17 19.41 45.63
O5 MAN H . 29.53 19.63 45.40
O6 MAN H . 29.97 19.69 48.24
C1 NAG H . 29.46 20.65 41.66
C2 NAG H . 28.88 22.05 41.84
C3 NAG H . 28.00 22.41 40.66
C4 NAG H . 28.72 22.18 39.33
C5 NAG H . 29.28 20.77 39.29
C6 NAG H . 30.11 20.51 38.05
C7 NAG H . 28.63 22.72 44.20
C8 NAG H . 30.02 23.28 44.10
N2 NAG H . 28.14 22.15 43.09
O3 NAG H . 27.61 23.79 40.76
O4 NAG H . 27.81 22.37 38.25
O5 NAG H . 30.15 20.56 40.41
O6 NAG H . 30.97 21.60 37.75
O7 NAG H . 27.98 22.78 45.23
C1 MAN H . 26.19 12.51 42.79
C2 MAN H . 27.52 11.75 42.59
C3 MAN H . 28.40 12.46 41.54
C4 MAN H . 27.60 12.86 40.29
C5 MAN H . 26.36 13.66 40.69
C6 MAN H . 25.48 14.04 39.52
O2 MAN H . 27.31 10.42 42.10
O3 MAN H . 29.52 11.67 41.17
O4 MAN H . 28.41 13.66 39.45
O5 MAN H . 25.56 12.87 41.59
O6 MAN H . 24.57 15.06 39.95
C1 NAG H . 27.76 9.23 42.65
C2 NAG H . 26.82 8.74 43.75
C3 NAG H . 27.10 7.27 44.07
C4 NAG H . 27.11 6.43 42.81
C5 NAG H . 28.07 7.02 41.79
C6 NAG H . 28.08 6.28 40.48
C7 NAG H . 25.92 10.15 45.54
C8 NAG H . 26.26 10.95 46.77
N2 NAG H . 26.95 9.55 44.95
O3 NAG H . 26.12 6.79 44.98
O4 NAG H . 27.49 5.09 43.11
O5 NAG H . 27.69 8.37 41.51
O6 NAG H . 29.16 6.70 39.65
O7 NAG H . 24.78 10.05 45.12
N ASN I . 4.96 50.57 -19.89
CA ASN I . 5.46 49.24 -20.18
C ASN I . 5.58 49.01 -21.69
O ASN I . 6.67 48.75 -22.20
CB ASN I . 4.54 48.18 -19.58
CG ASN I . 4.73 48.02 -18.09
OD1 ASN I . 5.28 48.89 -17.42
ND2 ASN I . 4.28 46.89 -17.55
OXT ASN I . 4.59 49.06 -22.43
PB GDP J . 10.49 39.46 -13.90
O1B GDP J . 11.70 39.04 -13.09
O2B GDP J . 10.94 40.48 -14.92
O3B GDP J . 9.48 40.06 -12.96
O3A GDP J . 9.93 38.16 -14.65
PA GDP J . 8.73 38.21 -15.74
O1A GDP J . 8.15 36.83 -15.92
O2A GDP J . 7.68 39.23 -15.39
O5' GDP J . 9.53 38.60 -17.07
C5' GDP J . 10.90 38.25 -17.16
C4' GDP J . 11.11 37.34 -18.36
O4' GDP J . 12.50 37.21 -18.64
C3' GDP J . 10.59 35.95 -18.08
O3' GDP J . 9.22 35.84 -18.48
C2' GDP J . 11.48 35.09 -18.93
O2' GDP J . 10.96 35.04 -20.26
C1' GDP J . 12.80 35.84 -18.94
N9 GDP J . 13.66 35.29 -17.85
C8 GDP J . 14.09 35.97 -16.77
N7 GDP J . 14.85 35.18 -15.97
C5 GDP J . 14.89 33.96 -16.53
C6 GDP J . 15.50 32.64 -16.21
O6 GDP J . 16.19 32.49 -15.18
N1 GDP J . 15.31 31.63 -17.06
C2 GDP J . 14.58 31.77 -18.18
N2 GDP J . 14.40 30.69 -18.99
N3 GDP J . 13.98 32.94 -18.53
C4 GDP J . 14.10 34.04 -17.76
S SO4 K . -12.35 50.65 -6.24
O1 SO4 K . -12.06 50.69 -7.67
O2 SO4 K . -12.53 49.26 -5.83
O3 SO4 K . -11.23 51.23 -5.51
O4 SO4 K . -13.55 51.41 -5.96
S SO4 L . 14.52 11.49 -6.94
O1 SO4 L . 13.40 11.05 -6.13
O2 SO4 L . 15.15 10.34 -7.58
O3 SO4 L . 15.50 12.18 -6.10
O4 SO4 L . 14.05 12.42 -7.97
S SO4 M . -11.07 34.35 -32.72
O1 SO4 M . -11.71 33.63 -33.83
O2 SO4 M . -9.69 33.90 -32.58
O3 SO4 M . -11.10 35.78 -32.98
O4 SO4 M . -11.80 34.06 -31.48
S SO4 N . 14.28 50.75 2.48
O1 SO4 N . 12.92 50.58 1.95
O2 SO4 N . 15.12 49.66 1.97
O3 SO4 N . 14.81 52.02 2.03
O4 SO4 N . 14.23 50.71 3.93
N ASN O . -54.17 -8.23 -19.60
CA ASN O . -53.12 -9.23 -19.44
C ASN O . -53.42 -10.14 -18.26
O ASN O . -52.94 -11.27 -18.19
CB ASN O . -51.76 -8.56 -19.26
CG ASN O . -50.60 -9.42 -19.73
OD1 ASN O . -50.79 -10.39 -20.48
ND2 ASN O . -49.40 -9.07 -19.30
OXT ASN O . -54.16 -9.77 -17.34
PB GDP P . -42.97 -12.84 -12.54
O1B GDP P . -42.47 -14.07 -11.85
O2B GDP P . -44.47 -12.94 -12.70
O3B GDP P . -42.32 -12.73 -13.88
O3A GDP P . -42.64 -11.57 -11.60
PA GDP P . -43.09 -10.05 -11.96
O1A GDP P . -43.49 -9.90 -13.41
O2A GDP P . -42.02 -9.06 -11.58
O5' GDP P . -44.34 -9.88 -10.98
C5' GDP P . -44.54 -10.84 -9.94
C4' GDP P . -44.73 -10.06 -8.65
O4' GDP P . -44.98 -10.94 -7.54
C3' GDP P . -43.47 -9.30 -8.29
O3' GDP P . -43.45 -8.00 -8.90
C2' GDP P . -43.56 -9.19 -6.79
O2' GDP P . -44.32 -8.03 -6.43
C1' GDP P . -44.30 -10.45 -6.39
N9 GDP P . -43.26 -11.44 -6.00
C8 GDP P . -43.01 -12.61 -6.63
N7 GDP P . -41.98 -13.26 -6.04
C5 GDP P . -41.55 -12.50 -5.01
C6 GDP P . -40.49 -12.59 -3.98
O6 GDP P . -39.73 -13.58 -3.92
N1 GDP P . -40.37 -11.59 -3.10
C2 GDP P . -41.18 -10.51 -3.14
N2 GDP P . -41.01 -9.53 -2.22
N3 GDP P . -42.17 -10.35 -4.06
C4 GDP P . -42.39 -11.30 -5.01
S SO4 Q . -19.48 -8.98 4.31
O1 SO4 Q . -18.36 -8.50 3.51
O2 SO4 Q . -19.55 -10.43 4.23
O3 SO4 Q . -20.72 -8.39 3.83
O4 SO4 Q . -19.27 -8.60 5.71
N ASN R . 24.49 -57.15 -15.24
CA ASN R . 23.32 -57.77 -15.84
C ASN R . 23.62 -59.18 -16.32
O ASN R . 24.31 -59.38 -17.32
CB ASN R . 22.80 -56.92 -17.00
CG ASN R . 21.85 -55.84 -16.54
OD1 ASN R . 20.66 -56.11 -16.30
ND2 ASN R . 22.34 -54.61 -16.44
OXT ASN R . 23.18 -60.16 -15.72
S SO4 S . 26.80 -50.05 -37.15
O1 SO4 S . 26.63 -50.65 -38.46
O2 SO4 S . 26.85 -51.10 -36.14
O3 SO4 S . 28.05 -49.29 -37.12
O4 SO4 S . 25.68 -49.16 -36.86
S SO4 T . 1.60 -52.86 -8.86
O1 SO4 T . 1.40 -54.24 -9.31
O2 SO4 T . 2.64 -52.24 -9.67
O3 SO4 T . 2.00 -52.84 -7.46
O4 SO4 T . 0.35 -52.12 -9.01
N ASN U . 28.80 12.94 60.18
CA ASN U . 28.75 14.40 60.31
C ASN U . 29.00 14.83 61.76
O ASN U . 28.64 14.13 62.70
CB ASN U . 27.40 14.93 59.83
CG ASN U . 27.31 14.97 58.31
OD1 ASN U . 28.15 15.58 57.65
ND2 ASN U . 26.29 14.32 57.76
OXT ASN U . 29.56 15.90 62.00
S SO4 V . 18.48 6.21 68.15
O1 SO4 V . 18.25 6.25 66.71
O2 SO4 V . 19.53 5.25 68.44
O3 SO4 V . 18.88 7.54 68.61
O4 SO4 V . 17.24 5.82 68.83
S SO4 W . 21.66 20.52 54.20
O1 SO4 W . 22.88 19.98 53.63
O2 SO4 W . 20.96 19.49 54.97
O3 SO4 W . 22.00 21.64 55.08
O4 SO4 W . 20.78 21.00 53.14
S SO4 X . 27.81 -2.98 46.18
O1 SO4 X . 29.09 -2.63 45.58
O2 SO4 X . 27.70 -4.42 46.30
O3 SO4 X . 26.73 -2.45 45.35
O4 SO4 X . 27.72 -2.38 47.52
S SO4 Y . -4.42 31.63 45.23
O1 SO4 Y . -4.87 30.32 44.75
O2 SO4 Y . -3.77 32.34 44.13
O3 SO4 Y . -3.46 31.45 46.32
O4 SO4 Y . -5.56 32.39 45.71
S SO4 Z . 34.35 22.66 38.59
O1 SO4 Z . 34.47 22.48 37.15
O2 SO4 Z . 33.61 21.52 39.15
O3 SO4 Z . 33.64 23.89 38.90
O4 SO4 Z . 35.69 22.73 39.18
#